data_2KZ0
#
_entry.id   2KZ0
#
_entity_poly.entity_id   1
_entity_poly.type   'polypeptide(L)'
_entity_poly.pdbx_seq_one_letter_code
;PGSMTVTQSQLELLIRNAFPEAEITVTSLVGDNNHYSIKVISSQFQGKSKLEQHRMIYKVLDGLNIHAIQIQTGCK
;
_entity_poly.pdbx_strand_id   A
#
# COMPACT_ATOMS: atom_id res chain seq x y z
N PRO A 1 -2.78 5.72 21.46
CA PRO A 1 -4.10 5.86 22.10
C PRO A 1 -5.20 5.99 21.05
N GLY A 2 -6.45 5.88 21.49
CA GLY A 2 -7.57 6.04 20.58
C GLY A 2 -8.09 4.71 20.08
N SER A 3 -7.88 4.46 18.79
CA SER A 3 -8.32 3.21 18.19
C SER A 3 -7.38 2.07 18.56
N MET A 4 -7.74 1.33 19.60
CA MET A 4 -6.98 0.14 19.96
C MET A 4 -7.27 -0.97 18.97
N THR A 5 -8.50 -0.98 18.45
CA THR A 5 -8.85 -1.84 17.35
C THR A 5 -8.68 -1.06 16.05
N VAL A 6 -7.68 -1.43 15.27
CA VAL A 6 -7.33 -0.65 14.10
C VAL A 6 -8.13 -1.09 12.88
N THR A 7 -8.51 -0.12 12.07
CA THR A 7 -9.18 -0.40 10.80
C THR A 7 -8.12 -0.71 9.75
N GLN A 8 -8.51 -1.40 8.67
CA GLN A 8 -7.57 -1.84 7.65
C GLN A 8 -6.50 -2.74 8.27
N SER A 9 -6.89 -3.40 9.35
CA SER A 9 -5.99 -4.24 10.13
C SER A 9 -5.40 -5.36 9.28
N GLN A 10 -6.21 -5.93 8.40
CA GLN A 10 -5.74 -7.00 7.52
C GLN A 10 -4.69 -6.47 6.55
N LEU A 11 -4.85 -5.23 6.12
CA LEU A 11 -3.90 -4.60 5.21
C LEU A 11 -2.57 -4.39 5.91
N GLU A 12 -2.64 -3.81 7.11
CA GLU A 12 -1.46 -3.55 7.93
C GLU A 12 -0.75 -4.88 8.22
N LEU A 13 -1.52 -5.83 8.77
CA LEU A 13 -0.99 -7.11 9.18
C LEU A 13 -0.41 -7.90 8.00
N LEU A 14 -1.11 -7.89 6.87
CA LEU A 14 -0.69 -8.67 5.71
C LEU A 14 0.68 -8.24 5.22
N ILE A 15 0.86 -6.95 5.02
CA ILE A 15 2.11 -6.43 4.49
C ILE A 15 3.21 -6.50 5.56
N ARG A 16 2.84 -6.29 6.81
CA ARG A 16 3.79 -6.34 7.92
C ARG A 16 4.36 -7.75 8.06
N ASN A 17 3.53 -8.75 7.86
CA ASN A 17 3.96 -10.14 7.98
C ASN A 17 4.61 -10.63 6.70
N ALA A 18 4.15 -10.13 5.57
CA ALA A 18 4.73 -10.48 4.27
C ALA A 18 6.14 -9.89 4.16
N PHE A 19 6.27 -8.61 4.50
CA PHE A 19 7.55 -7.94 4.50
C PHE A 19 7.81 -7.33 5.86
N PRO A 20 8.65 -7.98 6.67
CA PRO A 20 8.94 -7.52 8.04
C PRO A 20 9.61 -6.15 8.06
N GLU A 21 10.29 -5.82 6.97
CA GLU A 21 11.01 -4.56 6.87
C GLU A 21 10.17 -3.52 6.13
N ALA A 22 8.87 -3.78 6.01
CA ALA A 22 7.97 -2.85 5.35
C ALA A 22 7.18 -2.03 6.38
N GLU A 23 7.16 -0.73 6.18
CA GLU A 23 6.37 0.16 7.02
C GLU A 23 5.05 0.47 6.33
N ILE A 24 3.96 0.03 6.94
CA ILE A 24 2.64 0.25 6.38
C ILE A 24 2.09 1.59 6.87
N THR A 25 1.97 2.54 5.96
CA THR A 25 1.38 3.82 6.29
C THR A 25 0.04 3.96 5.60
N VAL A 26 -1.01 4.23 6.37
CA VAL A 26 -2.32 4.42 5.79
C VAL A 26 -2.47 5.86 5.30
N THR A 27 -2.73 6.02 4.03
CA THR A 27 -2.86 7.34 3.43
C THR A 27 -4.32 7.77 3.43
N SER A 28 -4.64 8.68 4.34
CA SER A 28 -6.00 9.11 4.51
C SER A 28 -6.19 10.54 4.00
N LEU A 29 -7.04 10.69 2.99
CA LEU A 29 -7.40 12.00 2.51
C LEU A 29 -8.33 12.64 3.53
N VAL A 30 -8.09 13.90 3.82
CA VAL A 30 -8.85 14.58 4.87
C VAL A 30 -10.25 14.92 4.40
N GLY A 31 -11.16 13.97 4.59
CA GLY A 31 -12.53 14.14 4.18
C GLY A 31 -13.16 12.82 3.79
N ASP A 32 -14.20 12.42 4.52
CA ASP A 32 -14.85 11.13 4.29
C ASP A 32 -15.69 11.15 3.01
N ASN A 33 -15.02 11.08 1.88
CA ASN A 33 -15.66 11.01 0.58
C ASN A 33 -14.82 10.14 -0.35
N ASN A 34 -13.52 10.35 -0.31
CA ASN A 34 -12.59 9.62 -1.14
C ASN A 34 -12.11 8.35 -0.45
N HIS A 35 -11.65 7.40 -1.23
CA HIS A 35 -11.09 6.17 -0.70
C HIS A 35 -9.69 6.44 -0.15
N TYR A 36 -9.26 5.63 0.80
CA TYR A 36 -8.00 5.86 1.46
C TYR A 36 -6.94 4.88 0.94
N SER A 37 -5.77 5.41 0.66
CA SER A 37 -4.72 4.64 0.01
C SER A 37 -3.82 3.97 1.05
N ILE A 38 -3.03 3.01 0.60
CA ILE A 38 -2.06 2.37 1.47
C ILE A 38 -0.66 2.63 0.94
N LYS A 39 0.20 3.13 1.80
CA LYS A 39 1.55 3.52 1.42
C LYS A 39 2.57 2.55 2.00
N VAL A 40 3.27 1.86 1.12
CA VAL A 40 4.23 0.84 1.53
C VAL A 40 5.65 1.39 1.50
N ILE A 41 6.18 1.67 2.68
CA ILE A 41 7.55 2.15 2.79
C ILE A 41 8.48 1.00 3.13
N SER A 42 9.10 0.42 2.13
CA SER A 42 9.96 -0.73 2.33
C SER A 42 11.20 -0.65 1.46
N SER A 43 12.35 -0.94 2.08
CA SER A 43 13.62 -0.95 1.39
C SER A 43 13.65 -2.01 0.29
N GLN A 44 12.74 -2.98 0.36
CA GLN A 44 12.62 -4.01 -0.66
C GLN A 44 12.19 -3.39 -1.99
N PHE A 45 11.56 -2.23 -1.93
CA PHE A 45 11.12 -1.54 -3.13
C PHE A 45 12.07 -0.41 -3.50
N GLN A 46 13.07 -0.18 -2.66
CA GLN A 46 13.96 0.95 -2.85
C GLN A 46 15.08 0.58 -3.81
N GLY A 47 15.39 1.49 -4.72
CA GLY A 47 16.35 1.21 -5.76
C GLY A 47 15.67 0.81 -7.04
N LYS A 48 14.48 0.22 -6.89
CA LYS A 48 13.65 -0.13 -8.03
C LYS A 48 13.04 1.11 -8.65
N SER A 49 13.00 1.14 -9.97
CA SER A 49 12.36 2.23 -10.69
C SER A 49 10.86 2.09 -10.59
N LYS A 50 10.11 3.13 -10.96
CA LYS A 50 8.66 3.10 -10.86
C LYS A 50 8.07 1.94 -11.63
N LEU A 51 8.69 1.61 -12.75
CA LEU A 51 8.19 0.53 -13.59
C LEU A 51 8.28 -0.79 -12.85
N GLU A 52 9.43 -1.01 -12.21
CA GLU A 52 9.64 -2.21 -11.41
C GLU A 52 8.65 -2.27 -10.26
N GLN A 53 8.48 -1.14 -9.59
CA GLN A 53 7.54 -1.05 -8.47
C GLN A 53 6.12 -1.33 -8.93
N HIS A 54 5.73 -0.75 -10.07
CA HIS A 54 4.40 -0.98 -10.64
C HIS A 54 4.18 -2.46 -10.89
N ARG A 55 5.17 -3.12 -11.51
CA ARG A 55 5.10 -4.54 -11.75
C ARG A 55 4.98 -5.32 -10.46
N MET A 56 5.73 -4.91 -9.46
CA MET A 56 5.72 -5.59 -8.19
C MET A 56 4.35 -5.43 -7.51
N ILE A 57 3.73 -4.28 -7.71
CA ILE A 57 2.37 -4.06 -7.25
C ILE A 57 1.43 -5.02 -7.96
N TYR A 58 1.63 -5.20 -9.27
CA TYR A 58 0.87 -6.17 -10.04
C TYR A 58 1.11 -7.58 -9.53
N LYS A 59 2.30 -7.84 -9.01
CA LYS A 59 2.62 -9.13 -8.43
C LYS A 59 1.79 -9.38 -7.17
N VAL A 60 1.89 -8.47 -6.21
CA VAL A 60 1.21 -8.65 -4.93
C VAL A 60 -0.31 -8.51 -5.07
N LEU A 61 -0.76 -7.59 -5.90
CA LEU A 61 -2.19 -7.37 -6.13
C LEU A 61 -2.63 -8.00 -7.45
N ASP A 62 -2.06 -9.16 -7.77
CA ASP A 62 -2.32 -9.84 -9.06
C ASP A 62 -3.78 -10.25 -9.21
N GLY A 63 -4.52 -10.20 -8.11
CA GLY A 63 -5.93 -10.57 -8.14
C GLY A 63 -6.79 -9.53 -8.84
N LEU A 64 -6.25 -8.33 -9.02
CA LEU A 64 -6.98 -7.25 -9.67
C LEU A 64 -6.07 -6.51 -10.65
N ASN A 65 -6.64 -6.01 -11.73
CA ASN A 65 -5.87 -5.20 -12.67
C ASN A 65 -5.74 -3.77 -12.14
N ILE A 66 -4.62 -3.52 -11.47
CA ILE A 66 -4.40 -2.25 -10.82
C ILE A 66 -4.12 -1.14 -11.83
N HIS A 67 -5.15 -0.37 -12.15
CA HIS A 67 -5.00 0.80 -13.00
C HIS A 67 -5.54 2.03 -12.27
N ALA A 68 -5.63 1.91 -10.95
CA ALA A 68 -6.14 2.98 -10.10
C ALA A 68 -5.23 3.16 -8.89
N ILE A 69 -5.16 4.39 -8.40
CA ILE A 69 -4.30 4.70 -7.27
C ILE A 69 -4.92 4.20 -5.97
N GLN A 70 -4.43 3.06 -5.49
CA GLN A 70 -4.88 2.48 -4.24
C GLN A 70 -3.68 2.14 -3.36
N ILE A 71 -2.65 1.61 -3.98
CA ILE A 71 -1.42 1.29 -3.30
C ILE A 71 -0.29 2.18 -3.80
N GLN A 72 0.31 2.93 -2.89
CA GLN A 72 1.44 3.78 -3.23
C GLN A 72 2.72 3.26 -2.59
N THR A 73 3.72 3.04 -3.41
CA THR A 73 4.98 2.50 -2.94
C THR A 73 5.99 3.64 -2.76
N GLY A 74 7.06 3.37 -2.01
CA GLY A 74 8.11 4.35 -1.82
C GLY A 74 8.91 4.59 -3.09
N CYS A 75 8.41 5.50 -3.93
CA CYS A 75 9.08 5.84 -5.17
C CYS A 75 10.20 6.84 -4.88
N LYS A 76 11.43 6.44 -5.19
CA LYS A 76 12.59 7.27 -4.92
C LYS A 76 13.15 7.85 -6.22
N PRO A 1 -7.55 -12.17 20.38
CA PRO A 1 -8.55 -11.33 21.07
C PRO A 1 -8.60 -9.94 20.43
N GLY A 2 -9.63 -9.18 20.76
CA GLY A 2 -9.76 -7.84 20.21
C GLY A 2 -10.78 -7.01 20.94
N SER A 3 -10.29 -6.09 21.77
CA SER A 3 -11.16 -5.18 22.49
C SER A 3 -11.57 -4.03 21.57
N MET A 4 -10.67 -3.68 20.67
CA MET A 4 -10.91 -2.59 19.72
C MET A 4 -11.18 -3.16 18.34
N THR A 5 -12.42 -3.06 17.91
CA THR A 5 -12.79 -3.56 16.59
C THR A 5 -12.54 -2.51 15.51
N VAL A 6 -11.54 -2.76 14.68
CA VAL A 6 -11.24 -1.90 13.56
C VAL A 6 -11.25 -2.71 12.28
N THR A 7 -11.50 -2.06 11.15
CA THR A 7 -11.59 -2.76 9.88
C THR A 7 -10.26 -2.77 9.15
N GLN A 8 -10.12 -3.70 8.22
CA GLN A 8 -8.95 -3.78 7.33
C GLN A 8 -7.68 -4.14 8.10
N SER A 9 -7.84 -4.76 9.26
CA SER A 9 -6.69 -5.19 10.04
C SER A 9 -5.92 -6.28 9.31
N GLN A 10 -6.63 -7.09 8.53
CA GLN A 10 -6.02 -8.14 7.74
C GLN A 10 -5.27 -7.52 6.56
N LEU A 11 -5.74 -6.35 6.12
CA LEU A 11 -5.10 -5.62 5.03
C LEU A 11 -3.77 -5.05 5.51
N GLU A 12 -3.82 -4.44 6.70
CA GLU A 12 -2.62 -3.92 7.34
C GLU A 12 -1.61 -5.05 7.54
N LEU A 13 -2.07 -6.12 8.17
CA LEU A 13 -1.23 -7.29 8.44
C LEU A 13 -0.67 -7.87 7.14
N LEU A 14 -1.48 -7.91 6.09
CA LEU A 14 -1.07 -8.46 4.81
C LEU A 14 0.17 -7.74 4.29
N ILE A 15 0.13 -6.42 4.26
CA ILE A 15 1.24 -5.63 3.78
C ILE A 15 2.40 -5.69 4.76
N ARG A 16 2.08 -5.68 6.05
CA ARG A 16 3.07 -5.70 7.12
C ARG A 16 3.86 -7.02 7.10
N ASN A 17 3.17 -8.11 6.76
CA ASN A 17 3.80 -9.42 6.71
C ASN A 17 4.51 -9.64 5.37
N ALA A 18 3.95 -9.07 4.31
CA ALA A 18 4.54 -9.17 2.98
C ALA A 18 5.83 -8.33 2.91
N PHE A 19 5.79 -7.13 3.46
CA PHE A 19 6.95 -6.27 3.50
C PHE A 19 7.21 -5.79 4.93
N PRO A 20 7.85 -6.64 5.75
CA PRO A 20 8.14 -6.29 7.14
C PRO A 20 9.32 -5.33 7.25
N GLU A 21 10.01 -5.14 6.14
CA GLU A 21 11.15 -4.24 6.08
C GLU A 21 10.72 -2.91 5.47
N ALA A 22 9.46 -2.56 5.69
CA ALA A 22 8.90 -1.34 5.13
C ALA A 22 8.05 -0.61 6.16
N GLU A 23 7.90 0.69 5.96
CA GLU A 23 6.99 1.48 6.77
C GLU A 23 5.64 1.60 6.08
N ILE A 24 4.71 0.77 6.51
CA ILE A 24 3.37 0.77 5.95
C ILE A 24 2.49 1.77 6.68
N THR A 25 2.01 2.77 5.95
CA THR A 25 1.11 3.76 6.51
C THR A 25 -0.23 3.71 5.78
N VAL A 26 -1.31 3.47 6.52
CA VAL A 26 -2.64 3.39 5.93
C VAL A 26 -3.39 4.69 6.16
N THR A 27 -3.57 5.47 5.10
CA THR A 27 -4.23 6.76 5.18
C THR A 27 -5.67 6.66 4.67
N SER A 28 -6.60 7.29 5.36
CA SER A 28 -8.00 7.28 4.97
C SER A 28 -8.32 8.50 4.10
N LEU A 29 -8.83 8.24 2.90
CA LEU A 29 -9.14 9.32 1.96
C LEU A 29 -10.65 9.42 1.73
N VAL A 30 -11.22 10.55 2.13
CA VAL A 30 -12.63 10.81 1.90
C VAL A 30 -12.80 11.75 0.69
N GLY A 31 -13.08 11.16 -0.45
CA GLY A 31 -13.21 11.94 -1.67
C GLY A 31 -14.32 11.42 -2.56
N ASP A 32 -14.16 11.56 -3.86
CA ASP A 32 -15.14 11.06 -4.82
C ASP A 32 -15.37 9.56 -4.63
N ASN A 33 -14.29 8.80 -4.61
CA ASN A 33 -14.37 7.39 -4.29
C ASN A 33 -13.57 7.12 -3.03
N ASN A 34 -14.17 6.43 -2.09
CA ASN A 34 -13.53 6.21 -0.80
C ASN A 34 -12.57 5.04 -0.86
N HIS A 35 -11.29 5.36 -1.03
CA HIS A 35 -10.24 4.37 -1.01
C HIS A 35 -9.17 4.80 -0.03
N TYR A 36 -8.43 3.83 0.48
CA TYR A 36 -7.39 4.11 1.47
C TYR A 36 -6.03 4.05 0.81
N SER A 37 -5.15 4.95 1.19
CA SER A 37 -3.83 5.02 0.59
C SER A 37 -2.88 4.13 1.36
N ILE A 38 -2.25 3.20 0.65
CA ILE A 38 -1.26 2.32 1.24
C ILE A 38 0.14 2.84 0.94
N LYS A 39 0.72 3.52 1.90
CA LYS A 39 2.03 4.10 1.73
C LYS A 39 3.09 3.16 2.29
N VAL A 40 3.89 2.61 1.40
CA VAL A 40 4.91 1.64 1.78
C VAL A 40 6.30 2.21 1.55
N ILE A 41 6.96 2.61 2.62
CA ILE A 41 8.29 3.19 2.52
C ILE A 41 9.34 2.12 2.77
N SER A 42 10.09 1.79 1.72
CA SER A 42 11.15 0.81 1.84
C SER A 42 12.17 0.97 0.72
N SER A 43 13.45 0.77 1.04
CA SER A 43 14.52 0.87 0.07
C SER A 43 14.46 -0.26 -0.95
N GLN A 44 13.55 -1.20 -0.73
CA GLN A 44 13.32 -2.28 -1.70
C GLN A 44 12.52 -1.75 -2.89
N PHE A 45 11.87 -0.60 -2.71
CA PHE A 45 11.19 0.06 -3.81
C PHE A 45 12.00 1.27 -4.27
N GLN A 46 13.00 1.60 -3.47
CA GLN A 46 13.84 2.76 -3.73
C GLN A 46 14.94 2.38 -4.71
N GLY A 47 15.01 3.12 -5.80
CA GLY A 47 15.96 2.81 -6.85
C GLY A 47 15.31 2.03 -7.97
N LYS A 48 14.22 1.35 -7.65
CA LYS A 48 13.44 0.63 -8.64
C LYS A 48 12.61 1.61 -9.45
N SER A 49 12.43 1.31 -10.73
CA SER A 49 11.60 2.13 -11.59
C SER A 49 10.13 1.96 -11.22
N LYS A 50 9.31 2.95 -11.54
CA LYS A 50 7.89 2.91 -11.23
C LYS A 50 7.25 1.63 -11.73
N LEU A 51 7.54 1.28 -12.97
CA LEU A 51 6.96 0.09 -13.58
C LEU A 51 7.34 -1.16 -12.78
N GLU A 52 8.61 -1.24 -12.38
CA GLU A 52 9.09 -2.34 -11.56
C GLU A 52 8.27 -2.46 -10.28
N GLN A 53 8.14 -1.33 -9.59
CA GLN A 53 7.40 -1.28 -8.34
C GLN A 53 5.97 -1.76 -8.54
N HIS A 54 5.32 -1.25 -9.58
CA HIS A 54 3.92 -1.56 -9.85
C HIS A 54 3.76 -3.03 -10.20
N ARG A 55 4.72 -3.56 -10.95
CA ARG A 55 4.74 -4.98 -11.26
C ARG A 55 4.77 -5.81 -9.99
N MET A 56 5.69 -5.46 -9.10
CA MET A 56 5.87 -6.20 -7.87
C MET A 56 4.59 -6.17 -7.03
N ILE A 57 3.97 -5.00 -6.94
CA ILE A 57 2.71 -4.84 -6.20
C ILE A 57 1.62 -5.71 -6.83
N TYR A 58 1.52 -5.64 -8.15
CA TYR A 58 0.51 -6.40 -8.88
C TYR A 58 0.73 -7.90 -8.73
N LYS A 59 1.98 -8.31 -8.58
CA LYS A 59 2.31 -9.72 -8.40
C LYS A 59 2.11 -10.18 -6.96
N VAL A 60 2.53 -9.36 -6.00
CA VAL A 60 2.41 -9.74 -4.59
C VAL A 60 0.95 -9.71 -4.14
N LEU A 61 0.17 -8.79 -4.71
CA LEU A 61 -1.24 -8.71 -4.40
C LEU A 61 -2.05 -9.64 -5.30
N ASP A 62 -1.42 -10.08 -6.39
CA ASP A 62 -2.04 -10.98 -7.36
C ASP A 62 -3.27 -10.35 -8.01
N GLY A 63 -3.32 -9.03 -7.99
CA GLY A 63 -4.44 -8.33 -8.56
C GLY A 63 -4.81 -7.11 -7.76
N LEU A 64 -6.09 -7.00 -7.40
CA LEU A 64 -6.62 -5.89 -6.60
C LEU A 64 -6.55 -4.58 -7.37
N ASN A 65 -6.27 -4.67 -8.66
CA ASN A 65 -6.19 -3.48 -9.49
C ASN A 65 -7.45 -3.36 -10.35
N ILE A 66 -8.34 -2.49 -9.93
CA ILE A 66 -9.52 -2.15 -10.72
C ILE A 66 -9.12 -1.13 -11.78
N HIS A 67 -8.25 -0.23 -11.36
CA HIS A 67 -7.69 0.79 -12.23
C HIS A 67 -6.50 1.42 -11.53
N ALA A 68 -6.75 1.90 -10.32
CA ALA A 68 -5.71 2.44 -9.47
C ALA A 68 -5.61 1.62 -8.20
N ILE A 69 -4.41 1.52 -7.65
CA ILE A 69 -4.20 0.72 -6.45
C ILE A 69 -4.18 1.61 -5.22
N GLN A 70 -3.72 2.85 -5.42
CA GLN A 70 -3.59 3.84 -4.35
C GLN A 70 -2.45 3.45 -3.40
N ILE A 71 -1.49 2.71 -3.95
CA ILE A 71 -0.30 2.32 -3.22
C ILE A 71 0.86 3.27 -3.54
N GLN A 72 1.53 3.74 -2.49
CA GLN A 72 2.69 4.60 -2.66
C GLN A 72 3.93 3.84 -2.24
N THR A 73 4.75 3.47 -3.20
CA THR A 73 5.93 2.67 -2.92
C THR A 73 7.21 3.49 -3.03
N GLY A 74 7.94 3.57 -1.92
CA GLY A 74 9.22 4.25 -1.92
C GLY A 74 9.11 5.71 -1.56
N CYS A 75 10.17 6.24 -0.97
CA CYS A 75 10.23 7.65 -0.62
C CYS A 75 11.56 8.24 -1.05
N LYS A 76 11.52 9.39 -1.69
CA LYS A 76 12.74 10.07 -2.11
C LYS A 76 12.99 11.26 -1.20
N PRO A 1 -6.88 13.34 9.00
CA PRO A 1 -8.12 12.54 9.11
C PRO A 1 -9.10 13.20 10.08
N GLY A 2 -10.33 13.41 9.62
CA GLY A 2 -11.36 13.99 10.46
C GLY A 2 -11.85 12.99 11.50
N SER A 3 -12.27 11.83 11.02
CA SER A 3 -12.67 10.75 11.91
C SER A 3 -11.56 9.70 11.97
N MET A 4 -11.82 8.58 12.63
CA MET A 4 -10.84 7.51 12.71
C MET A 4 -10.83 6.68 11.43
N THR A 5 -10.22 7.24 10.39
CA THR A 5 -10.10 6.53 9.12
C THR A 5 -9.01 5.48 9.22
N VAL A 6 -9.43 4.22 9.21
CA VAL A 6 -8.49 3.12 9.30
C VAL A 6 -8.24 2.52 7.93
N THR A 7 -7.37 1.52 7.87
CA THR A 7 -7.10 0.83 6.63
C THR A 7 -7.59 -0.61 6.74
N GLN A 8 -7.65 -1.31 5.62
CA GLN A 8 -8.13 -2.69 5.61
C GLN A 8 -7.23 -3.56 6.48
N SER A 9 -7.86 -4.24 7.43
CA SER A 9 -7.16 -5.06 8.40
C SER A 9 -6.22 -6.06 7.74
N GLN A 10 -6.69 -6.69 6.67
CA GLN A 10 -5.90 -7.67 5.95
C GLN A 10 -4.67 -7.05 5.31
N LEU A 11 -4.84 -5.92 4.65
CA LEU A 11 -3.74 -5.25 3.96
C LEU A 11 -2.66 -4.83 4.95
N GLU A 12 -3.09 -4.21 6.05
CA GLU A 12 -2.18 -3.75 7.09
C GLU A 12 -1.40 -4.91 7.69
N LEU A 13 -2.15 -5.91 8.15
CA LEU A 13 -1.57 -7.11 8.74
C LEU A 13 -0.60 -7.79 7.77
N LEU A 14 -1.01 -7.89 6.52
CA LEU A 14 -0.24 -8.61 5.52
C LEU A 14 1.12 -7.95 5.31
N ILE A 15 1.10 -6.65 5.09
CA ILE A 15 2.34 -5.91 4.83
C ILE A 15 3.22 -5.88 6.07
N ARG A 16 2.62 -5.74 7.24
CA ARG A 16 3.37 -5.64 8.48
C ARG A 16 4.08 -6.97 8.81
N ASN A 17 3.40 -8.08 8.56
CA ASN A 17 3.97 -9.39 8.86
C ASN A 17 4.96 -9.82 7.78
N ALA A 18 4.65 -9.54 6.52
CA ALA A 18 5.54 -9.88 5.42
C ALA A 18 6.78 -9.01 5.42
N PHE A 19 6.60 -7.74 5.76
CA PHE A 19 7.70 -6.79 5.80
C PHE A 19 7.72 -6.05 7.13
N PRO A 20 8.33 -6.64 8.17
CA PRO A 20 8.49 -5.98 9.47
C PRO A 20 9.45 -4.80 9.38
N GLU A 21 10.27 -4.82 8.34
CA GLU A 21 11.27 -3.80 8.10
C GLU A 21 10.73 -2.69 7.20
N ALA A 22 9.42 -2.71 6.98
CA ALA A 22 8.78 -1.71 6.14
C ALA A 22 7.91 -0.77 6.96
N GLU A 23 7.82 0.47 6.50
CA GLU A 23 7.01 1.49 7.15
C GLU A 23 5.65 1.58 6.46
N ILE A 24 4.61 1.23 7.19
CA ILE A 24 3.26 1.31 6.65
C ILE A 24 2.63 2.65 7.00
N THR A 25 2.44 3.48 6.00
CA THR A 25 1.76 4.75 6.20
C THR A 25 0.33 4.68 5.67
N VAL A 26 -0.63 4.91 6.55
CA VAL A 26 -2.03 4.81 6.18
C VAL A 26 -2.49 6.10 5.52
N THR A 27 -2.86 6.00 4.25
CA THR A 27 -3.34 7.14 3.50
C THR A 27 -4.84 7.01 3.26
N SER A 28 -5.57 8.00 3.77
CA SER A 28 -7.01 8.01 3.65
C SER A 28 -7.41 8.46 2.26
N LEU A 29 -7.81 7.50 1.45
CA LEU A 29 -8.17 7.76 0.06
C LEU A 29 -9.42 8.62 -0.01
N VAL A 30 -9.24 9.86 -0.46
CA VAL A 30 -10.34 10.80 -0.57
C VAL A 30 -11.38 10.30 -1.56
N GLY A 31 -12.63 10.28 -1.12
CA GLY A 31 -13.70 9.73 -1.92
C GLY A 31 -14.60 8.86 -1.08
N ASP A 32 -14.14 8.55 0.13
CA ASP A 32 -14.90 7.78 1.11
C ASP A 32 -15.20 6.38 0.59
N ASN A 33 -14.30 5.45 0.86
CA ASN A 33 -14.43 4.08 0.40
C ASN A 33 -13.57 3.18 1.26
N ASN A 34 -13.96 1.92 1.43
CA ASN A 34 -13.20 0.95 2.22
C ASN A 34 -11.83 0.68 1.58
N HIS A 35 -11.70 1.06 0.31
CA HIS A 35 -10.43 0.95 -0.38
C HIS A 35 -9.59 2.18 -0.10
N TYR A 36 -8.60 2.04 0.79
CA TYR A 36 -7.71 3.15 1.12
C TYR A 36 -6.32 2.89 0.56
N SER A 37 -5.44 3.88 0.70
CA SER A 37 -4.10 3.77 0.15
C SER A 37 -3.08 3.47 1.24
N ILE A 38 -2.39 2.36 1.11
CA ILE A 38 -1.30 2.05 2.02
C ILE A 38 0.04 2.36 1.36
N LYS A 39 0.77 3.30 1.95
CA LYS A 39 2.09 3.62 1.45
C LYS A 39 3.12 2.74 2.13
N VAL A 40 3.66 1.82 1.35
CA VAL A 40 4.65 0.87 1.85
C VAL A 40 6.05 1.37 1.57
N ILE A 41 6.70 1.87 2.59
CA ILE A 41 8.05 2.38 2.46
C ILE A 41 9.05 1.37 3.00
N SER A 42 10.12 1.18 2.26
CA SER A 42 11.12 0.20 2.62
C SER A 42 12.42 0.48 1.88
N SER A 43 13.54 0.17 2.52
CA SER A 43 14.85 0.33 1.92
C SER A 43 15.01 -0.57 0.69
N GLN A 44 14.16 -1.58 0.59
CA GLN A 44 14.19 -2.49 -0.55
C GLN A 44 13.66 -1.80 -1.81
N PHE A 45 12.97 -0.67 -1.62
CA PHE A 45 12.46 0.11 -2.75
C PHE A 45 13.41 1.25 -3.09
N GLN A 46 14.57 1.25 -2.44
CA GLN A 46 15.58 2.26 -2.69
C GLN A 46 16.45 1.87 -3.87
N GLY A 47 16.66 2.80 -4.80
CA GLY A 47 17.48 2.53 -5.95
C GLY A 47 16.74 1.77 -7.04
N LYS A 48 15.49 1.41 -6.76
CA LYS A 48 14.67 0.68 -7.71
C LYS A 48 13.88 1.64 -8.60
N SER A 49 13.56 1.19 -9.79
CA SER A 49 12.78 1.98 -10.73
C SER A 49 11.29 1.83 -10.43
N LYS A 50 10.55 2.92 -10.62
CA LYS A 50 9.11 2.94 -10.34
C LYS A 50 8.36 1.88 -11.13
N LEU A 51 8.83 1.62 -12.35
CA LEU A 51 8.20 0.65 -13.24
C LEU A 51 8.09 -0.71 -12.55
N GLU A 52 9.23 -1.20 -12.07
CA GLU A 52 9.30 -2.49 -11.40
C GLU A 52 8.35 -2.55 -10.21
N GLN A 53 8.32 -1.48 -9.43
CA GLN A 53 7.48 -1.41 -8.24
C GLN A 53 6.01 -1.54 -8.61
N HIS A 54 5.58 -0.78 -9.62
CA HIS A 54 4.18 -0.83 -10.07
C HIS A 54 3.86 -2.21 -10.62
N ARG A 55 4.81 -2.78 -11.35
CA ARG A 55 4.68 -4.13 -11.88
C ARG A 55 4.43 -5.13 -10.76
N MET A 56 5.25 -5.04 -9.73
CA MET A 56 5.12 -5.93 -8.60
C MET A 56 3.76 -5.74 -7.92
N ILE A 57 3.31 -4.49 -7.85
CA ILE A 57 2.00 -4.18 -7.31
C ILE A 57 0.89 -4.89 -8.10
N TYR A 58 0.91 -4.72 -9.43
CA TYR A 58 -0.08 -5.37 -10.29
C TYR A 58 -0.03 -6.89 -10.13
N LYS A 59 1.17 -7.41 -9.98
CA LYS A 59 1.39 -8.84 -9.84
C LYS A 59 0.76 -9.38 -8.56
N VAL A 60 1.02 -8.72 -7.44
CA VAL A 60 0.58 -9.21 -6.13
C VAL A 60 -0.88 -8.83 -5.85
N LEU A 61 -1.24 -7.59 -6.17
CA LEU A 61 -2.57 -7.08 -5.85
C LEU A 61 -3.61 -7.56 -6.88
N ASP A 62 -3.15 -7.90 -8.08
CA ASP A 62 -4.00 -8.43 -9.16
C ASP A 62 -4.85 -7.34 -9.80
N GLY A 63 -5.48 -6.55 -8.96
CA GLY A 63 -6.33 -5.48 -9.44
C GLY A 63 -5.55 -4.35 -10.09
N LEU A 64 -5.45 -4.40 -11.41
CA LEU A 64 -4.76 -3.38 -12.17
C LEU A 64 -5.69 -2.21 -12.50
N ASN A 65 -6.84 -2.19 -11.84
CA ASN A 65 -7.79 -1.11 -12.00
C ASN A 65 -7.30 0.12 -11.24
N ILE A 66 -6.69 1.04 -11.97
CA ILE A 66 -5.99 2.18 -11.37
C ILE A 66 -6.93 3.31 -10.98
N HIS A 67 -8.21 3.01 -10.84
CA HIS A 67 -9.17 3.99 -10.37
C HIS A 67 -8.89 4.32 -8.90
N ALA A 68 -8.53 3.30 -8.15
CA ALA A 68 -8.23 3.45 -6.74
C ALA A 68 -6.90 2.81 -6.39
N ILE A 69 -5.92 3.64 -6.07
CA ILE A 69 -4.60 3.15 -5.70
C ILE A 69 -4.63 2.61 -4.28
N GLN A 70 -4.59 1.29 -4.15
CA GLN A 70 -4.65 0.66 -2.85
C GLN A 70 -3.29 0.63 -2.16
N ILE A 71 -2.23 0.57 -2.95
CA ILE A 71 -0.88 0.51 -2.42
C ILE A 71 0.07 1.42 -3.19
N GLN A 72 0.83 2.22 -2.45
CA GLN A 72 1.84 3.07 -3.04
C GLN A 72 3.18 2.81 -2.38
N THR A 73 4.18 2.50 -3.18
CA THR A 73 5.49 2.16 -2.65
C THR A 73 6.36 3.40 -2.47
N GLY A 74 7.03 3.49 -1.32
CA GLY A 74 7.95 4.58 -1.08
C GLY A 74 9.24 4.41 -1.84
N CYS A 75 9.26 4.92 -3.06
CA CYS A 75 10.40 4.75 -3.94
C CYS A 75 11.51 5.75 -3.63
N LYS A 76 12.73 5.26 -3.57
CA LYS A 76 13.90 6.12 -3.43
C LYS A 76 14.75 6.01 -4.68
N PRO A 1 -3.92 8.04 21.71
CA PRO A 1 -4.50 6.79 21.19
C PRO A 1 -4.37 5.67 22.20
N GLY A 2 -5.45 5.40 22.93
CA GLY A 2 -5.43 4.34 23.92
C GLY A 2 -5.66 2.98 23.31
N SER A 3 -6.68 2.87 22.48
CA SER A 3 -7.01 1.63 21.82
C SER A 3 -6.16 1.45 20.56
N MET A 4 -5.35 0.40 20.52
CA MET A 4 -4.51 0.12 19.36
C MET A 4 -5.28 -0.69 18.32
N THR A 5 -6.46 -1.16 18.70
CA THR A 5 -7.30 -1.94 17.82
C THR A 5 -7.97 -1.06 16.77
N VAL A 6 -7.54 -1.22 15.54
CA VAL A 6 -8.08 -0.46 14.42
C VAL A 6 -8.69 -1.41 13.39
N THR A 7 -9.22 -0.86 12.32
CA THR A 7 -9.76 -1.67 11.24
C THR A 7 -8.65 -2.01 10.25
N GLN A 8 -8.87 -3.07 9.47
CA GLN A 8 -7.92 -3.51 8.44
C GLN A 8 -6.58 -3.95 9.05
N SER A 9 -6.62 -4.36 10.32
CA SER A 9 -5.42 -4.83 11.02
C SER A 9 -4.83 -6.05 10.32
N GLN A 10 -5.69 -6.87 9.73
CA GLN A 10 -5.23 -8.03 8.98
C GLN A 10 -4.46 -7.61 7.73
N LEU A 11 -4.85 -6.48 7.17
CA LEU A 11 -4.18 -5.93 6.00
C LEU A 11 -2.82 -5.39 6.41
N GLU A 12 -2.80 -4.67 7.53
CA GLU A 12 -1.55 -4.21 8.14
C GLU A 12 -0.60 -5.39 8.37
N LEU A 13 -1.13 -6.43 9.03
CA LEU A 13 -0.35 -7.62 9.35
C LEU A 13 0.16 -8.31 8.07
N LEU A 14 -0.69 -8.35 7.05
CA LEU A 14 -0.33 -8.97 5.78
C LEU A 14 0.86 -8.26 5.14
N ILE A 15 0.81 -6.94 5.11
CA ILE A 15 1.90 -6.15 4.55
C ILE A 15 3.17 -6.30 5.39
N ARG A 16 2.99 -6.39 6.71
CA ARG A 16 4.13 -6.60 7.62
C ARG A 16 4.75 -7.98 7.42
N ASN A 17 3.94 -8.94 7.02
CA ASN A 17 4.43 -10.29 6.74
C ASN A 17 5.19 -10.31 5.42
N ALA A 18 4.65 -9.62 4.42
CA ALA A 18 5.28 -9.54 3.10
C ALA A 18 6.52 -8.66 3.14
N PHE A 19 6.36 -7.45 3.65
CA PHE A 19 7.46 -6.49 3.74
C PHE A 19 7.69 -6.11 5.20
N PRO A 20 8.57 -6.86 5.89
CA PRO A 20 8.80 -6.68 7.33
C PRO A 20 9.65 -5.46 7.65
N GLU A 21 10.08 -4.74 6.62
CA GLU A 21 10.85 -3.51 6.83
C GLU A 21 10.10 -2.31 6.28
N ALA A 22 8.83 -2.51 5.99
CA ALA A 22 8.02 -1.46 5.39
C ALA A 22 7.20 -0.72 6.44
N GLU A 23 7.23 0.59 6.36
CA GLU A 23 6.37 1.41 7.19
C GLU A 23 5.01 1.55 6.52
N ILE A 24 4.01 0.96 7.13
CA ILE A 24 2.67 0.97 6.56
C ILE A 24 1.88 2.16 7.10
N THR A 25 1.27 2.91 6.20
CA THR A 25 0.36 3.96 6.61
C THR A 25 -0.90 3.91 5.74
N VAL A 26 -1.98 3.43 6.33
CA VAL A 26 -3.26 3.40 5.64
C VAL A 26 -4.02 4.70 5.87
N THR A 27 -4.29 5.40 4.79
CA THR A 27 -4.99 6.67 4.85
C THR A 27 -6.47 6.47 4.60
N SER A 28 -7.25 6.56 5.67
CA SER A 28 -8.69 6.46 5.60
C SER A 28 -9.31 7.79 5.20
N LEU A 29 -9.76 7.90 3.96
CA LEU A 29 -10.40 9.11 3.48
C LEU A 29 -11.75 9.30 4.15
N VAL A 30 -11.83 10.27 5.05
CA VAL A 30 -13.06 10.59 5.75
C VAL A 30 -14.09 11.16 4.78
N GLY A 31 -15.34 10.76 4.95
CA GLY A 31 -16.38 11.19 4.05
C GLY A 31 -16.93 10.04 3.24
N ASP A 32 -16.05 9.39 2.49
CA ASP A 32 -16.43 8.21 1.72
C ASP A 32 -15.25 7.26 1.63
N ASN A 33 -15.43 6.07 2.18
CA ASN A 33 -14.35 5.11 2.32
C ASN A 33 -14.33 4.10 1.16
N ASN A 34 -14.67 4.56 -0.03
CA ASN A 34 -14.62 3.68 -1.20
C ASN A 34 -13.18 3.32 -1.55
N HIS A 35 -12.24 4.08 -1.00
CA HIS A 35 -10.83 3.83 -1.23
C HIS A 35 -10.01 4.26 -0.02
N TYR A 36 -8.97 3.49 0.27
CA TYR A 36 -8.04 3.79 1.34
C TYR A 36 -6.65 3.92 0.74
N SER A 37 -5.97 5.02 1.01
CA SER A 37 -4.65 5.22 0.46
C SER A 37 -3.64 4.38 1.23
N ILE A 38 -2.99 3.46 0.53
CA ILE A 38 -2.04 2.56 1.18
C ILE A 38 -0.63 3.04 0.95
N LYS A 39 -0.07 3.71 1.94
CA LYS A 39 1.26 4.26 1.85
C LYS A 39 2.28 3.27 2.38
N VAL A 40 3.09 2.74 1.49
CA VAL A 40 4.11 1.77 1.85
C VAL A 40 5.50 2.37 1.69
N ILE A 41 6.13 2.68 2.81
CA ILE A 41 7.48 3.22 2.79
C ILE A 41 8.47 2.12 3.16
N SER A 42 9.19 1.62 2.17
CA SER A 42 10.13 0.54 2.39
C SER A 42 11.37 0.70 1.51
N SER A 43 12.50 0.26 2.02
CA SER A 43 13.75 0.28 1.26
C SER A 43 13.65 -0.66 0.06
N GLN A 44 12.65 -1.54 0.09
CA GLN A 44 12.39 -2.47 -1.00
C GLN A 44 11.78 -1.74 -2.20
N PHE A 45 11.49 -0.45 -2.03
CA PHE A 45 11.02 0.39 -3.12
C PHE A 45 12.02 1.50 -3.40
N GLN A 46 13.19 1.40 -2.78
CA GLN A 46 14.22 2.43 -2.92
C GLN A 46 15.47 1.83 -3.57
N GLY A 47 16.05 2.55 -4.51
CA GLY A 47 17.22 2.06 -5.22
C GLY A 47 16.88 0.96 -6.21
N LYS A 48 15.62 0.59 -6.25
CA LYS A 48 15.13 -0.45 -7.14
C LYS A 48 14.97 0.08 -8.56
N SER A 49 14.51 -0.77 -9.45
CA SER A 49 14.22 -0.38 -10.81
C SER A 49 12.70 -0.27 -10.99
N LYS A 50 12.28 0.70 -11.79
CA LYS A 50 10.85 0.94 -12.03
C LYS A 50 10.14 -0.34 -12.46
N LEU A 51 10.81 -1.13 -13.29
CA LEU A 51 10.22 -2.37 -13.79
C LEU A 51 9.77 -3.25 -12.63
N GLU A 52 10.65 -3.46 -11.66
CA GLU A 52 10.34 -4.26 -10.48
C GLU A 52 9.11 -3.71 -9.76
N GLN A 53 9.10 -2.40 -9.58
CA GLN A 53 8.03 -1.72 -8.87
C GLN A 53 6.69 -1.92 -9.57
N HIS A 54 6.67 -1.72 -10.88
CA HIS A 54 5.46 -1.92 -11.67
C HIS A 54 4.99 -3.36 -11.54
N ARG A 55 5.94 -4.29 -11.67
CA ARG A 55 5.66 -5.72 -11.56
C ARG A 55 5.03 -6.05 -10.22
N MET A 56 5.65 -5.57 -9.15
CA MET A 56 5.20 -5.90 -7.80
C MET A 56 3.80 -5.36 -7.54
N ILE A 57 3.57 -4.09 -7.86
CA ILE A 57 2.26 -3.48 -7.67
C ILE A 57 1.23 -4.14 -8.57
N TYR A 58 1.63 -4.46 -9.79
CA TYR A 58 0.77 -5.11 -10.76
C TYR A 58 0.39 -6.51 -10.28
N LYS A 59 1.29 -7.16 -9.55
CA LYS A 59 1.05 -8.51 -9.06
C LYS A 59 0.15 -8.50 -7.84
N VAL A 60 0.36 -7.54 -6.95
CA VAL A 60 -0.48 -7.45 -5.76
C VAL A 60 -1.88 -6.93 -6.11
N LEU A 61 -1.96 -6.15 -7.18
CA LEU A 61 -3.25 -5.67 -7.70
C LEU A 61 -3.79 -6.63 -8.74
N ASP A 62 -3.41 -7.91 -8.61
CA ASP A 62 -3.88 -8.96 -9.51
C ASP A 62 -5.39 -9.12 -9.42
N GLY A 63 -5.91 -8.91 -8.23
CA GLY A 63 -7.33 -9.01 -8.01
C GLY A 63 -8.00 -7.65 -8.05
N LEU A 64 -7.72 -6.90 -9.11
CA LEU A 64 -8.27 -5.56 -9.25
C LEU A 64 -9.75 -5.61 -9.61
N ASN A 65 -10.48 -4.58 -9.23
CA ASN A 65 -11.90 -4.48 -9.49
C ASN A 65 -12.22 -3.13 -10.12
N ILE A 66 -13.50 -2.82 -10.24
CA ILE A 66 -13.92 -1.57 -10.87
C ILE A 66 -13.87 -0.40 -9.87
N HIS A 67 -12.66 0.00 -9.51
CA HIS A 67 -12.42 1.12 -8.63
C HIS A 67 -11.11 1.80 -9.01
N ALA A 68 -10.72 2.82 -8.25
CA ALA A 68 -9.50 3.56 -8.53
C ALA A 68 -8.32 2.98 -7.75
N ILE A 69 -7.11 3.15 -8.29
CA ILE A 69 -5.91 2.69 -7.62
C ILE A 69 -5.66 3.50 -6.35
N GLN A 70 -5.04 2.87 -5.37
CA GLN A 70 -4.89 3.48 -4.06
C GLN A 70 -3.57 3.10 -3.39
N ILE A 71 -2.56 2.81 -4.20
CA ILE A 71 -1.26 2.45 -3.66
C ILE A 71 -0.28 3.62 -3.71
N GLN A 72 0.32 3.92 -2.57
CA GLN A 72 1.30 5.00 -2.46
C GLN A 72 2.63 4.44 -2.00
N THR A 73 3.65 4.56 -2.83
CA THR A 73 4.96 4.03 -2.48
C THR A 73 6.01 5.14 -2.44
N GLY A 74 7.01 4.97 -1.57
CA GLY A 74 8.10 5.93 -1.50
C GLY A 74 9.29 5.47 -2.31
N CYS A 75 9.32 5.82 -3.58
CA CYS A 75 10.35 5.34 -4.49
C CYS A 75 11.46 6.38 -4.66
N LYS A 76 12.65 6.00 -4.21
CA LYS A 76 13.86 6.78 -4.44
C LYS A 76 15.05 6.06 -3.83
N PRO A 1 -22.85 10.08 10.95
CA PRO A 1 -23.93 9.47 11.77
C PRO A 1 -24.14 8.02 11.36
N GLY A 2 -24.06 7.14 12.34
CA GLY A 2 -24.21 5.71 12.10
C GLY A 2 -23.06 4.94 12.71
N SER A 3 -21.95 4.88 12.00
CA SER A 3 -20.74 4.25 12.50
C SER A 3 -19.56 4.61 11.61
N MET A 4 -18.37 4.56 12.16
CA MET A 4 -17.17 4.82 11.39
C MET A 4 -16.69 3.54 10.72
N THR A 5 -16.16 3.67 9.52
CA THR A 5 -15.59 2.54 8.81
C THR A 5 -14.21 2.22 9.37
N VAL A 6 -13.95 0.94 9.60
CA VAL A 6 -12.68 0.51 10.16
C VAL A 6 -11.67 0.29 9.04
N THR A 7 -10.39 0.37 9.38
CA THR A 7 -9.33 0.17 8.41
C THR A 7 -9.15 -1.33 8.14
N GLN A 8 -8.30 -1.66 7.18
CA GLN A 8 -8.05 -3.04 6.82
C GLN A 8 -7.08 -3.67 7.81
N SER A 9 -7.52 -3.81 9.05
CA SER A 9 -6.66 -4.29 10.13
C SER A 9 -5.96 -5.59 9.77
N GLN A 10 -6.68 -6.49 9.10
CA GLN A 10 -6.11 -7.77 8.68
C GLN A 10 -5.10 -7.57 7.55
N LEU A 11 -5.35 -6.59 6.68
CA LEU A 11 -4.44 -6.30 5.58
C LEU A 11 -3.17 -5.64 6.09
N GLU A 12 -3.32 -4.62 6.94
CA GLU A 12 -2.18 -3.99 7.58
C GLU A 12 -1.38 -5.01 8.38
N LEU A 13 -2.08 -5.94 9.03
CA LEU A 13 -1.43 -7.03 9.73
C LEU A 13 -0.61 -7.87 8.76
N LEU A 14 -1.20 -8.20 7.62
CA LEU A 14 -0.53 -8.98 6.59
C LEU A 14 0.78 -8.31 6.18
N ILE A 15 0.70 -7.01 5.91
CA ILE A 15 1.88 -6.24 5.52
C ILE A 15 2.92 -6.23 6.65
N ARG A 16 2.47 -6.00 7.87
CA ARG A 16 3.36 -5.95 9.02
C ARG A 16 4.00 -7.31 9.27
N ASN A 17 3.23 -8.37 9.11
CA ASN A 17 3.72 -9.73 9.32
C ASN A 17 4.69 -10.12 8.20
N ALA A 18 4.46 -9.56 7.01
CA ALA A 18 5.32 -9.82 5.87
C ALA A 18 6.61 -9.02 5.95
N PHE A 19 6.48 -7.73 6.22
CA PHE A 19 7.64 -6.85 6.31
C PHE A 19 7.59 -6.04 7.61
N PRO A 20 8.22 -6.55 8.68
CA PRO A 20 8.29 -5.86 9.97
C PRO A 20 9.20 -4.64 9.91
N GLU A 21 9.99 -4.55 8.86
CA GLU A 21 10.92 -3.46 8.67
C GLU A 21 10.34 -2.40 7.72
N ALA A 22 9.08 -2.58 7.37
CA ALA A 22 8.44 -1.68 6.40
C ALA A 22 7.59 -0.64 7.11
N GLU A 23 7.73 0.60 6.66
CA GLU A 23 6.89 1.68 7.15
C GLU A 23 5.57 1.67 6.40
N ILE A 24 4.52 1.23 7.09
CA ILE A 24 3.19 1.18 6.53
C ILE A 24 2.46 2.50 6.77
N THR A 25 2.15 3.21 5.70
CA THR A 25 1.39 4.43 5.82
C THR A 25 0.09 4.34 5.03
N VAL A 26 -1.01 4.18 5.73
CA VAL A 26 -2.31 4.10 5.09
C VAL A 26 -2.86 5.49 4.82
N THR A 27 -3.22 5.75 3.57
CA THR A 27 -3.75 7.04 3.19
C THR A 27 -5.16 6.87 2.61
N SER A 28 -6.13 7.47 3.26
CA SER A 28 -7.51 7.42 2.80
C SER A 28 -7.82 8.66 1.95
N LEU A 29 -7.81 8.48 0.64
CA LEU A 29 -8.06 9.58 -0.27
C LEU A 29 -9.55 9.87 -0.36
N VAL A 30 -10.03 10.69 0.56
CA VAL A 30 -11.42 11.09 0.58
C VAL A 30 -11.65 12.27 -0.37
N GLY A 31 -12.58 12.08 -1.29
CA GLY A 31 -12.90 13.12 -2.24
C GLY A 31 -14.31 12.94 -2.76
N ASP A 32 -14.43 12.36 -3.95
CA ASP A 32 -15.72 12.00 -4.51
C ASP A 32 -15.95 10.51 -4.30
N ASN A 33 -15.16 9.71 -4.98
CA ASN A 33 -15.19 8.26 -4.80
C ASN A 33 -14.04 7.85 -3.89
N ASN A 34 -14.38 7.34 -2.72
CA ASN A 34 -13.37 7.01 -1.71
C ASN A 34 -12.47 5.87 -2.16
N HIS A 35 -11.22 6.20 -2.44
CA HIS A 35 -10.22 5.21 -2.81
C HIS A 35 -9.05 5.31 -1.86
N TYR A 36 -8.50 4.16 -1.48
CA TYR A 36 -7.50 4.13 -0.43
C TYR A 36 -6.15 3.73 -1.01
N SER A 37 -5.09 4.23 -0.40
CA SER A 37 -3.74 3.93 -0.83
C SER A 37 -2.86 3.58 0.37
N ILE A 38 -2.33 2.38 0.38
CA ILE A 38 -1.44 1.96 1.44
C ILE A 38 0.01 2.09 0.99
N LYS A 39 0.71 3.05 1.57
CA LYS A 39 2.09 3.32 1.21
C LYS A 39 3.01 2.44 2.04
N VAL A 40 3.77 1.58 1.36
CA VAL A 40 4.67 0.67 2.03
C VAL A 40 6.11 0.98 1.66
N ILE A 41 6.86 1.51 2.62
CA ILE A 41 8.27 1.79 2.38
C ILE A 41 9.13 0.73 3.04
N SER A 42 10.05 0.16 2.27
CA SER A 42 10.89 -0.91 2.75
C SER A 42 12.16 -1.00 1.91
N SER A 43 13.26 -1.38 2.56
CA SER A 43 14.56 -1.47 1.90
C SER A 43 14.54 -2.55 0.82
N GLN A 44 13.49 -3.36 0.79
CA GLN A 44 13.35 -4.39 -0.22
C GLN A 44 13.09 -3.77 -1.60
N PHE A 45 12.51 -2.57 -1.61
CA PHE A 45 12.11 -1.93 -2.85
C PHE A 45 13.22 -1.07 -3.42
N GLN A 46 14.28 -0.85 -2.65
CA GLN A 46 15.39 -0.02 -3.10
C GLN A 46 16.09 -0.66 -4.30
N GLY A 47 16.54 0.16 -5.23
CA GLY A 47 17.27 -0.34 -6.38
C GLY A 47 16.37 -0.60 -7.56
N LYS A 48 15.10 -0.82 -7.30
CA LYS A 48 14.14 -1.10 -8.35
C LYS A 48 13.46 0.18 -8.79
N SER A 49 13.39 0.37 -10.10
CA SER A 49 12.88 1.60 -10.70
C SER A 49 11.36 1.72 -10.51
N LYS A 50 10.84 2.92 -10.74
CA LYS A 50 9.41 3.18 -10.61
C LYS A 50 8.61 2.23 -11.49
N LEU A 51 9.11 1.98 -12.69
CA LEU A 51 8.46 1.08 -13.63
C LEU A 51 8.25 -0.29 -12.97
N GLU A 52 9.33 -0.82 -12.38
CA GLU A 52 9.28 -2.10 -11.71
C GLU A 52 8.34 -2.06 -10.51
N GLN A 53 8.39 -0.96 -9.77
CA GLN A 53 7.55 -0.80 -8.59
C GLN A 53 6.07 -0.93 -8.95
N HIS A 54 5.66 -0.24 -10.01
CA HIS A 54 4.25 -0.26 -10.42
C HIS A 54 3.90 -1.61 -11.03
N ARG A 55 4.85 -2.18 -11.75
CA ARG A 55 4.68 -3.51 -12.32
C ARG A 55 4.47 -4.54 -11.23
N MET A 56 5.28 -4.45 -10.17
CA MET A 56 5.13 -5.33 -9.02
C MET A 56 3.77 -5.13 -8.37
N ILE A 57 3.35 -3.87 -8.24
CA ILE A 57 2.03 -3.57 -7.70
C ILE A 57 0.94 -4.29 -8.49
N TYR A 58 0.96 -4.11 -9.81
CA TYR A 58 -0.07 -4.70 -10.67
C TYR A 58 -0.04 -6.22 -10.60
N LYS A 59 1.16 -6.79 -10.49
CA LYS A 59 1.29 -8.24 -10.43
C LYS A 59 0.92 -8.80 -9.05
N VAL A 60 1.27 -8.07 -8.00
CA VAL A 60 0.94 -8.51 -6.64
C VAL A 60 -0.55 -8.34 -6.36
N LEU A 61 -1.11 -7.22 -6.81
CA LEU A 61 -2.54 -6.97 -6.64
C LEU A 61 -3.35 -7.92 -7.51
N ASP A 62 -2.75 -8.31 -8.63
CA ASP A 62 -3.37 -9.22 -9.59
C ASP A 62 -4.69 -8.66 -10.10
N GLY A 63 -4.59 -7.70 -11.00
CA GLY A 63 -5.75 -7.07 -11.57
C GLY A 63 -5.38 -5.76 -12.21
N LEU A 64 -6.34 -4.85 -12.30
CA LEU A 64 -6.10 -3.55 -12.87
C LEU A 64 -6.17 -2.47 -11.79
N ASN A 65 -7.40 -2.08 -11.43
CA ASN A 65 -7.64 -1.02 -10.45
C ASN A 65 -6.87 0.24 -10.82
N ILE A 66 -6.65 0.43 -12.12
CA ILE A 66 -5.76 1.48 -12.62
C ILE A 66 -6.38 2.88 -12.48
N HIS A 67 -7.62 2.94 -12.01
CA HIS A 67 -8.30 4.22 -11.79
C HIS A 67 -7.85 4.82 -10.45
N ALA A 68 -7.02 4.09 -9.74
CA ALA A 68 -6.46 4.54 -8.47
C ALA A 68 -5.17 3.79 -8.17
N ILE A 69 -4.53 4.14 -7.08
CA ILE A 69 -3.33 3.43 -6.67
C ILE A 69 -3.57 2.75 -5.33
N GLN A 70 -3.81 1.45 -5.37
CA GLN A 70 -4.17 0.70 -4.17
C GLN A 70 -3.01 0.67 -3.17
N ILE A 71 -1.82 0.37 -3.66
CA ILE A 71 -0.64 0.34 -2.81
C ILE A 71 0.42 1.29 -3.38
N GLN A 72 1.09 2.01 -2.51
CA GLN A 72 2.14 2.91 -2.94
C GLN A 72 3.48 2.43 -2.41
N THR A 73 4.31 1.90 -3.29
CA THR A 73 5.60 1.35 -2.88
C THR A 73 6.73 2.10 -3.55
N GLY A 74 7.60 2.69 -2.75
CA GLY A 74 8.75 3.38 -3.28
C GLY A 74 8.43 4.80 -3.72
N CYS A 75 7.89 4.95 -4.93
CA CYS A 75 7.62 6.27 -5.49
C CYS A 75 6.23 6.35 -6.10
N LYS A 76 5.78 7.57 -6.35
CA LYS A 76 4.48 7.83 -6.95
C LYS A 76 4.54 7.60 -8.46
N PRO A 1 -10.29 12.14 12.39
CA PRO A 1 -11.64 12.22 12.96
C PRO A 1 -12.66 12.47 11.86
N GLY A 2 -13.94 12.44 12.22
CA GLY A 2 -15.00 12.63 11.26
C GLY A 2 -15.20 11.41 10.38
N SER A 3 -14.35 11.30 9.35
CA SER A 3 -14.40 10.15 8.46
C SER A 3 -13.61 8.99 9.07
N MET A 4 -14.32 7.96 9.48
CA MET A 4 -13.70 6.81 10.14
C MET A 4 -12.90 5.98 9.15
N THR A 5 -11.58 6.08 9.24
CA THR A 5 -10.70 5.30 8.39
C THR A 5 -10.21 4.08 9.16
N VAL A 6 -10.65 2.90 8.74
CA VAL A 6 -10.30 1.67 9.42
C VAL A 6 -9.38 0.81 8.55
N THR A 7 -8.37 0.22 9.17
CA THR A 7 -7.46 -0.67 8.47
C THR A 7 -8.02 -2.09 8.46
N GLN A 8 -7.56 -2.91 7.53
CA GLN A 8 -7.95 -4.31 7.50
C GLN A 8 -6.90 -5.14 8.21
N SER A 9 -7.33 -5.96 9.16
CA SER A 9 -6.42 -6.71 10.00
C SER A 9 -5.53 -7.63 9.17
N GLN A 10 -6.13 -8.38 8.25
CA GLN A 10 -5.37 -9.32 7.43
C GLN A 10 -4.38 -8.59 6.53
N LEU A 11 -4.84 -7.51 5.90
CA LEU A 11 -3.99 -6.75 4.99
C LEU A 11 -2.81 -6.14 5.74
N GLU A 12 -3.11 -5.51 6.87
CA GLU A 12 -2.07 -4.90 7.70
C GLU A 12 -1.06 -5.95 8.15
N LEU A 13 -1.58 -7.02 8.75
CA LEU A 13 -0.76 -8.11 9.24
C LEU A 13 0.09 -8.71 8.12
N LEU A 14 -0.49 -8.81 6.94
CA LEU A 14 0.20 -9.42 5.81
C LEU A 14 1.44 -8.61 5.43
N ILE A 15 1.25 -7.31 5.26
CA ILE A 15 2.35 -6.44 4.84
C ILE A 15 3.36 -6.25 5.97
N ARG A 16 2.89 -6.21 7.21
CA ARG A 16 3.77 -6.03 8.36
C ARG A 16 4.66 -7.26 8.57
N ASN A 17 4.12 -8.44 8.28
CA ASN A 17 4.90 -9.68 8.36
C ASN A 17 5.77 -9.82 7.13
N ALA A 18 5.30 -9.31 6.00
CA ALA A 18 6.07 -9.34 4.76
C ALA A 18 7.27 -8.41 4.85
N PHE A 19 7.03 -7.20 5.34
CA PHE A 19 8.09 -6.22 5.51
C PHE A 19 8.11 -5.70 6.95
N PRO A 20 8.85 -6.37 7.84
CA PRO A 20 8.88 -6.05 9.27
C PRO A 20 9.45 -4.65 9.57
N GLU A 21 10.55 -4.32 8.92
CA GLU A 21 11.18 -3.02 9.14
C GLU A 21 10.69 -1.98 8.14
N ALA A 22 9.47 -2.17 7.67
CA ALA A 22 8.83 -1.24 6.77
C ALA A 22 7.55 -0.73 7.36
N GLU A 23 7.22 0.53 7.08
CA GLU A 23 6.06 1.16 7.69
C GLU A 23 4.86 1.16 6.77
N ILE A 24 3.80 0.53 7.24
CA ILE A 24 2.55 0.50 6.50
C ILE A 24 1.71 1.71 6.86
N THR A 25 1.55 2.63 5.93
CA THR A 25 0.82 3.84 6.20
C THR A 25 -0.52 3.84 5.45
N VAL A 26 -1.60 3.81 6.19
CA VAL A 26 -2.92 3.91 5.60
C VAL A 26 -3.24 5.36 5.36
N THR A 27 -3.30 5.72 4.09
CA THR A 27 -3.41 7.11 3.69
C THR A 27 -4.88 7.51 3.51
N SER A 28 -5.36 8.28 4.47
CA SER A 28 -6.72 8.76 4.42
C SER A 28 -6.80 10.04 3.62
N LEU A 29 -7.43 9.95 2.46
CA LEU A 29 -7.65 11.11 1.61
C LEU A 29 -8.94 11.80 2.03
N VAL A 30 -9.37 12.79 1.27
CA VAL A 30 -10.68 13.38 1.48
C VAL A 30 -11.74 12.31 1.26
N GLY A 31 -12.72 12.25 2.16
CA GLY A 31 -13.68 11.17 2.15
C GLY A 31 -14.70 11.26 1.02
N ASP A 32 -14.22 11.35 -0.21
CA ASP A 32 -15.08 11.27 -1.38
C ASP A 32 -14.78 10.02 -2.16
N ASN A 33 -13.71 9.35 -1.77
CA ASN A 33 -13.35 8.06 -2.34
C ASN A 33 -13.68 6.96 -1.34
N ASN A 34 -14.30 5.90 -1.82
CA ASN A 34 -14.70 4.79 -0.96
C ASN A 34 -13.48 4.06 -0.42
N HIS A 35 -12.48 3.91 -1.27
CA HIS A 35 -11.25 3.23 -0.90
C HIS A 35 -10.17 4.27 -0.61
N TYR A 36 -9.34 3.98 0.37
CA TYR A 36 -8.28 4.91 0.75
C TYR A 36 -6.95 4.43 0.22
N SER A 37 -5.92 5.25 0.35
CA SER A 37 -4.64 4.95 -0.25
C SER A 37 -3.76 4.15 0.70
N ILE A 38 -2.91 3.32 0.13
CA ILE A 38 -1.97 2.54 0.91
C ILE A 38 -0.54 2.98 0.59
N LYS A 39 0.12 3.59 1.56
CA LYS A 39 1.48 4.05 1.37
C LYS A 39 2.44 3.11 2.09
N VAL A 40 3.19 2.36 1.31
CA VAL A 40 4.12 1.39 1.86
C VAL A 40 5.52 1.96 1.89
N ILE A 41 5.97 2.36 3.08
CA ILE A 41 7.30 2.92 3.23
C ILE A 41 8.29 1.79 3.44
N SER A 42 8.98 1.44 2.36
CA SER A 42 9.94 0.35 2.40
C SER A 42 11.13 0.68 1.53
N SER A 43 12.32 0.34 2.01
CA SER A 43 13.55 0.55 1.25
C SER A 43 13.57 -0.37 0.02
N GLN A 44 12.66 -1.34 0.01
CA GLN A 44 12.52 -2.24 -1.13
C GLN A 44 11.87 -1.52 -2.31
N PHE A 45 11.37 -0.31 -2.06
CA PHE A 45 10.73 0.47 -3.11
C PHE A 45 11.55 1.73 -3.43
N GLN A 46 12.78 1.76 -2.94
CA GLN A 46 13.63 2.92 -3.16
C GLN A 46 14.92 2.52 -3.88
N GLY A 47 15.09 3.05 -5.09
CA GLY A 47 16.30 2.81 -5.83
C GLY A 47 16.25 1.53 -6.65
N LYS A 48 15.04 1.07 -6.93
CA LYS A 48 14.86 -0.16 -7.68
C LYS A 48 14.45 0.14 -9.11
N SER A 49 14.07 -0.89 -9.86
CA SER A 49 13.69 -0.71 -11.25
C SER A 49 12.21 -0.34 -11.36
N LYS A 50 11.90 0.61 -12.24
CA LYS A 50 10.53 1.10 -12.40
C LYS A 50 9.58 -0.04 -12.76
N LEU A 51 9.97 -0.85 -13.75
CA LEU A 51 9.14 -1.97 -14.19
C LEU A 51 8.86 -2.91 -13.04
N GLU A 52 9.90 -3.17 -12.24
CA GLU A 52 9.79 -4.00 -11.08
C GLU A 52 8.75 -3.44 -10.11
N GLN A 53 8.86 -2.16 -9.81
CA GLN A 53 7.95 -1.50 -8.89
C GLN A 53 6.51 -1.58 -9.37
N HIS A 54 6.32 -1.28 -10.65
CA HIS A 54 4.98 -1.27 -11.23
C HIS A 54 4.41 -2.68 -11.25
N ARG A 55 5.24 -3.66 -11.56
CA ARG A 55 4.85 -5.06 -11.51
C ARG A 55 4.41 -5.45 -10.11
N MET A 56 5.20 -5.02 -9.12
CA MET A 56 4.90 -5.32 -7.72
C MET A 56 3.52 -4.79 -7.35
N ILE A 57 3.25 -3.54 -7.76
CA ILE A 57 1.96 -2.93 -7.52
C ILE A 57 0.83 -3.75 -8.15
N TYR A 58 0.98 -4.09 -9.42
CA TYR A 58 -0.02 -4.87 -10.13
C TYR A 58 -0.24 -6.23 -9.47
N LYS A 59 0.81 -6.79 -8.87
CA LYS A 59 0.69 -8.04 -8.16
C LYS A 59 -0.12 -7.90 -6.88
N VAL A 60 0.23 -6.93 -6.04
CA VAL A 60 -0.37 -6.81 -4.71
C VAL A 60 -1.71 -6.07 -4.74
N LEU A 61 -1.88 -5.17 -5.69
CA LEU A 61 -3.05 -4.30 -5.72
C LEU A 61 -4.08 -4.79 -6.73
N ASP A 62 -3.94 -6.05 -7.16
CA ASP A 62 -4.87 -6.61 -8.13
C ASP A 62 -6.07 -7.22 -7.43
N GLY A 63 -7.16 -6.47 -7.42
CA GLY A 63 -8.41 -6.98 -6.88
C GLY A 63 -9.57 -6.56 -7.75
N LEU A 64 -9.43 -6.82 -9.05
CA LEU A 64 -10.34 -6.31 -10.06
C LEU A 64 -10.28 -4.78 -10.08
N ASN A 65 -9.18 -4.28 -10.59
CA ASN A 65 -8.91 -2.84 -10.58
C ASN A 65 -8.27 -2.44 -11.91
N ILE A 66 -8.71 -1.32 -12.46
CA ILE A 66 -8.22 -0.88 -13.76
C ILE A 66 -7.66 0.54 -13.69
N HIS A 67 -6.33 0.63 -13.66
CA HIS A 67 -5.60 1.91 -13.75
C HIS A 67 -5.73 2.78 -12.49
N ALA A 68 -6.56 2.38 -11.55
CA ALA A 68 -6.74 3.16 -10.33
C ALA A 68 -5.61 2.87 -9.34
N ILE A 69 -4.58 3.70 -9.38
CA ILE A 69 -3.43 3.53 -8.51
C ILE A 69 -3.67 4.20 -7.17
N GLN A 70 -4.09 3.42 -6.19
CA GLN A 70 -4.34 3.91 -4.84
C GLN A 70 -3.18 3.57 -3.93
N ILE A 71 -2.05 3.21 -4.52
CA ILE A 71 -0.88 2.80 -3.77
C ILE A 71 0.21 3.84 -3.86
N GLN A 72 0.90 4.09 -2.75
CA GLN A 72 2.07 4.94 -2.75
C GLN A 72 3.28 4.12 -2.30
N THR A 73 4.17 3.83 -3.23
CA THR A 73 5.35 3.03 -2.92
C THR A 73 6.63 3.82 -3.17
N GLY A 74 7.49 3.87 -2.17
CA GLY A 74 8.76 4.56 -2.31
C GLY A 74 9.20 5.18 -1.01
N CYS A 75 9.71 6.40 -1.09
CA CYS A 75 10.18 7.12 0.09
C CYS A 75 9.52 8.48 0.15
N LYS A 76 9.07 8.86 1.34
CA LYS A 76 8.47 10.17 1.55
C LYS A 76 9.50 11.11 2.16
N PRO A 1 -18.14 7.18 25.25
CA PRO A 1 -18.22 5.87 24.57
C PRO A 1 -16.87 5.51 23.97
N GLY A 2 -16.71 4.27 23.57
CA GLY A 2 -15.48 3.84 22.94
C GLY A 2 -15.44 4.23 21.48
N SER A 3 -14.48 5.07 21.12
CA SER A 3 -14.32 5.50 19.75
C SER A 3 -13.77 4.35 18.90
N MET A 4 -14.67 3.59 18.28
CA MET A 4 -14.29 2.45 17.47
C MET A 4 -13.80 2.90 16.10
N THR A 5 -12.56 3.37 16.05
CA THR A 5 -11.93 3.73 14.80
C THR A 5 -11.22 2.51 14.20
N VAL A 6 -11.76 2.01 13.10
CA VAL A 6 -11.22 0.82 12.47
C VAL A 6 -10.16 1.17 11.43
N THR A 7 -9.25 0.24 11.21
CA THR A 7 -8.21 0.39 10.20
C THR A 7 -8.43 -0.60 9.09
N GLN A 8 -7.70 -0.45 7.99
CA GLN A 8 -7.70 -1.44 6.93
C GLN A 8 -6.79 -2.59 7.35
N SER A 9 -7.26 -3.37 8.32
CA SER A 9 -6.44 -4.34 9.01
C SER A 9 -5.92 -5.42 8.06
N GLN A 10 -6.78 -5.89 7.16
CA GLN A 10 -6.36 -6.94 6.23
C GLN A 10 -5.21 -6.44 5.36
N LEU A 11 -5.32 -5.21 4.89
CA LEU A 11 -4.30 -4.60 4.05
C LEU A 11 -3.01 -4.38 4.85
N GLU A 12 -3.17 -3.85 6.06
CA GLU A 12 -2.04 -3.58 6.94
C GLU A 12 -1.30 -4.87 7.26
N LEU A 13 -2.04 -5.84 7.77
CA LEU A 13 -1.49 -7.15 8.12
C LEU A 13 -0.86 -7.81 6.92
N LEU A 14 -1.50 -7.66 5.76
CA LEU A 14 -1.01 -8.29 4.54
C LEU A 14 0.36 -7.75 4.16
N ILE A 15 0.48 -6.43 4.11
CA ILE A 15 1.72 -5.78 3.73
C ILE A 15 2.80 -5.98 4.79
N ARG A 16 2.41 -5.90 6.06
CA ARG A 16 3.36 -6.01 7.16
C ARG A 16 3.92 -7.43 7.26
N ASN A 17 3.10 -8.43 6.95
CA ASN A 17 3.56 -9.82 6.99
C ASN A 17 4.36 -10.14 5.74
N ALA A 18 3.91 -9.64 4.59
CA ALA A 18 4.62 -9.88 3.33
C ALA A 18 5.97 -9.19 3.34
N PHE A 19 6.00 -7.94 3.79
CA PHE A 19 7.25 -7.19 3.87
C PHE A 19 7.45 -6.67 5.30
N PRO A 20 8.16 -7.44 6.14
CA PRO A 20 8.46 -7.02 7.52
C PRO A 20 9.46 -5.88 7.55
N GLU A 21 10.03 -5.58 6.38
CA GLU A 21 10.98 -4.51 6.21
C GLU A 21 10.26 -3.23 5.79
N ALA A 22 8.94 -3.29 5.71
CA ALA A 22 8.16 -2.18 5.21
C ALA A 22 7.25 -1.61 6.29
N GLU A 23 7.32 -0.30 6.45
CA GLU A 23 6.44 0.41 7.37
C GLU A 23 5.10 0.66 6.72
N ILE A 24 4.03 0.29 7.40
CA ILE A 24 2.69 0.55 6.89
C ILE A 24 2.24 1.93 7.30
N THR A 25 2.15 2.83 6.34
CA THR A 25 1.75 4.19 6.60
C THR A 25 0.36 4.44 6.04
N VAL A 26 -0.61 4.60 6.94
CA VAL A 26 -2.00 4.76 6.53
C VAL A 26 -2.32 6.23 6.30
N THR A 27 -2.63 6.57 5.07
CA THR A 27 -3.04 7.91 4.72
C THR A 27 -4.56 8.01 4.75
N SER A 28 -5.07 8.64 5.78
CA SER A 28 -6.51 8.75 5.96
C SER A 28 -7.04 10.05 5.36
N LEU A 29 -7.87 9.91 4.34
CA LEU A 29 -8.53 11.05 3.73
C LEU A 29 -9.80 11.36 4.49
N VAL A 30 -9.73 12.33 5.38
CA VAL A 30 -10.87 12.69 6.22
C VAL A 30 -11.88 13.47 5.40
N GLY A 31 -13.10 12.96 5.35
CA GLY A 31 -14.16 13.61 4.62
C GLY A 31 -15.25 12.63 4.25
N ASP A 32 -14.89 11.68 3.40
CA ASP A 32 -15.80 10.61 3.04
C ASP A 32 -15.11 9.26 3.16
N ASN A 33 -15.80 8.31 3.75
CA ASN A 33 -15.26 6.98 3.97
C ASN A 33 -15.29 6.18 2.67
N ASN A 34 -14.45 6.56 1.73
CA ASN A 34 -14.36 5.88 0.45
C ASN A 34 -13.23 4.85 0.48
N HIS A 35 -12.01 5.33 0.37
CA HIS A 35 -10.82 4.46 0.42
C HIS A 35 -9.68 5.22 1.07
N TYR A 36 -8.85 4.52 1.82
CA TYR A 36 -7.71 5.13 2.47
C TYR A 36 -6.42 4.60 1.86
N SER A 37 -5.42 5.46 1.79
CA SER A 37 -4.20 5.13 1.06
C SER A 37 -3.21 4.37 1.93
N ILE A 38 -2.68 3.27 1.40
CA ILE A 38 -1.67 2.50 2.09
C ILE A 38 -0.29 2.84 1.53
N LYS A 39 0.46 3.65 2.26
CA LYS A 39 1.78 4.05 1.84
C LYS A 39 2.83 3.13 2.45
N VAL A 40 3.49 2.38 1.59
CA VAL A 40 4.49 1.41 2.03
C VAL A 40 5.87 2.06 2.04
N ILE A 41 6.44 2.17 3.23
CA ILE A 41 7.76 2.76 3.39
C ILE A 41 8.80 1.66 3.59
N SER A 42 9.58 1.40 2.56
CA SER A 42 10.63 0.40 2.62
C SER A 42 11.77 0.78 1.67
N SER A 43 12.99 0.75 2.18
CA SER A 43 14.16 1.15 1.42
C SER A 43 14.46 0.19 0.27
N GLN A 44 13.72 -0.89 0.17
CA GLN A 44 13.91 -1.83 -0.93
C GLN A 44 13.12 -1.38 -2.16
N PHE A 45 12.32 -0.33 -2.00
CA PHE A 45 11.64 0.30 -3.12
C PHE A 45 12.46 1.48 -3.63
N GLN A 46 13.48 1.85 -2.87
CA GLN A 46 14.33 2.98 -3.22
C GLN A 46 15.25 2.62 -4.37
N GLY A 47 15.18 3.39 -5.44
CA GLY A 47 16.04 3.13 -6.58
C GLY A 47 15.32 2.36 -7.67
N LYS A 48 14.07 2.00 -7.39
CA LYS A 48 13.25 1.30 -8.36
C LYS A 48 12.64 2.29 -9.34
N SER A 49 11.95 1.77 -10.34
CA SER A 49 11.29 2.61 -11.33
C SER A 49 9.83 2.19 -11.46
N LYS A 50 9.01 3.07 -12.03
CA LYS A 50 7.56 2.88 -12.12
C LYS A 50 7.17 1.48 -12.57
N LEU A 51 7.62 1.10 -13.77
CA LEU A 51 7.23 -0.17 -14.36
C LEU A 51 7.57 -1.34 -13.44
N GLU A 52 8.77 -1.28 -12.87
CA GLU A 52 9.24 -2.31 -11.99
C GLU A 52 8.46 -2.32 -10.69
N GLN A 53 8.24 -1.14 -10.11
CA GLN A 53 7.47 -1.01 -8.88
C GLN A 53 6.06 -1.53 -9.08
N HIS A 54 5.43 -1.11 -10.19
CA HIS A 54 4.07 -1.50 -10.47
C HIS A 54 3.97 -3.02 -10.62
N ARG A 55 4.89 -3.60 -11.38
CA ARG A 55 4.89 -5.03 -11.60
C ARG A 55 5.08 -5.80 -10.28
N MET A 56 5.99 -5.34 -9.44
CA MET A 56 6.21 -5.98 -8.14
C MET A 56 4.92 -5.96 -7.33
N ILE A 57 4.24 -4.81 -7.34
CA ILE A 57 2.95 -4.67 -6.68
C ILE A 57 1.97 -5.71 -7.19
N TYR A 58 1.84 -5.82 -8.50
CA TYR A 58 0.90 -6.75 -9.12
C TYR A 58 1.25 -8.20 -8.81
N LYS A 59 2.55 -8.49 -8.67
CA LYS A 59 3.00 -9.85 -8.41
C LYS A 59 2.85 -10.23 -6.93
N VAL A 60 2.97 -9.27 -6.03
CA VAL A 60 2.83 -9.56 -4.60
C VAL A 60 1.36 -9.46 -4.16
N LEU A 61 0.63 -8.54 -4.77
CA LEU A 61 -0.79 -8.34 -4.45
C LEU A 61 -1.65 -9.07 -5.49
N ASP A 62 -1.12 -10.18 -5.98
CA ASP A 62 -1.80 -10.96 -7.01
C ASP A 62 -2.97 -11.73 -6.41
N GLY A 63 -4.12 -11.07 -6.36
CA GLY A 63 -5.33 -11.71 -5.86
C GLY A 63 -6.55 -11.21 -6.59
N LEU A 64 -6.38 -10.88 -7.87
CA LEU A 64 -7.46 -10.38 -8.72
C LEU A 64 -8.09 -9.09 -8.17
N ASN A 65 -7.30 -8.31 -7.45
CA ASN A 65 -7.74 -7.01 -6.97
C ASN A 65 -7.14 -5.90 -7.82
N ILE A 66 -7.78 -5.61 -8.93
CA ILE A 66 -7.25 -4.67 -9.91
C ILE A 66 -7.55 -3.23 -9.50
N HIS A 67 -6.54 -2.57 -8.94
CA HIS A 67 -6.64 -1.15 -8.55
C HIS A 67 -7.62 -0.95 -7.40
N ALA A 68 -8.10 -2.06 -6.84
CA ALA A 68 -9.05 -2.00 -5.73
C ALA A 68 -8.37 -1.56 -4.44
N ILE A 69 -7.09 -1.86 -4.34
CA ILE A 69 -6.31 -1.52 -3.17
C ILE A 69 -5.45 -0.28 -3.45
N GLN A 70 -5.50 0.67 -2.55
CA GLN A 70 -4.69 1.89 -2.69
C GLN A 70 -3.26 1.62 -2.24
N ILE A 71 -2.45 1.16 -3.18
CA ILE A 71 -1.05 0.85 -2.90
C ILE A 71 -0.15 2.02 -3.33
N GLN A 72 0.56 2.58 -2.36
CA GLN A 72 1.47 3.68 -2.63
C GLN A 72 2.85 3.37 -2.07
N THR A 73 3.84 3.31 -2.93
CA THR A 73 5.20 3.02 -2.49
C THR A 73 5.94 4.32 -2.21
N GLY A 74 6.48 4.43 -1.00
CA GLY A 74 7.19 5.63 -0.60
C GLY A 74 8.66 5.58 -0.98
N CYS A 75 9.27 6.74 -1.10
CA CYS A 75 10.67 6.85 -1.47
C CYS A 75 11.40 7.83 -0.56
N LYS A 76 12.72 7.80 -0.58
CA LYS A 76 13.53 8.70 0.21
C LYS A 76 14.13 9.80 -0.67
N PRO A 1 -12.62 -7.02 -4.56
CA PRO A 1 -12.12 -6.36 -5.78
C PRO A 1 -13.15 -5.41 -6.34
N GLY A 2 -12.85 -4.80 -7.48
CA GLY A 2 -13.74 -3.81 -8.05
C GLY A 2 -13.18 -2.41 -7.86
N SER A 3 -14.07 -1.45 -7.70
CA SER A 3 -13.65 -0.07 -7.47
C SER A 3 -13.42 0.17 -5.98
N MET A 4 -13.73 -0.83 -5.17
CA MET A 4 -13.59 -0.73 -3.72
C MET A 4 -12.17 -1.10 -3.30
N THR A 5 -11.45 -0.11 -2.80
CA THR A 5 -10.12 -0.35 -2.27
C THR A 5 -10.01 0.26 -0.87
N VAL A 6 -9.92 -0.60 0.13
CA VAL A 6 -9.92 -0.16 1.51
C VAL A 6 -8.93 -0.99 2.33
N THR A 7 -8.49 -0.45 3.46
CA THR A 7 -7.53 -1.13 4.30
C THR A 7 -8.25 -2.01 5.32
N GLN A 8 -7.52 -2.99 5.85
CA GLN A 8 -8.03 -3.92 6.84
C GLN A 8 -6.94 -4.27 7.82
N SER A 9 -7.30 -4.51 9.07
CA SER A 9 -6.34 -4.87 10.10
C SER A 9 -5.62 -6.16 9.74
N GLN A 10 -6.34 -7.08 9.09
CA GLN A 10 -5.73 -8.31 8.61
C GLN A 10 -4.79 -8.02 7.45
N LEU A 11 -5.17 -7.08 6.60
CA LEU A 11 -4.35 -6.70 5.45
C LEU A 11 -3.07 -6.03 5.92
N GLU A 12 -3.21 -5.10 6.85
CA GLU A 12 -2.06 -4.41 7.44
C GLU A 12 -1.14 -5.41 8.13
N LEU A 13 -1.73 -6.35 8.87
CA LEU A 13 -0.97 -7.41 9.50
C LEU A 13 -0.21 -8.21 8.44
N LEU A 14 -0.91 -8.55 7.36
CA LEU A 14 -0.32 -9.31 6.26
C LEU A 14 0.89 -8.58 5.69
N ILE A 15 0.73 -7.28 5.44
CA ILE A 15 1.82 -6.46 4.90
C ILE A 15 3.02 -6.45 5.85
N ARG A 16 2.76 -6.20 7.13
CA ARG A 16 3.83 -6.08 8.11
C ARG A 16 4.46 -7.44 8.43
N ASN A 17 3.68 -8.50 8.29
CA ASN A 17 4.20 -9.85 8.54
C ASN A 17 5.01 -10.34 7.36
N ALA A 18 4.56 -10.02 6.15
CA ALA A 18 5.28 -10.38 4.94
C ALA A 18 6.53 -9.52 4.77
N PHE A 19 6.39 -8.24 5.09
CA PHE A 19 7.51 -7.32 5.00
C PHE A 19 7.66 -6.52 6.29
N PRO A 20 8.43 -7.05 7.25
CA PRO A 20 8.71 -6.36 8.51
C PRO A 20 9.74 -5.25 8.31
N GLU A 21 10.23 -5.18 7.07
CA GLU A 21 11.22 -4.19 6.68
C GLU A 21 10.52 -3.03 5.96
N ALA A 22 9.20 -2.98 6.09
CA ALA A 22 8.41 -1.98 5.40
C ALA A 22 7.42 -1.32 6.35
N GLU A 23 7.27 -0.01 6.22
CA GLU A 23 6.31 0.73 7.03
C GLU A 23 5.02 0.96 6.25
N ILE A 24 3.90 0.80 6.94
CA ILE A 24 2.59 0.89 6.32
C ILE A 24 1.87 2.18 6.74
N THR A 25 1.59 3.04 5.77
CA THR A 25 0.80 4.23 6.05
C THR A 25 -0.46 4.25 5.18
N VAL A 26 -1.61 4.33 5.82
CA VAL A 26 -2.87 4.37 5.09
C VAL A 26 -3.18 5.79 4.62
N THR A 27 -3.10 5.99 3.32
CA THR A 27 -3.25 7.30 2.73
C THR A 27 -4.69 7.55 2.29
N SER A 28 -5.25 8.65 2.76
CA SER A 28 -6.61 9.02 2.45
C SER A 28 -6.69 9.76 1.12
N LEU A 29 -7.27 9.11 0.12
CA LEU A 29 -7.48 9.74 -1.18
C LEU A 29 -8.68 10.69 -1.11
N VAL A 30 -9.80 10.18 -0.63
CA VAL A 30 -10.99 11.00 -0.44
C VAL A 30 -11.42 10.96 1.02
N GLY A 31 -11.00 9.93 1.73
CA GLY A 31 -11.37 9.78 3.12
C GLY A 31 -12.40 8.68 3.29
N ASP A 32 -13.26 8.53 2.31
CA ASP A 32 -14.28 7.49 2.33
C ASP A 32 -13.65 6.12 2.09
N ASN A 33 -14.31 5.07 2.60
CA ASN A 33 -13.78 3.71 2.55
C ASN A 33 -13.69 3.16 1.13
N ASN A 34 -14.38 3.80 0.19
CA ASN A 34 -14.45 3.29 -1.18
C ASN A 34 -13.07 3.20 -1.85
N HIS A 35 -12.15 4.11 -1.54
CA HIS A 35 -10.82 4.03 -2.13
C HIS A 35 -9.77 4.76 -1.31
N TYR A 36 -8.70 4.03 -0.98
CA TYR A 36 -7.54 4.58 -0.29
C TYR A 36 -6.27 4.20 -1.05
N SER A 37 -5.14 4.73 -0.61
CA SER A 37 -3.85 4.30 -1.12
C SER A 37 -2.98 3.78 0.02
N ILE A 38 -2.29 2.70 -0.21
CA ILE A 38 -1.43 2.11 0.81
C ILE A 38 0.01 2.52 0.55
N LYS A 39 0.58 3.28 1.49
CA LYS A 39 1.97 3.69 1.37
C LYS A 39 2.87 2.65 2.03
N VAL A 40 3.84 2.17 1.27
CA VAL A 40 4.78 1.19 1.76
C VAL A 40 6.20 1.73 1.68
N ILE A 41 6.77 2.07 2.82
CA ILE A 41 8.13 2.57 2.87
C ILE A 41 9.10 1.45 3.21
N SER A 42 9.94 1.10 2.26
CA SER A 42 10.92 0.05 2.46
C SER A 42 12.09 0.22 1.51
N SER A 43 13.27 -0.14 1.96
CA SER A 43 14.46 -0.10 1.11
C SER A 43 14.39 -1.15 0.01
N GLN A 44 13.40 -2.02 0.10
CA GLN A 44 13.17 -3.01 -0.95
C GLN A 44 12.44 -2.37 -2.13
N PHE A 45 11.96 -1.14 -1.93
CA PHE A 45 11.37 -0.37 -3.00
C PHE A 45 12.29 0.77 -3.40
N GLN A 46 13.32 1.00 -2.58
CA GLN A 46 14.27 2.06 -2.81
C GLN A 46 15.36 1.60 -3.77
N GLY A 47 15.81 2.50 -4.63
CA GLY A 47 16.83 2.15 -5.60
C GLY A 47 16.23 1.62 -6.89
N LYS A 48 15.05 1.02 -6.78
CA LYS A 48 14.34 0.51 -7.95
C LYS A 48 13.47 1.60 -8.56
N SER A 49 13.02 1.37 -9.78
CA SER A 49 12.24 2.36 -10.49
C SER A 49 10.75 2.09 -10.38
N LYS A 50 9.95 3.12 -10.68
CA LYS A 50 8.50 3.06 -10.58
C LYS A 50 7.91 1.90 -11.37
N LEU A 51 8.47 1.62 -12.54
CA LEU A 51 7.96 0.54 -13.38
C LEU A 51 7.99 -0.78 -12.62
N GLU A 52 9.13 -1.05 -12.00
CA GLU A 52 9.32 -2.26 -11.22
C GLU A 52 8.31 -2.32 -10.07
N GLN A 53 8.18 -1.20 -9.38
CA GLN A 53 7.26 -1.08 -8.24
C GLN A 53 5.83 -1.37 -8.70
N HIS A 54 5.43 -0.74 -9.80
CA HIS A 54 4.07 -0.89 -10.31
C HIS A 54 3.78 -2.35 -10.67
N ARG A 55 4.70 -2.97 -11.38
CA ARG A 55 4.55 -4.37 -11.79
C ARG A 55 4.39 -5.29 -10.57
N MET A 56 5.32 -5.16 -9.62
CA MET A 56 5.30 -6.01 -8.43
C MET A 56 3.99 -5.86 -7.68
N ILE A 57 3.58 -4.62 -7.43
CA ILE A 57 2.33 -4.34 -6.71
C ILE A 57 1.13 -4.88 -7.48
N TYR A 58 1.15 -4.70 -8.80
CA TYR A 58 0.06 -5.13 -9.66
C TYR A 58 -0.09 -6.65 -9.65
N LYS A 59 1.04 -7.35 -9.53
CA LYS A 59 1.01 -8.81 -9.48
C LYS A 59 0.58 -9.31 -8.11
N VAL A 60 1.10 -8.68 -7.05
CA VAL A 60 0.77 -9.08 -5.69
C VAL A 60 -0.70 -8.82 -5.40
N LEU A 61 -1.19 -7.66 -5.80
CA LEU A 61 -2.58 -7.29 -5.59
C LEU A 61 -3.41 -7.64 -6.82
N ASP A 62 -3.05 -8.76 -7.46
CA ASP A 62 -3.73 -9.22 -8.66
C ASP A 62 -5.21 -9.45 -8.41
N GLY A 63 -6.03 -8.82 -9.22
CA GLY A 63 -7.45 -8.95 -9.13
C GLY A 63 -8.12 -7.95 -10.04
N LEU A 64 -9.42 -7.98 -10.07
CA LEU A 64 -10.19 -7.01 -10.84
C LEU A 64 -10.19 -5.66 -10.16
N ASN A 65 -9.09 -4.93 -10.30
CA ASN A 65 -8.96 -3.60 -9.74
C ASN A 65 -7.96 -2.80 -10.56
N ILE A 66 -8.45 -2.08 -11.53
CA ILE A 66 -7.60 -1.27 -12.39
C ILE A 66 -7.63 0.18 -11.94
N HIS A 67 -6.61 0.58 -11.21
CA HIS A 67 -6.49 1.96 -10.74
C HIS A 67 -5.10 2.49 -10.99
N ALA A 68 -5.01 3.78 -11.23
CA ALA A 68 -3.72 4.41 -11.51
C ALA A 68 -2.91 4.60 -10.23
N ILE A 69 -3.59 4.87 -9.13
CA ILE A 69 -2.92 5.09 -7.86
C ILE A 69 -3.71 4.49 -6.69
N GLN A 70 -3.22 3.37 -6.19
CA GLN A 70 -3.74 2.77 -4.97
C GLN A 70 -2.60 2.30 -4.08
N ILE A 71 -1.39 2.54 -4.54
CA ILE A 71 -0.18 2.17 -3.83
C ILE A 71 0.79 3.34 -3.84
N GLN A 72 1.42 3.61 -2.71
CA GLN A 72 2.46 4.62 -2.64
C GLN A 72 3.74 3.99 -2.13
N THR A 73 4.70 3.83 -3.00
CA THR A 73 5.95 3.18 -2.64
C THR A 73 7.08 4.17 -2.53
N GLY A 74 7.92 4.00 -1.51
CA GLY A 74 9.05 4.88 -1.32
C GLY A 74 10.08 4.73 -2.42
N CYS A 75 9.93 5.53 -3.47
CA CYS A 75 10.85 5.49 -4.58
C CYS A 75 12.05 6.38 -4.29
N LYS A 76 13.22 5.77 -4.19
CA LYS A 76 14.43 6.51 -3.90
C LYS A 76 15.31 6.51 -5.14
N PRO A 1 5.14 4.75 19.29
CA PRO A 1 3.70 4.96 19.08
C PRO A 1 3.06 3.69 18.53
N GLY A 2 2.25 3.04 19.34
CA GLY A 2 1.64 1.79 18.94
C GLY A 2 0.34 1.53 19.66
N SER A 3 -0.01 0.24 19.82
CA SER A 3 -1.22 -0.20 20.50
C SER A 3 -2.48 0.44 19.91
N MET A 4 -2.35 0.95 18.69
CA MET A 4 -3.46 1.60 18.01
C MET A 4 -4.38 0.57 17.37
N THR A 5 -5.48 1.02 16.81
CA THR A 5 -6.41 0.13 16.16
C THR A 5 -6.98 0.79 14.90
N VAL A 6 -6.84 0.10 13.77
CA VAL A 6 -7.28 0.65 12.49
C VAL A 6 -8.07 -0.37 11.70
N THR A 7 -8.92 0.12 10.82
CA THR A 7 -9.67 -0.73 9.92
C THR A 7 -8.80 -1.13 8.73
N GLN A 8 -9.21 -2.18 8.02
CA GLN A 8 -8.43 -2.73 6.91
C GLN A 8 -7.08 -3.25 7.43
N SER A 9 -7.09 -3.64 8.71
CA SER A 9 -5.91 -4.12 9.39
C SER A 9 -5.41 -5.43 8.78
N GLN A 10 -6.30 -6.16 8.11
CA GLN A 10 -5.91 -7.38 7.43
C GLN A 10 -4.98 -7.07 6.27
N LEU A 11 -5.31 -6.02 5.52
CA LEU A 11 -4.47 -5.57 4.43
C LEU A 11 -3.17 -4.99 4.99
N GLU A 12 -3.30 -4.26 6.10
CA GLU A 12 -2.14 -3.75 6.83
C GLU A 12 -1.22 -4.91 7.23
N LEU A 13 -1.80 -5.89 7.92
CA LEU A 13 -1.08 -7.08 8.37
C LEU A 13 -0.45 -7.83 7.20
N LEU A 14 -1.15 -7.84 6.07
CA LEU A 14 -0.65 -8.51 4.87
C LEU A 14 0.68 -7.89 4.43
N ILE A 15 0.71 -6.56 4.36
CA ILE A 15 1.93 -5.86 3.98
C ILE A 15 2.99 -5.98 5.08
N ARG A 16 2.54 -6.02 6.33
CA ARG A 16 3.43 -6.18 7.47
C ARG A 16 4.18 -7.50 7.39
N ASN A 17 3.49 -8.53 6.93
CA ASN A 17 4.09 -9.85 6.76
C ASN A 17 4.83 -9.95 5.43
N ALA A 18 4.40 -9.16 4.46
CA ALA A 18 5.06 -9.13 3.16
C ALA A 18 6.40 -8.43 3.27
N PHE A 19 6.39 -7.23 3.84
CA PHE A 19 7.61 -6.47 4.05
C PHE A 19 7.61 -5.87 5.45
N PRO A 20 8.21 -6.56 6.42
CA PRO A 20 8.29 -6.08 7.81
C PRO A 20 9.20 -4.86 7.93
N GLU A 21 10.03 -4.65 6.93
CA GLU A 21 10.96 -3.53 6.91
C GLU A 21 10.38 -2.38 6.08
N ALA A 22 9.07 -2.37 5.95
CA ALA A 22 8.38 -1.32 5.22
C ALA A 22 7.55 -0.46 6.17
N GLU A 23 7.65 0.86 6.03
CA GLU A 23 6.86 1.77 6.83
C GLU A 23 5.44 1.83 6.27
N ILE A 24 4.52 1.12 6.92
CA ILE A 24 3.15 1.06 6.47
C ILE A 24 2.35 2.21 7.08
N THR A 25 1.96 3.15 6.23
CA THR A 25 1.20 4.31 6.68
C THR A 25 -0.25 4.23 6.21
N VAL A 26 -1.16 4.04 7.14
CA VAL A 26 -2.58 3.96 6.82
C VAL A 26 -3.17 5.36 6.71
N THR A 27 -3.83 5.63 5.59
CA THR A 27 -4.34 6.96 5.32
C THR A 27 -5.83 6.92 5.00
N SER A 28 -6.62 7.56 5.86
CA SER A 28 -8.06 7.63 5.64
C SER A 28 -8.42 8.80 4.73
N LEU A 29 -8.88 8.47 3.53
CA LEU A 29 -9.30 9.49 2.59
C LEU A 29 -10.82 9.53 2.49
N VAL A 30 -11.39 10.63 2.92
CA VAL A 30 -12.83 10.79 2.89
C VAL A 30 -13.26 11.44 1.58
N GLY A 31 -13.60 10.61 0.60
CA GLY A 31 -14.03 11.10 -0.69
C GLY A 31 -15.45 10.68 -1.01
N ASP A 32 -15.59 9.88 -2.07
CA ASP A 32 -16.90 9.35 -2.45
C ASP A 32 -17.20 8.10 -1.62
N ASN A 33 -16.17 7.63 -0.94
CA ASN A 33 -16.25 6.44 -0.10
C ASN A 33 -15.18 6.52 0.97
N ASN A 34 -15.53 6.16 2.19
CA ASN A 34 -14.56 6.15 3.29
C ASN A 34 -13.59 4.99 3.10
N HIS A 35 -12.47 5.28 2.46
CA HIS A 35 -11.52 4.25 2.12
C HIS A 35 -10.16 4.57 2.72
N TYR A 36 -9.32 3.56 2.86
CA TYR A 36 -7.99 3.75 3.41
C TYR A 36 -6.93 3.43 2.37
N SER A 37 -5.99 4.34 2.22
CA SER A 37 -4.87 4.15 1.31
C SER A 37 -3.64 3.75 2.12
N ILE A 38 -2.80 2.91 1.56
CA ILE A 38 -1.64 2.43 2.26
C ILE A 38 -0.37 2.95 1.62
N LYS A 39 0.30 3.86 2.31
CA LYS A 39 1.59 4.36 1.85
C LYS A 39 2.71 3.49 2.40
N VAL A 40 3.43 2.84 1.51
CA VAL A 40 4.49 1.93 1.89
C VAL A 40 5.85 2.56 1.61
N ILE A 41 6.52 3.01 2.67
CA ILE A 41 7.83 3.61 2.55
C ILE A 41 8.90 2.62 2.98
N SER A 42 9.72 2.17 2.04
CA SER A 42 10.75 1.21 2.37
C SER A 42 11.94 1.32 1.43
N SER A 43 13.12 1.04 1.96
CA SER A 43 14.35 1.06 1.18
C SER A 43 14.31 -0.02 0.10
N GLN A 44 13.42 -0.99 0.28
CA GLN A 44 13.25 -2.06 -0.70
C GLN A 44 12.57 -1.53 -1.96
N PHE A 45 11.98 -0.35 -1.88
CA PHE A 45 11.36 0.29 -3.03
C PHE A 45 12.15 1.53 -3.45
N GLN A 46 13.11 1.90 -2.62
CA GLN A 46 13.88 3.12 -2.86
C GLN A 46 15.07 2.84 -3.76
N GLY A 47 15.17 3.58 -4.86
CA GLY A 47 16.29 3.43 -5.77
C GLY A 47 16.11 2.24 -6.70
N LYS A 48 14.88 1.78 -6.84
CA LYS A 48 14.58 0.64 -7.69
C LYS A 48 13.93 1.10 -8.98
N SER A 49 14.03 0.27 -10.01
CA SER A 49 13.36 0.55 -11.27
C SER A 49 11.85 0.62 -11.06
N LYS A 50 11.23 1.66 -11.62
CA LYS A 50 9.80 1.86 -11.48
C LYS A 50 9.02 0.71 -12.08
N LEU A 51 9.49 0.22 -13.22
CA LEU A 51 8.86 -0.92 -13.87
C LEU A 51 8.77 -2.09 -12.89
N GLU A 52 9.88 -2.36 -12.21
CA GLU A 52 9.96 -3.46 -11.26
C GLU A 52 8.99 -3.26 -10.10
N GLN A 53 8.93 -2.03 -9.59
CA GLN A 53 8.02 -1.70 -8.50
C GLN A 53 6.59 -2.00 -8.91
N HIS A 54 6.21 -1.55 -10.10
CA HIS A 54 4.85 -1.69 -10.58
C HIS A 54 4.54 -3.15 -10.87
N ARG A 55 5.52 -3.87 -11.43
CA ARG A 55 5.39 -5.31 -11.67
C ARG A 55 5.02 -6.03 -10.38
N MET A 56 5.82 -5.80 -9.35
CA MET A 56 5.63 -6.49 -8.09
C MET A 56 4.29 -6.14 -7.46
N ILE A 57 3.96 -4.85 -7.44
CA ILE A 57 2.71 -4.39 -6.84
C ILE A 57 1.50 -4.93 -7.61
N TYR A 58 1.57 -4.91 -8.94
CA TYR A 58 0.49 -5.43 -9.76
C TYR A 58 0.35 -6.94 -9.59
N LYS A 59 1.47 -7.62 -9.36
CA LYS A 59 1.47 -9.06 -9.20
C LYS A 59 0.88 -9.47 -7.85
N VAL A 60 1.19 -8.69 -6.81
CA VAL A 60 0.66 -8.99 -5.47
C VAL A 60 -0.77 -8.50 -5.31
N LEU A 61 -1.11 -7.41 -5.99
CA LEU A 61 -2.49 -6.89 -5.98
C LEU A 61 -3.34 -7.59 -7.03
N ASP A 62 -2.77 -8.59 -7.67
CA ASP A 62 -3.49 -9.40 -8.64
C ASP A 62 -4.60 -10.18 -7.96
N GLY A 63 -5.83 -9.92 -8.34
CA GLY A 63 -6.97 -10.51 -7.67
C GLY A 63 -7.86 -9.42 -7.10
N LEU A 64 -8.23 -8.48 -7.96
CA LEU A 64 -8.99 -7.31 -7.53
C LEU A 64 -10.49 -7.56 -7.70
N ASN A 65 -11.29 -6.82 -6.93
CA ASN A 65 -12.74 -6.92 -7.01
C ASN A 65 -13.34 -5.52 -6.91
N ILE A 66 -13.06 -4.84 -5.81
CA ILE A 66 -13.58 -3.51 -5.57
C ILE A 66 -12.62 -2.45 -6.11
N HIS A 67 -11.40 -2.47 -5.58
CA HIS A 67 -10.39 -1.49 -5.94
C HIS A 67 -9.01 -2.06 -5.64
N ALA A 68 -8.07 -1.86 -6.54
CA ALA A 68 -6.73 -2.43 -6.38
C ALA A 68 -5.70 -1.38 -6.03
N ILE A 69 -5.71 -0.26 -6.77
CA ILE A 69 -4.69 0.76 -6.60
C ILE A 69 -4.97 1.66 -5.39
N GLN A 70 -4.64 1.15 -4.22
CA GLN A 70 -4.67 1.94 -2.99
C GLN A 70 -3.35 1.76 -2.23
N ILE A 71 -2.35 1.28 -2.94
CA ILE A 71 -1.03 1.10 -2.39
C ILE A 71 -0.06 2.10 -3.01
N GLN A 72 0.51 2.95 -2.18
CA GLN A 72 1.42 3.99 -2.65
C GLN A 72 2.83 3.72 -2.13
N THR A 73 3.71 3.31 -3.03
CA THR A 73 5.07 3.00 -2.65
C THR A 73 5.96 4.23 -2.73
N GLY A 74 6.84 4.38 -1.74
CA GLY A 74 7.77 5.50 -1.73
C GLY A 74 8.85 5.34 -2.79
N CYS A 75 8.54 5.76 -4.00
CA CYS A 75 9.45 5.61 -5.13
C CYS A 75 10.49 6.72 -5.16
N LYS A 76 11.72 6.34 -5.48
CA LYS A 76 12.81 7.28 -5.65
C LYS A 76 13.51 7.00 -6.98
N PRO A 1 -9.20 12.12 17.63
CA PRO A 1 -9.95 11.86 16.39
C PRO A 1 -10.97 10.75 16.60
N GLY A 2 -12.25 11.10 16.47
CA GLY A 2 -13.31 10.13 16.65
C GLY A 2 -13.52 9.30 15.41
N SER A 3 -12.88 8.14 15.36
CA SER A 3 -13.00 7.24 14.24
C SER A 3 -13.68 5.95 14.69
N MET A 4 -14.80 5.61 14.05
CA MET A 4 -15.53 4.41 14.39
C MET A 4 -15.22 3.30 13.40
N THR A 5 -15.19 3.65 12.12
CA THR A 5 -14.88 2.68 11.08
C THR A 5 -13.38 2.36 11.09
N VAL A 6 -13.07 1.08 11.01
CA VAL A 6 -11.68 0.65 11.04
C VAL A 6 -11.08 0.66 9.63
N THR A 7 -9.76 0.68 9.58
CA THR A 7 -9.04 0.63 8.33
C THR A 7 -8.80 -0.83 7.92
N GLN A 8 -8.15 -1.05 6.79
CA GLN A 8 -7.85 -2.39 6.31
C GLN A 8 -6.73 -3.03 7.15
N SER A 9 -6.97 -3.13 8.44
CA SER A 9 -5.96 -3.55 9.40
C SER A 9 -5.54 -5.01 9.20
N GLN A 10 -6.37 -5.82 8.57
CA GLN A 10 -5.98 -7.20 8.28
C GLN A 10 -4.87 -7.19 7.24
N LEU A 11 -4.99 -6.31 6.25
CA LEU A 11 -3.98 -6.15 5.22
C LEU A 11 -2.74 -5.50 5.83
N GLU A 12 -2.96 -4.47 6.64
CA GLU A 12 -1.89 -3.79 7.35
C GLU A 12 -1.11 -4.79 8.20
N LEU A 13 -1.84 -5.54 9.02
CA LEU A 13 -1.25 -6.57 9.86
C LEU A 13 -0.46 -7.57 9.01
N LEU A 14 -1.05 -7.96 7.89
CA LEU A 14 -0.42 -8.90 6.97
C LEU A 14 0.95 -8.38 6.53
N ILE A 15 0.99 -7.12 6.09
CA ILE A 15 2.24 -6.50 5.65
C ILE A 15 3.27 -6.48 6.78
N ARG A 16 2.84 -6.06 7.97
CA ARG A 16 3.74 -5.95 9.12
C ARG A 16 4.24 -7.32 9.57
N ASN A 17 3.37 -8.32 9.51
CA ASN A 17 3.71 -9.65 9.98
C ASN A 17 4.52 -10.42 8.95
N ALA A 18 4.40 -10.02 7.69
CA ALA A 18 5.18 -10.62 6.63
C ALA A 18 6.54 -9.95 6.53
N PHE A 19 6.54 -8.62 6.51
CA PHE A 19 7.77 -7.85 6.42
C PHE A 19 7.83 -6.79 7.52
N PRO A 20 8.53 -7.09 8.63
CA PRO A 20 8.66 -6.17 9.75
C PRO A 20 9.45 -4.92 9.38
N GLU A 21 10.31 -5.05 8.37
CA GLU A 21 11.15 -3.96 7.90
C GLU A 21 10.39 -3.05 6.95
N ALA A 22 9.14 -3.40 6.68
CA ALA A 22 8.31 -2.59 5.81
C ALA A 22 7.44 -1.66 6.64
N GLU A 23 7.45 -0.38 6.30
CA GLU A 23 6.63 0.58 6.99
C GLU A 23 5.29 0.77 6.31
N ILE A 24 4.24 0.69 7.11
CA ILE A 24 2.88 0.80 6.60
C ILE A 24 2.31 2.17 6.96
N THR A 25 1.98 2.95 5.95
CA THR A 25 1.36 4.24 6.19
C THR A 25 -0.02 4.28 5.55
N VAL A 26 -1.05 4.25 6.38
CA VAL A 26 -2.42 4.29 5.86
C VAL A 26 -2.83 5.74 5.61
N THR A 27 -3.07 6.04 4.34
CA THR A 27 -3.40 7.37 3.93
C THR A 27 -4.91 7.55 3.85
N SER A 28 -5.44 8.35 4.76
CA SER A 28 -6.87 8.65 4.79
C SER A 28 -7.14 9.84 3.88
N LEU A 29 -8.01 9.65 2.90
CA LEU A 29 -8.26 10.69 1.92
C LEU A 29 -9.75 10.85 1.63
N VAL A 30 -10.42 9.75 1.31
CA VAL A 30 -11.81 9.81 0.90
C VAL A 30 -12.65 8.77 1.66
N GLY A 31 -13.91 9.12 1.88
CA GLY A 31 -14.84 8.21 2.51
C GLY A 31 -14.53 7.92 3.97
N ASP A 32 -15.29 6.99 4.54
CA ASP A 32 -15.08 6.55 5.92
C ASP A 32 -15.16 5.04 5.98
N ASN A 33 -16.33 4.50 5.67
CA ASN A 33 -16.50 3.06 5.53
C ASN A 33 -16.06 2.63 4.15
N ASN A 34 -14.84 3.01 3.78
CA ASN A 34 -14.31 2.80 2.45
C ASN A 34 -12.89 2.28 2.51
N HIS A 35 -12.28 2.12 1.34
CA HIS A 35 -10.88 1.72 1.26
C HIS A 35 -9.98 2.95 1.27
N TYR A 36 -8.90 2.86 2.03
CA TYR A 36 -7.95 3.95 2.12
C TYR A 36 -6.67 3.59 1.39
N SER A 37 -5.76 4.55 1.27
CA SER A 37 -4.55 4.34 0.51
C SER A 37 -3.47 3.70 1.38
N ILE A 38 -2.93 2.59 0.91
CA ILE A 38 -1.89 1.88 1.64
C ILE A 38 -0.53 2.22 1.07
N LYS A 39 0.23 3.03 1.79
CA LYS A 39 1.56 3.41 1.36
C LYS A 39 2.58 2.45 1.96
N VAL A 40 3.22 1.68 1.11
CA VAL A 40 4.20 0.69 1.54
C VAL A 40 5.61 1.24 1.39
N ILE A 41 6.29 1.43 2.51
CA ILE A 41 7.66 1.91 2.50
C ILE A 41 8.61 0.76 2.83
N SER A 42 9.22 0.20 1.81
CA SER A 42 10.16 -0.90 2.01
C SER A 42 11.49 -0.58 1.35
N SER A 43 12.57 -0.88 2.06
CA SER A 43 13.91 -0.64 1.57
C SER A 43 14.20 -1.57 0.39
N GLN A 44 13.39 -2.61 0.28
CA GLN A 44 13.49 -3.56 -0.83
C GLN A 44 13.01 -2.94 -2.13
N PHE A 45 12.42 -1.76 -2.07
CA PHE A 45 11.94 -1.07 -3.27
C PHE A 45 12.94 0.01 -3.72
N GLN A 46 13.94 0.31 -2.90
CA GLN A 46 14.88 1.38 -3.22
C GLN A 46 15.91 0.89 -4.23
N GLY A 47 16.31 1.76 -5.13
CA GLY A 47 17.26 1.39 -6.17
C GLY A 47 16.55 0.92 -7.42
N LYS A 48 15.35 0.40 -7.23
CA LYS A 48 14.51 -0.01 -8.33
C LYS A 48 13.61 1.14 -8.75
N SER A 49 13.45 1.30 -10.05
CA SER A 49 12.73 2.45 -10.58
C SER A 49 11.22 2.21 -10.52
N LYS A 50 10.45 3.27 -10.77
CA LYS A 50 9.00 3.20 -10.77
C LYS A 50 8.48 2.07 -11.64
N LEU A 51 9.18 1.81 -12.74
CA LEU A 51 8.73 0.84 -13.71
C LEU A 51 8.74 -0.57 -13.11
N GLU A 52 9.84 -0.94 -12.48
CA GLU A 52 9.96 -2.24 -11.82
C GLU A 52 8.89 -2.36 -10.73
N GLN A 53 8.73 -1.28 -9.96
CA GLN A 53 7.73 -1.23 -8.91
C GLN A 53 6.33 -1.43 -9.49
N HIS A 54 6.06 -0.75 -10.61
CA HIS A 54 4.77 -0.87 -11.27
C HIS A 54 4.51 -2.30 -11.72
N ARG A 55 5.52 -2.95 -12.26
CA ARG A 55 5.41 -4.35 -12.66
C ARG A 55 5.02 -5.22 -11.47
N MET A 56 5.76 -5.02 -10.38
CA MET A 56 5.54 -5.80 -9.19
C MET A 56 4.11 -5.64 -8.69
N ILE A 57 3.69 -4.39 -8.50
CA ILE A 57 2.33 -4.09 -8.08
C ILE A 57 1.32 -4.70 -9.05
N TYR A 58 1.61 -4.54 -10.34
CA TYR A 58 0.76 -5.03 -11.41
C TYR A 58 0.47 -6.51 -11.25
N LYS A 59 1.50 -7.32 -11.01
CA LYS A 59 1.30 -8.75 -10.88
C LYS A 59 0.92 -9.18 -9.47
N VAL A 60 1.27 -8.40 -8.45
CA VAL A 60 0.85 -8.70 -7.09
C VAL A 60 -0.65 -8.54 -6.95
N LEU A 61 -1.17 -7.41 -7.45
CA LEU A 61 -2.61 -7.18 -7.46
C LEU A 61 -3.26 -7.94 -8.61
N ASP A 62 -2.51 -8.06 -9.70
CA ASP A 62 -2.97 -8.73 -10.93
C ASP A 62 -4.20 -8.03 -11.49
N GLY A 63 -4.22 -6.71 -11.33
CA GLY A 63 -5.33 -5.93 -11.79
C GLY A 63 -4.93 -4.49 -12.02
N LEU A 64 -5.58 -3.86 -12.97
CA LEU A 64 -5.29 -2.47 -13.31
C LEU A 64 -5.90 -1.53 -12.29
N ASN A 65 -5.08 -1.08 -11.35
CA ASN A 65 -5.55 -0.17 -10.32
C ASN A 65 -5.20 1.27 -10.67
N ILE A 66 -5.73 1.74 -11.79
CA ILE A 66 -5.52 3.12 -12.22
C ILE A 66 -6.72 3.97 -11.80
N HIS A 67 -7.90 3.35 -11.84
CA HIS A 67 -9.12 4.00 -11.38
C HIS A 67 -9.01 4.34 -9.89
N ALA A 68 -8.61 3.35 -9.12
CA ALA A 68 -8.43 3.52 -7.69
C ALA A 68 -7.07 2.98 -7.29
N ILE A 69 -6.08 3.86 -7.30
CA ILE A 69 -4.72 3.49 -6.92
C ILE A 69 -4.57 3.54 -5.41
N GLN A 70 -4.84 2.40 -4.78
CA GLN A 70 -4.84 2.32 -3.32
C GLN A 70 -3.51 1.79 -2.78
N ILE A 71 -2.59 1.45 -3.67
CA ILE A 71 -1.26 1.05 -3.25
C ILE A 71 -0.23 2.08 -3.70
N GLN A 72 0.46 2.66 -2.74
CA GLN A 72 1.50 3.63 -3.04
C GLN A 72 2.83 3.10 -2.55
N THR A 73 3.77 2.92 -3.46
CA THR A 73 5.05 2.34 -3.13
C THR A 73 6.15 3.40 -3.13
N GLY A 74 6.92 3.43 -2.06
CA GLY A 74 8.09 4.29 -2.01
C GLY A 74 7.77 5.73 -1.64
N CYS A 75 8.80 6.46 -1.24
CA CYS A 75 8.67 7.88 -0.94
C CYS A 75 9.82 8.63 -1.60
N LYS A 76 9.53 9.79 -2.15
CA LYS A 76 10.53 10.56 -2.87
C LYS A 76 11.30 11.46 -1.90
N PRO A 1 -13.04 11.54 8.53
CA PRO A 1 -13.70 11.07 9.77
C PRO A 1 -13.62 9.57 9.87
N GLY A 2 -14.30 8.99 10.84
CA GLY A 2 -14.30 7.55 10.97
C GLY A 2 -15.06 7.06 12.19
N SER A 3 -16.37 7.14 12.14
CA SER A 3 -17.20 6.54 13.18
C SER A 3 -17.49 5.10 12.79
N MET A 4 -17.16 4.17 13.69
CA MET A 4 -17.26 2.74 13.42
C MET A 4 -16.33 2.36 12.27
N THR A 5 -15.20 3.07 12.18
CA THR A 5 -14.24 2.82 11.13
C THR A 5 -13.30 1.70 11.55
N VAL A 6 -12.77 0.99 10.56
CA VAL A 6 -11.85 -0.10 10.81
C VAL A 6 -11.01 -0.33 9.57
N THR A 7 -9.70 -0.50 9.76
CA THR A 7 -8.81 -0.77 8.66
C THR A 7 -8.86 -2.24 8.29
N GLN A 8 -8.45 -2.58 7.07
CA GLN A 8 -8.39 -3.97 6.65
C GLN A 8 -7.16 -4.62 7.27
N SER A 9 -7.35 -5.17 8.47
CA SER A 9 -6.27 -5.74 9.25
C SER A 9 -5.56 -6.87 8.51
N GLN A 10 -6.30 -7.64 7.72
CA GLN A 10 -5.70 -8.72 6.95
C GLN A 10 -4.71 -8.18 5.93
N LEU A 11 -5.05 -7.03 5.34
CA LEU A 11 -4.18 -6.37 4.37
C LEU A 11 -2.96 -5.80 5.08
N GLU A 12 -3.20 -5.18 6.23
CA GLU A 12 -2.13 -4.62 7.04
C GLU A 12 -1.17 -5.74 7.46
N LEU A 13 -1.73 -6.80 8.02
CA LEU A 13 -0.95 -7.97 8.40
C LEU A 13 -0.22 -8.55 7.19
N LEU A 14 -0.88 -8.56 6.04
CA LEU A 14 -0.27 -9.08 4.82
C LEU A 14 0.98 -8.29 4.48
N ILE A 15 0.86 -6.97 4.48
CA ILE A 15 2.00 -6.11 4.18
C ILE A 15 3.09 -6.25 5.24
N ARG A 16 2.66 -6.35 6.50
CA ARG A 16 3.61 -6.44 7.61
C ARG A 16 4.35 -7.77 7.61
N ASN A 17 3.67 -8.82 7.17
CA ASN A 17 4.27 -10.16 7.09
C ASN A 17 5.16 -10.26 5.85
N ALA A 18 4.77 -9.58 4.78
CA ALA A 18 5.54 -9.59 3.55
C ALA A 18 6.77 -8.71 3.66
N PHE A 19 6.59 -7.52 4.22
CA PHE A 19 7.69 -6.59 4.40
C PHE A 19 7.77 -6.13 5.86
N PRO A 20 8.51 -6.85 6.70
CA PRO A 20 8.71 -6.49 8.11
C PRO A 20 9.65 -5.31 8.27
N GLU A 21 10.04 -4.71 7.15
CA GLU A 21 10.92 -3.56 7.13
C GLU A 21 10.20 -2.34 6.58
N ALA A 22 8.88 -2.45 6.46
CA ALA A 22 8.08 -1.40 5.84
C ALA A 22 7.19 -0.68 6.84
N GLU A 23 7.23 0.64 6.79
CA GLU A 23 6.35 1.48 7.60
C GLU A 23 5.01 1.64 6.87
N ILE A 24 3.99 0.97 7.38
CA ILE A 24 2.68 0.94 6.73
C ILE A 24 1.79 2.07 7.22
N THR A 25 1.29 2.88 6.30
CA THR A 25 0.32 3.90 6.62
C THR A 25 -0.82 3.92 5.60
N VAL A 26 -2.06 3.87 6.08
CA VAL A 26 -3.20 3.99 5.20
C VAL A 26 -3.77 5.41 5.26
N THR A 27 -3.82 6.07 4.11
CA THR A 27 -4.25 7.46 4.04
C THR A 27 -5.46 7.62 3.13
N SER A 28 -6.56 8.12 3.69
CA SER A 28 -7.76 8.37 2.91
C SER A 28 -7.64 9.69 2.14
N LEU A 29 -7.95 9.64 0.85
CA LEU A 29 -7.83 10.82 0.00
C LEU A 29 -9.00 11.78 0.21
N VAL A 30 -8.91 12.60 1.27
CA VAL A 30 -9.95 13.57 1.67
C VAL A 30 -11.38 12.99 1.55
N GLY A 31 -11.49 11.69 1.74
CA GLY A 31 -12.76 11.02 1.63
C GLY A 31 -12.72 9.65 2.24
N ASP A 32 -13.63 9.39 3.17
CA ASP A 32 -13.60 8.15 3.95
C ASP A 32 -13.90 6.95 3.08
N ASN A 33 -14.85 7.10 2.17
CA ASN A 33 -15.24 6.01 1.27
C ASN A 33 -14.82 6.32 -0.16
N ASN A 34 -13.98 7.32 -0.34
CA ASN A 34 -13.55 7.74 -1.67
C ASN A 34 -12.43 6.83 -2.18
N HIS A 35 -11.21 7.08 -1.71
CA HIS A 35 -10.07 6.29 -2.10
C HIS A 35 -9.09 6.19 -0.95
N TYR A 36 -8.32 5.11 -0.93
CA TYR A 36 -7.30 4.91 0.09
C TYR A 36 -5.93 4.81 -0.56
N SER A 37 -4.95 5.48 0.02
CA SER A 37 -3.59 5.36 -0.43
C SER A 37 -2.81 4.55 0.60
N ILE A 38 -2.16 3.51 0.14
CA ILE A 38 -1.39 2.64 1.01
C ILE A 38 0.08 3.01 0.93
N LYS A 39 0.57 3.69 1.95
CA LYS A 39 1.95 4.14 1.99
C LYS A 39 2.82 3.04 2.58
N VAL A 40 3.74 2.53 1.76
CA VAL A 40 4.68 1.53 2.22
C VAL A 40 6.08 2.13 2.21
N ILE A 41 6.59 2.45 3.38
CA ILE A 41 7.92 3.04 3.49
C ILE A 41 8.96 1.96 3.78
N SER A 42 9.76 1.67 2.79
CA SER A 42 10.83 0.70 2.92
C SER A 42 11.97 1.06 1.98
N SER A 43 13.19 0.98 2.47
CA SER A 43 14.37 1.30 1.67
C SER A 43 14.59 0.24 0.60
N GLN A 44 13.74 -0.78 0.61
CA GLN A 44 13.77 -1.83 -0.39
C GLN A 44 13.08 -1.37 -1.66
N PHE A 45 12.22 -0.34 -1.54
CA PHE A 45 11.49 0.17 -2.68
C PHE A 45 12.27 1.25 -3.41
N GLN A 46 13.35 1.71 -2.81
CA GLN A 46 14.17 2.75 -3.41
C GLN A 46 15.11 2.15 -4.44
N GLY A 47 15.09 2.71 -5.64
CA GLY A 47 15.94 2.21 -6.71
C GLY A 47 15.19 1.27 -7.63
N LYS A 48 13.90 1.09 -7.36
CA LYS A 48 13.05 0.26 -8.21
C LYS A 48 12.37 1.12 -9.27
N SER A 49 12.42 0.65 -10.51
CA SER A 49 11.79 1.35 -11.62
C SER A 49 10.28 1.17 -11.57
N LYS A 50 9.55 2.10 -12.20
CA LYS A 50 8.09 2.11 -12.14
C LYS A 50 7.47 0.79 -12.58
N LEU A 51 8.00 0.21 -13.66
CA LEU A 51 7.45 -1.05 -14.15
C LEU A 51 7.58 -2.15 -13.10
N GLU A 52 8.75 -2.21 -12.47
CA GLU A 52 8.99 -3.18 -11.42
C GLU A 52 8.09 -2.89 -10.22
N GLN A 53 7.93 -1.61 -9.89
CA GLN A 53 7.04 -1.20 -8.82
C GLN A 53 5.62 -1.68 -9.11
N HIS A 54 5.17 -1.46 -10.34
CA HIS A 54 3.83 -1.87 -10.75
C HIS A 54 3.69 -3.39 -10.65
N ARG A 55 4.67 -4.08 -11.19
CA ARG A 55 4.70 -5.54 -11.16
C ARG A 55 4.56 -6.07 -9.73
N MET A 56 5.40 -5.56 -8.85
CA MET A 56 5.41 -6.02 -7.47
C MET A 56 4.07 -5.76 -6.79
N ILE A 57 3.56 -4.54 -6.93
CA ILE A 57 2.30 -4.15 -6.30
C ILE A 57 1.13 -4.97 -6.85
N TYR A 58 1.05 -5.06 -8.17
CA TYR A 58 -0.02 -5.82 -8.81
C TYR A 58 0.06 -7.29 -8.46
N LYS A 59 1.27 -7.79 -8.25
CA LYS A 59 1.48 -9.18 -7.87
C LYS A 59 1.05 -9.42 -6.42
N VAL A 60 1.51 -8.57 -5.50
CA VAL A 60 1.23 -8.76 -4.07
C VAL A 60 -0.24 -8.49 -3.75
N LEU A 61 -0.83 -7.53 -4.45
CA LEU A 61 -2.25 -7.23 -4.26
C LEU A 61 -3.10 -8.14 -5.14
N ASP A 62 -2.44 -8.76 -6.11
CA ASP A 62 -3.07 -9.64 -7.09
C ASP A 62 -4.20 -8.92 -7.82
N GLY A 63 -3.82 -8.09 -8.77
CA GLY A 63 -4.77 -7.33 -9.55
C GLY A 63 -4.14 -6.74 -10.79
N LEU A 64 -4.07 -7.54 -11.84
CA LEU A 64 -3.46 -7.09 -13.10
C LEU A 64 -4.48 -6.31 -13.93
N ASN A 65 -5.71 -6.25 -13.46
CA ASN A 65 -6.79 -5.62 -14.20
C ASN A 65 -6.77 -4.10 -14.04
N ILE A 66 -6.96 -3.64 -12.81
CA ILE A 66 -7.06 -2.21 -12.55
C ILE A 66 -5.68 -1.55 -12.55
N HIS A 67 -5.60 -0.36 -13.13
CA HIS A 67 -4.35 0.38 -13.15
C HIS A 67 -4.53 1.73 -12.46
N ALA A 68 -4.39 1.71 -11.15
CA ALA A 68 -4.53 2.92 -10.36
C ALA A 68 -3.44 2.99 -9.31
N ILE A 69 -2.68 4.07 -9.31
CA ILE A 69 -1.59 4.24 -8.36
C ILE A 69 -2.14 4.73 -7.02
N GLN A 70 -2.61 3.79 -6.22
CA GLN A 70 -3.07 4.07 -4.88
C GLN A 70 -2.02 3.59 -3.87
N ILE A 71 -0.90 3.14 -4.42
CA ILE A 71 0.21 2.66 -3.62
C ILE A 71 1.23 3.79 -3.48
N GLN A 72 1.54 4.15 -2.24
CA GLN A 72 2.43 5.26 -2.00
C GLN A 72 3.79 4.78 -1.53
N THR A 73 4.78 4.94 -2.40
CA THR A 73 6.14 4.59 -2.08
C THR A 73 7.06 5.79 -2.28
N GLY A 74 8.10 5.90 -1.45
CA GLY A 74 8.97 7.05 -1.51
C GLY A 74 10.10 6.89 -2.50
N CYS A 75 9.81 6.29 -3.65
CA CYS A 75 10.81 6.10 -4.68
C CYS A 75 10.64 7.15 -5.77
N LYS A 76 11.73 7.53 -6.41
CA LYS A 76 11.70 8.56 -7.44
C LYS A 76 11.93 7.94 -8.81
N PRO A 1 -6.73 7.95 16.14
CA PRO A 1 -7.97 7.28 16.58
C PRO A 1 -7.69 5.86 17.04
N GLY A 2 -7.13 5.05 16.15
CA GLY A 2 -6.67 3.73 16.51
C GLY A 2 -7.78 2.79 16.92
N SER A 3 -7.82 2.46 18.20
CA SER A 3 -8.71 1.43 18.74
C SER A 3 -10.18 1.78 18.57
N MET A 4 -10.48 3.07 18.45
CA MET A 4 -11.86 3.51 18.32
C MET A 4 -12.34 3.41 16.87
N THR A 5 -11.42 3.06 15.98
CA THR A 5 -11.72 2.93 14.57
C THR A 5 -11.32 1.55 14.07
N VAL A 6 -11.65 1.24 12.83
CA VAL A 6 -11.26 -0.03 12.24
C VAL A 6 -10.42 0.18 11.00
N THR A 7 -9.32 -0.55 10.92
CA THR A 7 -8.48 -0.54 9.75
C THR A 7 -8.54 -1.90 9.06
N GLN A 8 -8.05 -1.98 7.84
CA GLN A 8 -8.02 -3.24 7.12
C GLN A 8 -6.89 -4.11 7.67
N SER A 9 -7.23 -4.92 8.66
CA SER A 9 -6.24 -5.77 9.32
C SER A 9 -5.59 -6.73 8.35
N GLN A 10 -6.35 -7.19 7.37
CA GLN A 10 -5.83 -8.09 6.35
C GLN A 10 -4.75 -7.39 5.53
N LEU A 11 -4.97 -6.10 5.25
CA LEU A 11 -4.00 -5.31 4.50
C LEU A 11 -2.74 -5.08 5.34
N GLU A 12 -2.94 -4.63 6.57
CA GLU A 12 -1.84 -4.45 7.52
C GLU A 12 -1.02 -5.74 7.64
N LEU A 13 -1.72 -6.83 7.91
CA LEU A 13 -1.10 -8.14 8.06
C LEU A 13 -0.37 -8.55 6.79
N LEU A 14 -1.03 -8.41 5.65
CA LEU A 14 -0.46 -8.85 4.37
C LEU A 14 0.87 -8.16 4.10
N ILE A 15 0.89 -6.84 4.21
CA ILE A 15 2.10 -6.07 3.92
C ILE A 15 3.17 -6.34 4.97
N ARG A 16 2.75 -6.43 6.23
CA ARG A 16 3.68 -6.66 7.34
C ARG A 16 4.33 -8.04 7.23
N ASN A 17 3.54 -9.03 6.82
CA ASN A 17 4.04 -10.39 6.67
C ASN A 17 4.89 -10.52 5.41
N ALA A 18 4.54 -9.76 4.38
CA ALA A 18 5.28 -9.78 3.12
C ALA A 18 6.59 -9.02 3.25
N PHE A 19 6.54 -7.80 3.76
CA PHE A 19 7.72 -6.97 3.92
C PHE A 19 7.79 -6.39 5.32
N PRO A 20 8.54 -7.02 6.23
CA PRO A 20 8.71 -6.55 7.61
C PRO A 20 9.60 -5.30 7.69
N GLU A 21 10.26 -4.99 6.59
CA GLU A 21 11.15 -3.84 6.52
C GLU A 21 10.43 -2.63 5.90
N ALA A 22 9.12 -2.76 5.72
CA ALA A 22 8.34 -1.70 5.12
C ALA A 22 7.48 -0.99 6.15
N GLU A 23 7.49 0.33 6.11
CA GLU A 23 6.63 1.13 6.97
C GLU A 23 5.24 1.22 6.36
N ILE A 24 4.27 0.65 7.04
CA ILE A 24 2.90 0.61 6.56
C ILE A 24 2.11 1.79 7.09
N THR A 25 1.74 2.71 6.21
CA THR A 25 0.98 3.87 6.62
C THR A 25 -0.28 4.05 5.76
N VAL A 26 -1.42 3.74 6.33
CA VAL A 26 -2.69 3.92 5.63
C VAL A 26 -3.17 5.37 5.77
N THR A 27 -3.49 5.98 4.65
CA THR A 27 -3.99 7.35 4.64
C THR A 27 -5.48 7.35 4.33
N SER A 28 -6.27 7.96 5.20
CA SER A 28 -7.71 7.97 5.04
C SER A 28 -8.16 9.20 4.26
N LEU A 29 -8.89 8.96 3.18
CA LEU A 29 -9.46 10.03 2.37
C LEU A 29 -10.96 9.83 2.26
N VAL A 30 -11.57 10.47 1.25
CA VAL A 30 -12.99 10.27 0.99
C VAL A 30 -13.25 8.84 0.53
N GLY A 31 -14.30 8.23 1.07
CA GLY A 31 -14.55 6.83 0.79
C GLY A 31 -13.75 5.94 1.73
N ASP A 32 -13.80 6.30 3.01
CA ASP A 32 -12.98 5.69 4.05
C ASP A 32 -12.99 4.16 3.98
N ASN A 33 -14.14 3.58 4.29
CA ASN A 33 -14.24 2.14 4.53
C ASN A 33 -14.30 1.35 3.22
N ASN A 34 -13.91 1.97 2.13
CA ASN A 34 -13.91 1.27 0.85
C ASN A 34 -12.53 1.31 0.20
N HIS A 35 -11.82 2.42 0.39
CA HIS A 35 -10.50 2.57 -0.22
C HIS A 35 -9.65 3.58 0.53
N TYR A 36 -8.56 3.10 1.11
CA TYR A 36 -7.57 3.97 1.72
C TYR A 36 -6.37 4.07 0.80
N SER A 37 -5.58 5.12 0.95
CA SER A 37 -4.34 5.24 0.22
C SER A 37 -3.23 4.64 1.07
N ILE A 38 -2.59 3.61 0.57
CA ILE A 38 -1.61 2.89 1.34
C ILE A 38 -0.19 3.33 0.99
N LYS A 39 0.44 4.00 1.93
CA LYS A 39 1.82 4.40 1.79
C LYS A 39 2.73 3.28 2.25
N VAL A 40 3.41 2.65 1.32
CA VAL A 40 4.41 1.67 1.68
C VAL A 40 5.76 2.35 1.65
N ILE A 41 6.29 2.64 2.82
CA ILE A 41 7.53 3.37 2.94
C ILE A 41 8.68 2.39 3.16
N SER A 42 9.45 2.15 2.11
CA SER A 42 10.57 1.25 2.19
C SER A 42 11.68 1.67 1.24
N SER A 43 12.90 1.66 1.74
CA SER A 43 14.09 1.98 0.94
C SER A 43 14.22 1.00 -0.23
N GLN A 44 13.52 -0.12 -0.13
CA GLN A 44 13.57 -1.15 -1.14
C GLN A 44 12.80 -0.75 -2.40
N PHE A 45 11.98 0.29 -2.29
CA PHE A 45 11.24 0.80 -3.45
C PHE A 45 12.00 1.90 -4.15
N GLN A 46 13.07 2.39 -3.52
CA GLN A 46 13.82 3.50 -4.06
C GLN A 46 15.01 3.00 -4.87
N GLY A 47 15.09 3.45 -6.11
CA GLY A 47 16.14 2.99 -7.00
C GLY A 47 15.66 1.90 -7.91
N LYS A 48 14.60 1.23 -7.49
CA LYS A 48 13.98 0.17 -8.28
C LYS A 48 13.27 0.78 -9.49
N SER A 49 13.17 0.02 -10.57
CA SER A 49 12.46 0.48 -11.74
C SER A 49 10.97 0.62 -11.43
N LYS A 50 10.31 1.55 -12.10
CA LYS A 50 8.87 1.71 -11.94
C LYS A 50 8.15 0.46 -12.44
N LEU A 51 8.74 -0.20 -13.44
CA LEU A 51 8.18 -1.44 -13.94
C LEU A 51 8.21 -2.50 -12.84
N GLU A 52 9.33 -2.56 -12.12
CA GLU A 52 9.46 -3.47 -10.99
C GLU A 52 8.43 -3.11 -9.92
N GLN A 53 8.37 -1.82 -9.59
CA GLN A 53 7.42 -1.31 -8.62
C GLN A 53 5.99 -1.70 -8.98
N HIS A 54 5.62 -1.50 -10.24
CA HIS A 54 4.27 -1.81 -10.71
C HIS A 54 3.99 -3.30 -10.61
N ARG A 55 4.96 -4.12 -10.99
CA ARG A 55 4.82 -5.57 -10.92
C ARG A 55 4.76 -6.05 -9.49
N MET A 56 5.60 -5.47 -8.63
CA MET A 56 5.63 -5.86 -7.23
C MET A 56 4.28 -5.59 -6.59
N ILE A 57 3.76 -4.38 -6.79
CA ILE A 57 2.45 -4.03 -6.25
C ILE A 57 1.36 -4.91 -6.88
N TYR A 58 1.52 -5.19 -8.16
CA TYR A 58 0.59 -6.02 -8.91
C TYR A 58 0.51 -7.41 -8.27
N LYS A 59 1.65 -7.92 -7.80
CA LYS A 59 1.69 -9.24 -7.20
C LYS A 59 1.34 -9.20 -5.71
N VAL A 60 1.82 -8.19 -4.98
CA VAL A 60 1.54 -8.11 -3.54
C VAL A 60 0.06 -7.88 -3.27
N LEU A 61 -0.59 -7.10 -4.13
CA LEU A 61 -2.04 -6.92 -4.03
C LEU A 61 -2.73 -8.13 -4.66
N ASP A 62 -2.02 -8.76 -5.60
CA ASP A 62 -2.49 -9.95 -6.30
C ASP A 62 -3.87 -9.72 -6.92
N GLY A 63 -3.88 -8.93 -7.97
CA GLY A 63 -5.12 -8.62 -8.65
C GLY A 63 -4.85 -7.71 -9.83
N LEU A 64 -5.89 -7.06 -10.32
CA LEU A 64 -5.76 -6.19 -11.47
C LEU A 64 -5.45 -4.76 -11.04
N ASN A 65 -4.17 -4.42 -11.07
CA ASN A 65 -3.73 -3.07 -10.75
C ASN A 65 -3.82 -2.19 -11.99
N ILE A 66 -4.75 -1.25 -11.97
CA ILE A 66 -5.06 -0.44 -13.13
C ILE A 66 -4.38 0.93 -13.11
N HIS A 67 -4.31 1.54 -11.93
CA HIS A 67 -3.73 2.87 -11.78
C HIS A 67 -3.12 3.02 -10.39
N ALA A 68 -2.06 3.81 -10.27
CA ALA A 68 -1.42 4.07 -8.99
C ALA A 68 -2.24 5.06 -8.15
N ILE A 69 -3.42 4.64 -7.76
CA ILE A 69 -4.31 5.48 -6.95
C ILE A 69 -4.33 5.00 -5.51
N GLN A 70 -4.45 3.69 -5.33
CA GLN A 70 -4.52 3.09 -4.01
C GLN A 70 -3.15 2.99 -3.37
N ILE A 71 -2.14 2.72 -4.20
CA ILE A 71 -0.80 2.49 -3.71
C ILE A 71 0.06 3.76 -3.81
N GLN A 72 0.71 4.10 -2.71
CA GLN A 72 1.64 5.21 -2.70
C GLN A 72 2.99 4.74 -2.16
N THR A 73 4.00 4.80 -3.01
CA THR A 73 5.32 4.34 -2.63
C THR A 73 6.31 5.49 -2.58
N GLY A 74 7.01 5.61 -1.46
CA GLY A 74 7.96 6.69 -1.29
C GLY A 74 7.35 7.85 -0.54
N CYS A 75 7.99 8.26 0.54
CA CYS A 75 7.49 9.38 1.32
C CYS A 75 7.96 10.70 0.72
N LYS A 76 6.99 11.49 0.26
CA LYS A 76 7.27 12.77 -0.36
C LYS A 76 5.97 13.55 -0.53
N PRO A 1 -21.29 -18.38 8.66
CA PRO A 1 -21.06 -16.94 8.52
C PRO A 1 -21.51 -16.45 7.15
N GLY A 2 -22.02 -15.22 7.10
CA GLY A 2 -22.53 -14.69 5.85
C GLY A 2 -21.54 -13.77 5.17
N SER A 3 -22.03 -12.72 4.53
CA SER A 3 -21.18 -11.76 3.84
C SER A 3 -20.53 -10.81 4.84
N MET A 4 -19.34 -11.18 5.29
CA MET A 4 -18.61 -10.37 6.26
C MET A 4 -17.63 -9.45 5.55
N THR A 5 -17.56 -8.21 6.01
CA THR A 5 -16.63 -7.24 5.46
C THR A 5 -15.26 -7.38 6.10
N VAL A 6 -14.22 -7.01 5.37
CA VAL A 6 -12.85 -7.16 5.85
C VAL A 6 -12.36 -5.89 6.54
N THR A 7 -11.46 -6.06 7.50
CA THR A 7 -10.92 -4.94 8.25
C THR A 7 -9.58 -4.50 7.66
N GLN A 8 -9.10 -3.34 8.08
CA GLN A 8 -7.82 -2.83 7.62
C GLN A 8 -6.68 -3.63 8.23
N SER A 9 -6.99 -4.37 9.31
CA SER A 9 -6.01 -5.22 9.96
C SER A 9 -5.52 -6.31 9.01
N GLN A 10 -6.44 -6.83 8.19
CA GLN A 10 -6.13 -7.85 7.21
C GLN A 10 -5.14 -7.29 6.19
N LEU A 11 -5.38 -6.06 5.76
CA LEU A 11 -4.52 -5.40 4.79
C LEU A 11 -3.13 -5.17 5.37
N GLU A 12 -3.08 -4.64 6.59
CA GLU A 12 -1.81 -4.41 7.27
C GLU A 12 -1.01 -5.70 7.39
N LEU A 13 -1.65 -6.74 7.91
CA LEU A 13 -0.99 -8.03 8.08
C LEU A 13 -0.44 -8.54 6.74
N LEU A 14 -1.26 -8.49 5.71
CA LEU A 14 -0.87 -8.97 4.38
C LEU A 14 0.42 -8.30 3.91
N ILE A 15 0.44 -6.97 3.98
CA ILE A 15 1.58 -6.20 3.52
C ILE A 15 2.79 -6.43 4.44
N ARG A 16 2.53 -6.51 5.73
CA ARG A 16 3.59 -6.65 6.74
C ARG A 16 4.20 -8.04 6.70
N ASN A 17 3.44 -9.02 6.21
CA ASN A 17 3.97 -10.38 6.03
C ASN A 17 4.76 -10.46 4.74
N ALA A 18 4.20 -9.89 3.68
CA ALA A 18 4.85 -9.90 2.38
C ALA A 18 6.15 -9.11 2.42
N PHE A 19 6.09 -7.91 2.99
CA PHE A 19 7.27 -7.09 3.15
C PHE A 19 7.44 -6.67 4.61
N PRO A 20 8.25 -7.41 5.37
CA PRO A 20 8.53 -7.10 6.78
C PRO A 20 9.33 -5.81 6.91
N GLU A 21 9.89 -5.37 5.80
CA GLU A 21 10.72 -4.18 5.75
C GLU A 21 9.87 -2.93 5.51
N ALA A 22 8.62 -3.14 5.14
CA ALA A 22 7.78 -2.04 4.70
C ALA A 22 6.91 -1.49 5.81
N GLU A 23 6.95 -0.17 5.97
CA GLU A 23 6.07 0.52 6.90
C GLU A 23 4.79 0.90 6.19
N ILE A 24 3.67 0.47 6.74
CA ILE A 24 2.38 0.70 6.12
C ILE A 24 1.73 1.97 6.67
N THR A 25 1.64 2.99 5.84
CA THR A 25 1.03 4.24 6.25
C THR A 25 -0.32 4.44 5.55
N VAL A 26 -1.40 4.25 6.29
CA VAL A 26 -2.73 4.39 5.74
C VAL A 26 -3.18 5.85 5.76
N THR A 27 -3.20 6.46 4.60
CA THR A 27 -3.62 7.85 4.47
C THR A 27 -5.09 7.92 4.06
N SER A 28 -5.89 8.61 4.86
CA SER A 28 -7.31 8.76 4.58
C SER A 28 -7.52 9.84 3.51
N LEU A 29 -8.36 9.55 2.54
CA LEU A 29 -8.62 10.48 1.45
C LEU A 29 -9.95 11.19 1.68
N VAL A 30 -9.90 12.52 1.69
CA VAL A 30 -11.07 13.34 1.97
C VAL A 30 -12.14 13.20 0.89
N GLY A 31 -13.34 13.70 1.19
CA GLY A 31 -14.43 13.61 0.25
C GLY A 31 -15.62 12.89 0.82
N ASP A 32 -16.19 11.98 0.06
CA ASP A 32 -17.36 11.23 0.51
C ASP A 32 -17.21 9.75 0.16
N ASN A 33 -16.09 9.42 -0.46
CA ASN A 33 -15.84 8.05 -0.87
C ASN A 33 -14.90 7.37 0.12
N ASN A 34 -15.08 6.08 0.32
CA ASN A 34 -14.17 5.32 1.17
C ASN A 34 -12.91 5.00 0.39
N HIS A 35 -12.03 5.98 0.31
CA HIS A 35 -10.79 5.83 -0.43
C HIS A 35 -9.62 6.10 0.50
N TYR A 36 -8.61 5.26 0.41
CA TYR A 36 -7.39 5.44 1.19
C TYR A 36 -6.18 5.29 0.30
N SER A 37 -5.07 5.83 0.75
CA SER A 37 -3.80 5.61 0.10
C SER A 37 -2.85 4.93 1.09
N ILE A 38 -2.39 3.75 0.74
CA ILE A 38 -1.49 3.01 1.60
C ILE A 38 -0.05 3.19 1.14
N LYS A 39 0.68 4.01 1.88
CA LYS A 39 2.04 4.33 1.52
C LYS A 39 2.99 3.28 2.10
N VAL A 40 3.61 2.54 1.19
CA VAL A 40 4.53 1.49 1.55
C VAL A 40 5.95 2.02 1.61
N ILE A 41 6.47 2.16 2.82
CA ILE A 41 7.84 2.64 3.01
C ILE A 41 8.80 1.47 3.14
N SER A 42 9.55 1.19 2.08
CA SER A 42 10.51 0.09 2.10
C SER A 42 11.60 0.32 1.06
N SER A 43 12.85 0.17 1.48
CA SER A 43 13.99 0.35 0.60
C SER A 43 14.01 -0.73 -0.48
N GLN A 44 13.21 -1.77 -0.29
CA GLN A 44 13.05 -2.83 -1.28
C GLN A 44 12.44 -2.27 -2.57
N PHE A 45 11.69 -1.18 -2.46
CA PHE A 45 11.09 -0.55 -3.63
C PHE A 45 12.03 0.49 -4.23
N GLN A 46 13.10 0.79 -3.51
CA GLN A 46 14.08 1.77 -3.95
C GLN A 46 15.10 1.09 -4.86
N GLY A 47 15.45 1.76 -5.94
CA GLY A 47 16.42 1.22 -6.87
C GLY A 47 15.77 0.57 -8.08
N LYS A 48 14.45 0.41 -8.01
CA LYS A 48 13.71 -0.20 -9.10
C LYS A 48 12.97 0.86 -9.90
N SER A 49 12.79 0.62 -11.19
CA SER A 49 12.08 1.56 -12.05
C SER A 49 10.58 1.34 -11.95
N LYS A 50 9.80 2.25 -12.55
CA LYS A 50 8.35 2.25 -12.40
C LYS A 50 7.72 0.89 -12.73
N LEU A 51 8.14 0.28 -13.83
CA LEU A 51 7.55 -0.98 -14.26
C LEU A 51 7.78 -2.06 -13.20
N GLU A 52 9.02 -2.15 -12.72
CA GLU A 52 9.38 -3.10 -11.66
C GLU A 52 8.56 -2.83 -10.41
N GLN A 53 8.45 -1.56 -10.03
CA GLN A 53 7.71 -1.16 -8.84
C GLN A 53 6.25 -1.58 -8.95
N HIS A 54 5.64 -1.29 -10.09
CA HIS A 54 4.23 -1.61 -10.30
C HIS A 54 4.02 -3.11 -10.24
N ARG A 55 4.93 -3.86 -10.85
CA ARG A 55 4.85 -5.32 -10.83
C ARG A 55 5.00 -5.87 -9.43
N MET A 56 5.86 -5.26 -8.63
CA MET A 56 6.02 -5.66 -7.24
C MET A 56 4.74 -5.39 -6.47
N ILE A 57 4.08 -4.29 -6.79
CA ILE A 57 2.78 -3.97 -6.22
C ILE A 57 1.75 -5.04 -6.60
N TYR A 58 1.81 -5.50 -7.84
CA TYR A 58 0.92 -6.56 -8.31
C TYR A 58 1.22 -7.86 -7.57
N LYS A 59 2.49 -8.08 -7.25
CA LYS A 59 2.90 -9.27 -6.51
C LYS A 59 2.34 -9.27 -5.09
N VAL A 60 2.54 -8.18 -4.38
CA VAL A 60 2.17 -8.10 -2.97
C VAL A 60 0.65 -8.00 -2.79
N LEU A 61 -0.02 -7.28 -3.68
CA LEU A 61 -1.45 -7.06 -3.55
C LEU A 61 -2.24 -8.18 -4.25
N ASP A 62 -1.61 -8.79 -5.25
CA ASP A 62 -2.29 -9.74 -6.13
C ASP A 62 -3.50 -9.08 -6.76
N GLY A 63 -3.23 -8.15 -7.67
CA GLY A 63 -4.30 -7.39 -8.28
C GLY A 63 -4.58 -7.82 -9.70
N LEU A 64 -5.17 -6.92 -10.47
CA LEU A 64 -5.56 -7.19 -11.84
C LEU A 64 -5.49 -5.89 -12.63
N ASN A 65 -6.10 -5.88 -13.81
CA ASN A 65 -6.15 -4.69 -14.65
C ASN A 65 -7.08 -3.62 -14.03
N ILE A 66 -6.52 -2.86 -13.10
CA ILE A 66 -7.27 -1.81 -12.42
C ILE A 66 -6.87 -0.43 -12.95
N HIS A 67 -7.51 0.60 -12.44
CA HIS A 67 -7.20 1.97 -12.82
C HIS A 67 -7.12 2.87 -11.59
N ALA A 68 -7.55 2.36 -10.46
CA ALA A 68 -7.60 3.15 -9.23
C ALA A 68 -6.23 3.16 -8.54
N ILE A 69 -5.94 4.24 -7.83
CA ILE A 69 -4.68 4.35 -7.11
C ILE A 69 -4.93 4.29 -5.60
N GLN A 70 -4.78 3.10 -5.04
CA GLN A 70 -4.99 2.90 -3.61
C GLN A 70 -3.65 2.71 -2.89
N ILE A 71 -2.60 2.46 -3.66
CA ILE A 71 -1.30 2.17 -3.09
C ILE A 71 -0.25 3.19 -3.55
N GLN A 72 0.59 3.59 -2.61
CA GLN A 72 1.68 4.52 -2.89
C GLN A 72 2.95 3.99 -2.26
N THR A 73 4.09 4.28 -2.86
CA THR A 73 5.35 3.76 -2.34
C THR A 73 6.31 4.89 -1.97
N GLY A 74 7.03 4.71 -0.88
CA GLY A 74 8.02 5.68 -0.47
C GLY A 74 9.35 5.42 -1.13
N CYS A 75 9.49 5.88 -2.36
CA CYS A 75 10.68 5.63 -3.14
C CYS A 75 11.42 6.93 -3.45
N LYS A 76 12.75 6.88 -3.31
CA LYS A 76 13.62 8.03 -3.57
C LYS A 76 13.32 9.17 -2.60
N PRO A 1 -14.53 16.82 17.50
CA PRO A 1 -14.00 15.49 17.14
C PRO A 1 -13.97 15.31 15.64
N GLY A 2 -13.10 14.41 15.17
CA GLY A 2 -13.06 14.10 13.76
C GLY A 2 -14.00 12.97 13.41
N SER A 3 -13.44 11.79 13.23
CA SER A 3 -14.24 10.62 12.90
C SER A 3 -13.82 9.43 13.73
N MET A 4 -14.77 8.57 14.09
CA MET A 4 -14.46 7.35 14.80
C MET A 4 -13.94 6.30 13.82
N THR A 5 -12.74 6.55 13.31
CA THR A 5 -12.17 5.70 12.28
C THR A 5 -11.42 4.52 12.88
N VAL A 6 -11.99 3.33 12.70
CA VAL A 6 -11.31 2.10 13.08
C VAL A 6 -10.50 1.60 11.89
N THR A 7 -9.26 1.23 12.12
CA THR A 7 -8.39 0.78 11.05
C THR A 7 -8.57 -0.73 10.84
N GLN A 8 -8.21 -1.22 9.67
CA GLN A 8 -8.31 -2.64 9.37
C GLN A 8 -7.02 -3.34 9.76
N SER A 9 -7.00 -3.86 10.98
CA SER A 9 -5.81 -4.51 11.51
C SER A 9 -5.48 -5.78 10.73
N GLN A 10 -6.49 -6.37 10.12
CA GLN A 10 -6.31 -7.52 9.26
C GLN A 10 -5.53 -7.12 8.00
N LEU A 11 -5.86 -5.95 7.47
CA LEU A 11 -5.18 -5.43 6.29
C LEU A 11 -3.73 -5.08 6.65
N GLU A 12 -3.56 -4.48 7.83
CA GLU A 12 -2.25 -4.17 8.34
C GLU A 12 -1.44 -5.45 8.56
N LEU A 13 -2.12 -6.46 9.09
CA LEU A 13 -1.51 -7.77 9.30
C LEU A 13 -1.05 -8.37 7.99
N LEU A 14 -1.87 -8.19 6.95
CA LEU A 14 -1.53 -8.67 5.61
C LEU A 14 -0.24 -8.01 5.12
N ILE A 15 -0.18 -6.68 5.22
CA ILE A 15 1.01 -5.94 4.80
C ILE A 15 2.20 -6.29 5.69
N ARG A 16 1.93 -6.52 6.97
CA ARG A 16 2.97 -6.84 7.93
C ARG A 16 3.57 -8.22 7.64
N ASN A 17 2.75 -9.12 7.15
CA ASN A 17 3.23 -10.45 6.78
C ASN A 17 3.89 -10.43 5.41
N ALA A 18 3.44 -9.54 4.55
CA ALA A 18 4.04 -9.38 3.22
C ALA A 18 5.38 -8.67 3.31
N PHE A 19 5.38 -7.47 3.91
CA PHE A 19 6.59 -6.68 4.07
C PHE A 19 6.69 -6.19 5.52
N PRO A 20 7.24 -7.02 6.41
CA PRO A 20 7.27 -6.74 7.86
C PRO A 20 8.18 -5.55 8.21
N GLU A 21 9.36 -5.51 7.61
CA GLU A 21 10.36 -4.52 7.97
C GLU A 21 10.17 -3.21 7.21
N ALA A 22 9.19 -3.18 6.32
CA ALA A 22 8.92 -2.00 5.52
C ALA A 22 8.06 -1.01 6.30
N GLU A 23 8.04 0.23 5.84
CA GLU A 23 7.21 1.26 6.45
C GLU A 23 5.76 1.03 6.06
N ILE A 24 4.98 0.50 7.00
CA ILE A 24 3.57 0.25 6.78
C ILE A 24 2.75 1.45 7.23
N THR A 25 2.17 2.14 6.28
CA THR A 25 1.36 3.31 6.59
C THR A 25 0.03 3.25 5.85
N VAL A 26 -1.05 3.32 6.59
CA VAL A 26 -2.38 3.40 5.98
C VAL A 26 -2.78 4.87 5.83
N THR A 27 -3.04 5.28 4.61
CA THR A 27 -3.37 6.66 4.34
C THR A 27 -4.89 6.83 4.34
N SER A 28 -5.39 7.43 5.41
CA SER A 28 -6.82 7.65 5.55
C SER A 28 -7.21 8.98 4.94
N LEU A 29 -7.89 8.91 3.81
CA LEU A 29 -8.30 10.10 3.09
C LEU A 29 -9.80 10.03 2.81
N VAL A 30 -10.29 10.94 1.98
CA VAL A 30 -11.67 10.88 1.54
C VAL A 30 -11.88 9.74 0.55
N GLY A 31 -12.35 8.62 1.09
CA GLY A 31 -12.58 7.44 0.29
C GLY A 31 -13.89 6.77 0.68
N ASP A 32 -14.90 7.61 0.92
CA ASP A 32 -16.24 7.15 1.31
C ASP A 32 -16.18 6.36 2.61
N ASN A 33 -15.10 6.58 3.36
CA ASN A 33 -14.85 5.89 4.63
C ASN A 33 -14.73 4.38 4.43
N ASN A 34 -14.48 3.97 3.18
CA ASN A 34 -14.37 2.56 2.86
C ASN A 34 -12.99 2.24 2.30
N HIS A 35 -12.61 2.95 1.25
CA HIS A 35 -11.33 2.70 0.60
C HIS A 35 -10.27 3.70 1.04
N TYR A 36 -9.17 3.18 1.56
CA TYR A 36 -8.06 4.01 2.01
C TYR A 36 -6.84 3.71 1.15
N SER A 37 -5.86 4.59 1.19
CA SER A 37 -4.63 4.40 0.42
C SER A 37 -3.63 3.55 1.19
N ILE A 38 -2.96 2.65 0.48
CA ILE A 38 -1.95 1.81 1.08
C ILE A 38 -0.57 2.37 0.76
N LYS A 39 0.13 2.82 1.79
CA LYS A 39 1.44 3.42 1.60
C LYS A 39 2.52 2.52 2.19
N VAL A 40 3.40 2.04 1.33
CA VAL A 40 4.48 1.16 1.75
C VAL A 40 5.82 1.76 1.39
N ILE A 41 6.54 2.23 2.39
CA ILE A 41 7.84 2.84 2.16
C ILE A 41 8.94 1.81 2.39
N SER A 42 9.55 1.38 1.30
CA SER A 42 10.62 0.39 1.35
C SER A 42 11.68 0.73 0.32
N SER A 43 12.93 0.41 0.63
CA SER A 43 14.04 0.64 -0.29
C SER A 43 13.88 -0.21 -1.55
N GLN A 44 12.98 -1.19 -1.50
CA GLN A 44 12.69 -2.03 -2.66
C GLN A 44 11.89 -1.25 -3.70
N PHE A 45 11.33 -0.11 -3.28
CA PHE A 45 10.57 0.74 -4.18
C PHE A 45 11.36 1.99 -4.55
N GLN A 46 12.47 2.21 -3.86
CA GLN A 46 13.23 3.44 -4.03
C GLN A 46 14.23 3.30 -5.16
N GLY A 47 14.28 4.30 -6.03
CA GLY A 47 15.21 4.28 -7.15
C GLY A 47 14.79 3.33 -8.24
N LYS A 48 13.55 2.86 -8.19
CA LYS A 48 13.05 1.93 -9.17
C LYS A 48 12.33 2.68 -10.28
N SER A 49 12.48 2.21 -11.50
CA SER A 49 11.80 2.81 -12.63
C SER A 49 10.35 2.32 -12.67
N LYS A 50 9.54 2.92 -13.53
CA LYS A 50 8.13 2.57 -13.64
C LYS A 50 7.93 1.07 -13.86
N LEU A 51 8.75 0.48 -14.71
CA LEU A 51 8.66 -0.95 -15.00
C LEU A 51 8.78 -1.76 -13.71
N GLU A 52 9.87 -1.54 -12.98
CA GLU A 52 10.12 -2.25 -11.73
C GLU A 52 9.00 -2.03 -10.72
N GLN A 53 8.54 -0.77 -10.61
CA GLN A 53 7.48 -0.45 -9.66
C GLN A 53 6.17 -1.13 -10.02
N HIS A 54 5.82 -1.12 -11.32
CA HIS A 54 4.61 -1.78 -11.78
C HIS A 54 4.67 -3.26 -11.48
N ARG A 55 5.85 -3.85 -11.69
CA ARG A 55 6.08 -5.25 -11.39
C ARG A 55 5.87 -5.54 -9.91
N MET A 56 6.43 -4.69 -9.07
CA MET A 56 6.36 -4.89 -7.64
C MET A 56 4.90 -4.86 -7.16
N ILE A 57 4.15 -3.88 -7.66
CA ILE A 57 2.73 -3.76 -7.30
C ILE A 57 1.94 -4.92 -7.88
N TYR A 58 2.28 -5.33 -9.10
CA TYR A 58 1.67 -6.49 -9.74
C TYR A 58 1.94 -7.74 -8.93
N LYS A 59 3.09 -7.78 -8.27
CA LYS A 59 3.49 -8.92 -7.47
C LYS A 59 2.72 -8.96 -6.16
N VAL A 60 2.63 -7.81 -5.48
CA VAL A 60 1.94 -7.76 -4.19
C VAL A 60 0.42 -7.87 -4.37
N LEU A 61 -0.11 -7.26 -5.41
CA LEU A 61 -1.55 -7.31 -5.69
C LEU A 61 -1.85 -8.37 -6.75
N ASP A 62 -1.09 -9.46 -6.70
CA ASP A 62 -1.19 -10.55 -7.67
C ASP A 62 -2.59 -11.14 -7.71
N GLY A 63 -3.06 -11.46 -8.91
CA GLY A 63 -4.38 -12.01 -9.11
C GLY A 63 -4.97 -11.57 -10.43
N LEU A 64 -4.80 -10.30 -10.74
CA LEU A 64 -5.25 -9.72 -11.99
C LEU A 64 -4.21 -8.76 -12.52
N ASN A 65 -4.43 -8.22 -13.71
CA ASN A 65 -3.58 -7.15 -14.22
C ASN A 65 -4.01 -5.85 -13.53
N ILE A 66 -3.58 -5.70 -12.30
CA ILE A 66 -4.11 -4.70 -11.39
C ILE A 66 -3.81 -3.27 -11.84
N HIS A 67 -4.87 -2.55 -12.16
CA HIS A 67 -4.79 -1.11 -12.29
C HIS A 67 -4.78 -0.53 -10.89
N ALA A 68 -3.58 -0.37 -10.34
CA ALA A 68 -3.42 0.00 -8.95
C ALA A 68 -3.86 1.45 -8.68
N ILE A 69 -4.83 1.58 -7.79
CA ILE A 69 -5.28 2.88 -7.33
C ILE A 69 -5.17 2.91 -5.81
N GLN A 70 -4.87 4.09 -5.26
CA GLN A 70 -4.68 4.26 -3.81
C GLN A 70 -3.43 3.53 -3.33
N ILE A 71 -2.52 3.28 -4.27
CA ILE A 71 -1.24 2.70 -3.94
C ILE A 71 -0.20 3.80 -3.83
N GLN A 72 0.50 3.85 -2.71
CA GLN A 72 1.55 4.83 -2.53
C GLN A 72 2.86 4.12 -2.21
N THR A 73 3.76 4.12 -3.17
CA THR A 73 5.02 3.40 -3.06
C THR A 73 6.08 4.00 -3.98
N GLY A 74 7.32 4.00 -3.53
CA GLY A 74 8.43 4.39 -4.39
C GLY A 74 8.41 5.85 -4.79
N CYS A 75 8.59 6.09 -6.08
CA CYS A 75 8.75 7.44 -6.59
C CYS A 75 7.74 7.74 -7.69
N LYS A 76 6.87 8.70 -7.42
CA LYS A 76 5.90 9.15 -8.40
C LYS A 76 6.12 10.62 -8.72
N PRO A 1 -16.92 16.88 16.18
CA PRO A 1 -17.54 16.01 15.16
C PRO A 1 -16.91 14.62 15.20
N GLY A 2 -17.53 13.68 14.52
CA GLY A 2 -17.03 12.31 14.52
C GLY A 2 -16.57 11.86 13.15
N SER A 3 -15.62 10.94 13.14
CA SER A 3 -15.12 10.37 11.90
C SER A 3 -14.96 8.87 12.05
N MET A 4 -15.44 8.12 11.07
CA MET A 4 -15.28 6.67 11.09
C MET A 4 -14.20 6.24 10.12
N THR A 5 -12.95 6.54 10.47
CA THR A 5 -11.83 6.15 9.64
C THR A 5 -11.54 4.67 9.83
N VAL A 6 -11.79 3.88 8.79
CA VAL A 6 -11.59 2.44 8.87
C VAL A 6 -10.22 2.06 8.32
N THR A 7 -9.50 1.23 9.06
CA THR A 7 -8.20 0.76 8.65
C THR A 7 -8.34 -0.58 7.95
N GLN A 8 -7.24 -1.12 7.44
CA GLN A 8 -7.29 -2.37 6.68
C GLN A 8 -6.44 -3.44 7.37
N SER A 9 -7.03 -4.08 8.37
CA SER A 9 -6.31 -5.01 9.24
C SER A 9 -5.56 -6.09 8.46
N GLN A 10 -6.25 -6.78 7.58
CA GLN A 10 -5.63 -7.87 6.82
C GLN A 10 -4.64 -7.32 5.79
N LEU A 11 -4.85 -6.08 5.37
CA LEU A 11 -3.95 -5.44 4.42
C LEU A 11 -2.64 -5.09 5.14
N GLU A 12 -2.75 -4.43 6.28
CA GLU A 12 -1.61 -4.16 7.14
C GLU A 12 -0.83 -5.44 7.41
N LEU A 13 -1.56 -6.49 7.77
CA LEU A 13 -0.98 -7.80 8.01
C LEU A 13 -0.25 -8.30 6.76
N LEU A 14 -0.90 -8.20 5.62
CA LEU A 14 -0.33 -8.66 4.36
C LEU A 14 0.98 -7.93 4.06
N ILE A 15 0.96 -6.61 4.19
CA ILE A 15 2.15 -5.79 3.93
C ILE A 15 3.26 -6.12 4.92
N ARG A 16 2.89 -6.29 6.19
CA ARG A 16 3.85 -6.61 7.23
C ARG A 16 4.47 -8.00 7.01
N ASN A 17 3.71 -8.90 6.42
CA ASN A 17 4.20 -10.24 6.12
C ASN A 17 5.05 -10.24 4.85
N ALA A 18 4.69 -9.38 3.91
CA ALA A 18 5.45 -9.24 2.67
C ALA A 18 6.77 -8.51 2.94
N PHE A 19 6.67 -7.40 3.66
CA PHE A 19 7.83 -6.62 4.03
C PHE A 19 7.79 -6.31 5.52
N PRO A 20 8.54 -7.06 6.34
CA PRO A 20 8.57 -6.88 7.79
C PRO A 20 9.20 -5.55 8.19
N GLU A 21 10.09 -5.06 7.33
CA GLU A 21 10.80 -3.81 7.56
C GLU A 21 10.10 -2.66 6.86
N ALA A 22 8.76 -2.71 6.82
CA ALA A 22 7.98 -1.69 6.12
C ALA A 22 7.12 -0.89 7.08
N GLU A 23 7.04 0.41 6.84
CA GLU A 23 6.13 1.29 7.54
C GLU A 23 4.81 1.38 6.77
N ILE A 24 3.72 0.98 7.40
CA ILE A 24 2.42 1.03 6.74
C ILE A 24 1.65 2.26 7.20
N THR A 25 1.46 3.21 6.30
CA THR A 25 0.75 4.43 6.63
C THR A 25 -0.55 4.54 5.81
N VAL A 26 -1.66 4.34 6.49
CA VAL A 26 -2.98 4.49 5.87
C VAL A 26 -3.39 5.97 5.89
N THR A 27 -3.36 6.60 4.73
CA THR A 27 -3.62 8.03 4.65
C THR A 27 -4.98 8.31 3.99
N SER A 28 -5.65 9.33 4.50
CA SER A 28 -6.93 9.75 3.96
C SER A 28 -6.72 10.86 2.94
N LEU A 29 -7.34 10.72 1.77
CA LEU A 29 -7.18 11.71 0.70
C LEU A 29 -7.89 13.02 1.06
N VAL A 30 -9.03 12.89 1.73
CA VAL A 30 -9.89 14.04 2.05
C VAL A 30 -10.36 14.71 0.77
N GLY A 31 -11.49 14.25 0.27
CA GLY A 31 -11.97 14.65 -1.03
C GLY A 31 -12.33 13.43 -1.86
N ASP A 32 -11.49 12.41 -1.75
CA ASP A 32 -11.79 11.10 -2.30
C ASP A 32 -11.84 10.11 -1.15
N ASN A 33 -13.05 9.73 -0.75
CA ASN A 33 -13.23 8.90 0.43
C ASN A 33 -13.77 7.52 0.07
N ASN A 34 -13.65 7.15 -1.20
CA ASN A 34 -14.05 5.82 -1.64
C ASN A 34 -13.11 4.76 -1.08
N HIS A 35 -11.87 5.16 -0.84
CA HIS A 35 -10.86 4.27 -0.28
C HIS A 35 -9.73 5.11 0.30
N TYR A 36 -8.91 4.49 1.13
CA TYR A 36 -7.76 5.17 1.71
C TYR A 36 -6.49 4.68 1.03
N SER A 37 -5.46 5.52 1.01
CA SER A 37 -4.22 5.18 0.33
C SER A 37 -3.25 4.50 1.30
N ILE A 38 -2.65 3.41 0.85
CA ILE A 38 -1.71 2.67 1.67
C ILE A 38 -0.29 3.03 1.29
N LYS A 39 0.37 3.78 2.14
CA LYS A 39 1.75 4.17 1.91
C LYS A 39 2.70 3.17 2.56
N VAL A 40 3.55 2.57 1.76
CA VAL A 40 4.49 1.59 2.24
C VAL A 40 5.92 2.13 2.18
N ILE A 41 6.51 2.36 3.34
CA ILE A 41 7.89 2.81 3.42
C ILE A 41 8.77 1.66 3.87
N SER A 42 9.42 1.00 2.93
CA SER A 42 10.26 -0.14 3.26
C SER A 42 11.62 -0.03 2.59
N SER A 43 12.66 -0.45 3.32
CA SER A 43 14.02 -0.44 2.81
C SER A 43 14.18 -1.45 1.67
N GLN A 44 13.13 -2.20 1.40
CA GLN A 44 13.13 -3.17 0.31
C GLN A 44 12.76 -2.51 -1.01
N PHE A 45 12.38 -1.23 -0.96
CA PHE A 45 11.97 -0.52 -2.17
C PHE A 45 13.07 0.44 -2.65
N GLN A 46 14.25 0.36 -2.06
CA GLN A 46 15.32 1.26 -2.42
C GLN A 46 15.89 0.90 -3.80
N GLY A 47 15.88 1.88 -4.69
CA GLY A 47 16.40 1.69 -6.03
C GLY A 47 15.42 0.99 -6.95
N LYS A 48 14.19 0.82 -6.50
CA LYS A 48 13.19 0.15 -7.31
C LYS A 48 12.57 1.11 -8.32
N SER A 49 12.52 0.66 -9.55
CA SER A 49 11.99 1.44 -10.65
C SER A 49 10.48 1.27 -10.71
N LYS A 50 9.80 2.16 -11.43
CA LYS A 50 8.35 2.10 -11.53
C LYS A 50 7.90 0.77 -12.11
N LEU A 51 8.62 0.29 -13.11
CA LEU A 51 8.27 -0.95 -13.77
C LEU A 51 8.27 -2.10 -12.76
N GLU A 52 9.36 -2.17 -12.01
CA GLU A 52 9.51 -3.15 -10.95
C GLU A 52 8.41 -2.98 -9.90
N GLN A 53 8.22 -1.73 -9.45
CA GLN A 53 7.18 -1.43 -8.46
C GLN A 53 5.82 -1.90 -8.95
N HIS A 54 5.50 -1.58 -10.20
CA HIS A 54 4.21 -1.94 -10.77
C HIS A 54 4.04 -3.46 -10.78
N ARG A 55 5.07 -4.18 -11.21
CA ARG A 55 5.04 -5.63 -11.22
C ARG A 55 4.87 -6.19 -9.81
N MET A 56 5.58 -5.63 -8.84
CA MET A 56 5.50 -6.09 -7.46
C MET A 56 4.09 -5.88 -6.90
N ILE A 57 3.55 -4.69 -7.10
CA ILE A 57 2.20 -4.37 -6.67
C ILE A 57 1.19 -5.32 -7.33
N TYR A 58 1.34 -5.50 -8.64
CA TYR A 58 0.48 -6.39 -9.41
C TYR A 58 0.61 -7.83 -8.92
N LYS A 59 1.80 -8.18 -8.45
CA LYS A 59 2.08 -9.53 -7.97
C LYS A 59 1.45 -9.77 -6.59
N VAL A 60 1.69 -8.85 -5.65
CA VAL A 60 1.22 -9.02 -4.28
C VAL A 60 -0.30 -8.89 -4.21
N LEU A 61 -0.87 -8.03 -5.04
CA LEU A 61 -2.32 -7.84 -5.06
C LEU A 61 -2.97 -8.97 -5.85
N ASP A 62 -2.32 -9.37 -6.93
CA ASP A 62 -2.83 -10.41 -7.84
C ASP A 62 -4.27 -10.13 -8.25
N GLY A 63 -4.43 -9.17 -9.15
CA GLY A 63 -5.73 -8.82 -9.64
C GLY A 63 -5.63 -7.60 -10.53
N LEU A 64 -6.75 -6.95 -10.76
CA LEU A 64 -6.79 -5.78 -11.61
C LEU A 64 -6.72 -4.51 -10.77
N ASN A 65 -5.65 -3.77 -10.92
CA ASN A 65 -5.45 -2.57 -10.13
C ASN A 65 -5.97 -1.35 -10.90
N ILE A 66 -7.01 -0.73 -10.35
CA ILE A 66 -7.57 0.49 -10.94
C ILE A 66 -6.54 1.60 -10.92
N HIS A 67 -6.46 2.37 -11.99
CA HIS A 67 -5.49 3.46 -12.07
C HIS A 67 -5.89 4.61 -11.16
N ALA A 68 -5.51 4.48 -9.89
CA ALA A 68 -5.79 5.48 -8.87
C ALA A 68 -4.80 5.32 -7.72
N ILE A 69 -5.00 6.06 -6.65
CA ILE A 69 -4.03 6.06 -5.55
C ILE A 69 -4.45 5.07 -4.46
N GLN A 70 -4.22 3.79 -4.71
CA GLN A 70 -4.43 2.75 -3.70
C GLN A 70 -3.13 2.48 -2.97
N ILE A 71 -2.07 2.36 -3.75
CA ILE A 71 -0.76 1.99 -3.26
C ILE A 71 0.22 3.16 -3.46
N GLN A 72 0.87 3.57 -2.37
CA GLN A 72 1.86 4.62 -2.45
C GLN A 72 3.16 4.17 -1.83
N THR A 73 4.22 4.17 -2.61
CA THR A 73 5.54 3.84 -2.10
C THR A 73 6.45 5.06 -2.22
N GLY A 74 6.96 5.51 -1.09
CA GLY A 74 7.77 6.71 -1.07
C GLY A 74 7.11 7.83 -0.30
N CYS A 75 7.84 8.93 -0.12
CA CYS A 75 7.33 10.05 0.66
C CYS A 75 7.54 11.36 -0.08
N LYS A 76 6.85 12.40 0.35
CA LYS A 76 6.98 13.71 -0.23
C LYS A 76 7.93 14.57 0.59
N PRO A 1 -0.30 10.40 11.45
CA PRO A 1 -0.43 11.01 12.79
C PRO A 1 -1.91 11.20 13.14
N GLY A 2 -2.30 10.74 14.31
CA GLY A 2 -3.70 10.82 14.71
C GLY A 2 -4.58 9.95 13.83
N SER A 3 -4.69 8.68 14.19
CA SER A 3 -5.39 7.73 13.35
C SER A 3 -6.85 7.58 13.77
N MET A 4 -7.70 8.45 13.24
CA MET A 4 -9.14 8.29 13.41
C MET A 4 -9.64 7.25 12.42
N THR A 5 -8.89 7.09 11.35
CA THR A 5 -9.18 6.10 10.32
C THR A 5 -9.08 4.68 10.88
N VAL A 6 -10.05 3.84 10.54
CA VAL A 6 -10.01 2.45 10.95
C VAL A 6 -9.23 1.65 9.91
N THR A 7 -8.39 0.73 10.37
CA THR A 7 -7.54 -0.02 9.47
C THR A 7 -8.13 -1.39 9.17
N GLN A 8 -7.68 -1.97 8.06
CA GLN A 8 -8.02 -3.34 7.73
C GLN A 8 -6.87 -4.25 8.11
N SER A 9 -7.04 -4.89 9.27
CA SER A 9 -5.96 -5.66 9.89
C SER A 9 -5.40 -6.71 8.94
N GLN A 10 -6.26 -7.35 8.16
CA GLN A 10 -5.84 -8.42 7.26
C GLN A 10 -4.80 -7.92 6.27
N LEU A 11 -5.12 -6.84 5.54
CA LEU A 11 -4.21 -6.33 4.52
C LEU A 11 -2.99 -5.66 5.15
N GLU A 12 -3.18 -5.02 6.31
CA GLU A 12 -2.05 -4.41 7.01
C GLU A 12 -1.07 -5.48 7.47
N LEU A 13 -1.61 -6.51 8.11
CA LEU A 13 -0.83 -7.66 8.57
C LEU A 13 -0.17 -8.35 7.39
N LEU A 14 -0.88 -8.40 6.27
CA LEU A 14 -0.36 -9.03 5.06
C LEU A 14 0.93 -8.32 4.62
N ILE A 15 0.89 -6.99 4.53
CA ILE A 15 2.04 -6.22 4.12
C ILE A 15 3.18 -6.37 5.12
N ARG A 16 2.83 -6.30 6.40
CA ARG A 16 3.81 -6.37 7.47
C ARG A 16 4.50 -7.74 7.51
N ASN A 17 3.75 -8.79 7.23
CA ASN A 17 4.29 -10.14 7.25
C ASN A 17 5.03 -10.45 5.96
N ALA A 18 4.54 -9.91 4.85
CA ALA A 18 5.20 -10.09 3.57
C ALA A 18 6.54 -9.36 3.55
N PHE A 19 6.54 -8.14 4.07
CA PHE A 19 7.75 -7.34 4.13
C PHE A 19 7.96 -6.77 5.53
N PRO A 20 8.90 -7.34 6.29
CA PRO A 20 9.20 -6.87 7.65
C PRO A 20 9.88 -5.50 7.63
N GLU A 21 10.32 -5.09 6.45
CA GLU A 21 10.99 -3.80 6.28
C GLU A 21 10.00 -2.77 5.74
N ALA A 22 8.72 -3.09 5.84
CA ALA A 22 7.68 -2.23 5.31
C ALA A 22 6.96 -1.44 6.40
N GLU A 23 6.87 -0.14 6.19
CA GLU A 23 6.09 0.73 7.03
C GLU A 23 4.75 1.00 6.37
N ILE A 24 3.67 0.58 7.01
CA ILE A 24 2.34 0.75 6.45
C ILE A 24 1.69 2.01 7.02
N THR A 25 1.53 3.02 6.18
CA THR A 25 0.85 4.23 6.61
C THR A 25 -0.43 4.44 5.80
N VAL A 26 -1.57 4.25 6.46
CA VAL A 26 -2.86 4.45 5.82
C VAL A 26 -3.26 5.92 5.88
N THR A 27 -3.56 6.48 4.72
CA THR A 27 -3.90 7.89 4.62
C THR A 27 -5.29 8.08 4.03
N SER A 28 -6.15 8.76 4.77
CA SER A 28 -7.48 9.09 4.29
C SER A 28 -7.39 10.29 3.35
N LEU A 29 -7.85 10.11 2.12
CA LEU A 29 -7.77 11.17 1.11
C LEU A 29 -8.66 12.34 1.49
N VAL A 30 -8.02 13.42 1.95
CA VAL A 30 -8.74 14.62 2.33
C VAL A 30 -9.57 15.16 1.16
N GLY A 31 -10.81 15.51 1.44
CA GLY A 31 -11.69 16.02 0.42
C GLY A 31 -12.87 15.11 0.18
N ASP A 32 -12.61 13.94 -0.40
CA ASP A 32 -13.66 12.98 -0.72
C ASP A 32 -13.50 11.71 0.11
N ASN A 33 -12.26 11.27 0.26
CA ASN A 33 -11.95 9.96 0.82
C ASN A 33 -12.60 8.87 -0.03
N ASN A 34 -12.48 9.04 -1.35
CA ASN A 34 -13.03 8.08 -2.30
C ASN A 34 -12.32 6.72 -2.18
N HIS A 35 -11.08 6.78 -1.72
CA HIS A 35 -10.27 5.59 -1.50
C HIS A 35 -9.37 5.82 -0.30
N TYR A 36 -8.68 4.80 0.14
CA TYR A 36 -7.70 4.93 1.20
C TYR A 36 -6.30 4.71 0.64
N SER A 37 -5.41 5.66 0.88
CA SER A 37 -4.07 5.59 0.34
C SER A 37 -3.17 4.78 1.26
N ILE A 38 -2.61 3.71 0.75
CA ILE A 38 -1.68 2.91 1.51
C ILE A 38 -0.24 3.25 1.13
N LYS A 39 0.43 3.96 2.01
CA LYS A 39 1.82 4.34 1.80
C LYS A 39 2.71 3.22 2.29
N VAL A 40 3.36 2.54 1.36
CA VAL A 40 4.24 1.43 1.71
C VAL A 40 5.68 1.90 1.65
N ILE A 41 6.27 2.12 2.82
CA ILE A 41 7.65 2.55 2.90
C ILE A 41 8.55 1.34 3.13
N SER A 42 9.25 0.94 2.08
CA SER A 42 10.14 -0.21 2.17
C SER A 42 11.43 0.09 1.42
N SER A 43 12.56 -0.23 2.04
CA SER A 43 13.88 0.03 1.47
C SER A 43 14.06 -0.75 0.17
N GLN A 44 13.25 -1.79 -0.01
CA GLN A 44 13.31 -2.62 -1.21
C GLN A 44 12.93 -1.82 -2.45
N PHE A 45 12.17 -0.74 -2.26
CA PHE A 45 11.72 0.08 -3.38
C PHE A 45 12.74 1.17 -3.70
N GLN A 46 13.78 1.27 -2.90
CA GLN A 46 14.78 2.32 -3.05
C GLN A 46 15.53 2.16 -4.37
N GLY A 47 15.39 3.15 -5.24
CA GLY A 47 16.14 3.17 -6.48
C GLY A 47 15.66 2.15 -7.50
N LYS A 48 14.46 1.64 -7.32
CA LYS A 48 13.90 0.69 -8.27
C LYS A 48 13.14 1.43 -9.36
N SER A 49 13.25 0.92 -10.59
CA SER A 49 12.60 1.52 -11.74
C SER A 49 11.07 1.46 -11.60
N LYS A 50 10.38 2.18 -12.47
CA LYS A 50 8.92 2.21 -12.44
C LYS A 50 8.35 0.85 -12.82
N LEU A 51 9.07 0.12 -13.67
CA LEU A 51 8.66 -1.21 -14.07
C LEU A 51 8.65 -2.15 -12.86
N GLU A 52 9.65 -1.97 -12.01
CA GLU A 52 9.76 -2.73 -10.77
C GLU A 52 8.53 -2.46 -9.89
N GLN A 53 8.16 -1.19 -9.81
CA GLN A 53 6.97 -0.79 -9.06
C GLN A 53 5.74 -1.49 -9.61
N HIS A 54 5.62 -1.52 -10.94
CA HIS A 54 4.51 -2.21 -11.61
C HIS A 54 4.43 -3.66 -11.15
N ARG A 55 5.56 -4.38 -11.24
CA ARG A 55 5.61 -5.77 -10.79
C ARG A 55 5.19 -5.90 -9.33
N MET A 56 5.84 -5.13 -8.46
CA MET A 56 5.59 -5.20 -7.02
C MET A 56 4.14 -4.97 -6.69
N ILE A 57 3.59 -3.86 -7.16
CA ILE A 57 2.20 -3.51 -6.87
C ILE A 57 1.25 -4.55 -7.42
N TYR A 58 1.48 -4.97 -8.66
CA TYR A 58 0.61 -5.92 -9.33
C TYR A 58 0.63 -7.29 -8.64
N LYS A 59 1.77 -7.63 -8.05
CA LYS A 59 1.90 -8.92 -7.37
C LYS A 59 1.37 -8.86 -5.94
N VAL A 60 1.71 -7.79 -5.21
CA VAL A 60 1.31 -7.68 -3.82
C VAL A 60 -0.20 -7.39 -3.70
N LEU A 61 -0.66 -6.41 -4.45
CA LEU A 61 -2.06 -6.02 -4.42
C LEU A 61 -2.87 -6.84 -5.41
N ASP A 62 -2.35 -8.03 -5.72
CA ASP A 62 -3.01 -8.95 -6.63
C ASP A 62 -4.30 -9.50 -6.04
N GLY A 63 -5.40 -8.92 -6.50
CA GLY A 63 -6.72 -9.42 -6.16
C GLY A 63 -7.69 -9.09 -7.27
N LEU A 64 -7.33 -9.50 -8.48
CA LEU A 64 -8.05 -9.13 -9.69
C LEU A 64 -7.90 -7.64 -9.98
N ASN A 65 -6.94 -7.02 -9.30
CA ASN A 65 -6.65 -5.61 -9.50
C ASN A 65 -5.51 -5.46 -10.49
N ILE A 66 -5.88 -5.20 -11.75
CA ILE A 66 -4.90 -5.04 -12.81
C ILE A 66 -4.03 -3.82 -12.56
N HIS A 67 -4.62 -2.79 -11.98
CA HIS A 67 -3.90 -1.57 -11.67
C HIS A 67 -4.49 -0.89 -10.45
N ALA A 68 -3.82 -1.04 -9.31
CA ALA A 68 -4.26 -0.42 -8.07
C ALA A 68 -3.88 1.06 -8.06
N ILE A 69 -4.81 1.91 -7.65
CA ILE A 69 -4.59 3.35 -7.67
C ILE A 69 -4.55 3.93 -6.26
N GLN A 70 -4.69 3.08 -5.26
CA GLN A 70 -4.74 3.51 -3.87
C GLN A 70 -3.41 3.24 -3.17
N ILE A 71 -2.44 2.74 -3.93
CA ILE A 71 -1.16 2.34 -3.37
C ILE A 71 -0.06 3.36 -3.70
N GLN A 72 0.80 3.63 -2.73
CA GLN A 72 1.98 4.44 -2.97
C GLN A 72 3.22 3.70 -2.47
N THR A 73 4.03 3.24 -3.41
CA THR A 73 5.26 2.55 -3.07
C THR A 73 6.47 3.34 -3.53
N GLY A 74 7.45 3.48 -2.66
CA GLY A 74 8.66 4.19 -3.01
C GLY A 74 9.48 4.57 -1.80
N CYS A 75 10.54 5.34 -2.04
CA CYS A 75 11.39 5.82 -0.97
C CYS A 75 11.68 7.30 -1.18
N LYS A 76 12.12 7.96 -0.13
CA LYS A 76 12.48 9.36 -0.20
C LYS A 76 13.88 9.55 0.37
N PRO A 1 -17.55 15.83 19.33
CA PRO A 1 -17.41 14.89 18.19
C PRO A 1 -15.95 14.70 17.82
N GLY A 2 -15.57 13.46 17.55
CA GLY A 2 -14.22 13.16 17.16
C GLY A 2 -14.12 12.75 15.71
N SER A 3 -13.41 11.68 15.44
CA SER A 3 -13.24 11.18 14.10
C SER A 3 -13.88 9.80 13.96
N MET A 4 -14.17 9.42 12.73
CA MET A 4 -14.74 8.10 12.44
C MET A 4 -13.94 7.44 11.33
N THR A 5 -12.84 8.06 10.95
CA THR A 5 -11.98 7.54 9.92
C THR A 5 -11.22 6.31 10.42
N VAL A 6 -11.53 5.16 9.84
CA VAL A 6 -10.93 3.91 10.25
C VAL A 6 -9.63 3.64 9.49
N THR A 7 -8.84 2.71 9.98
CA THR A 7 -7.60 2.34 9.34
C THR A 7 -7.70 0.93 8.76
N GLN A 8 -6.85 0.62 7.80
CA GLN A 8 -6.81 -0.71 7.20
C GLN A 8 -5.90 -1.62 8.01
N SER A 9 -6.38 -2.03 9.18
CA SER A 9 -5.57 -2.81 10.11
C SER A 9 -5.26 -4.18 9.55
N GLN A 10 -6.23 -4.80 8.88
CA GLN A 10 -6.04 -6.13 8.32
C GLN A 10 -5.04 -6.07 7.15
N LEU A 11 -5.11 -5.00 6.39
CA LEU A 11 -4.19 -4.78 5.28
C LEU A 11 -2.80 -4.44 5.80
N GLU A 12 -2.77 -3.68 6.88
CA GLU A 12 -1.52 -3.35 7.55
C GLU A 12 -0.86 -4.64 8.03
N LEU A 13 -1.63 -5.46 8.70
CA LEU A 13 -1.19 -6.77 9.15
C LEU A 13 -0.72 -7.60 7.95
N LEU A 14 -1.45 -7.51 6.85
CA LEU A 14 -1.11 -8.24 5.64
C LEU A 14 0.29 -7.88 5.15
N ILE A 15 0.54 -6.58 5.03
CA ILE A 15 1.82 -6.10 4.54
C ILE A 15 2.93 -6.33 5.57
N ARG A 16 2.63 -6.04 6.83
CA ARG A 16 3.61 -6.20 7.91
C ARG A 16 3.99 -7.67 8.11
N ASN A 17 3.06 -8.58 7.86
CA ASN A 17 3.34 -10.00 7.98
C ASN A 17 4.06 -10.51 6.73
N ALA A 18 3.69 -9.96 5.57
CA ALA A 18 4.34 -10.33 4.32
C ALA A 18 5.77 -9.79 4.27
N PHE A 19 5.93 -8.53 4.66
CA PHE A 19 7.22 -7.88 4.69
C PHE A 19 7.44 -7.22 6.05
N PRO A 20 8.17 -7.90 6.96
CA PRO A 20 8.46 -7.36 8.30
C PRO A 20 9.45 -6.20 8.23
N GLU A 21 10.05 -6.02 7.05
CA GLU A 21 11.05 -4.99 6.84
C GLU A 21 10.45 -3.81 6.07
N ALA A 22 9.13 -3.73 6.07
CA ALA A 22 8.43 -2.64 5.40
C ALA A 22 7.38 -2.02 6.32
N GLU A 23 7.28 -0.70 6.28
CA GLU A 23 6.32 0.00 7.10
C GLU A 23 5.06 0.35 6.33
N ILE A 24 3.94 0.34 7.04
CA ILE A 24 2.64 0.59 6.44
C ILE A 24 2.16 1.99 6.78
N THR A 25 2.11 2.85 5.77
CA THR A 25 1.62 4.20 5.94
C THR A 25 0.23 4.34 5.31
N VAL A 26 -0.79 4.39 6.14
CA VAL A 26 -2.16 4.44 5.64
C VAL A 26 -2.58 5.89 5.37
N THR A 27 -2.79 6.18 4.10
CA THR A 27 -3.19 7.50 3.67
C THR A 27 -4.70 7.56 3.46
N SER A 28 -5.36 8.44 4.21
CA SER A 28 -6.80 8.60 4.09
C SER A 28 -7.14 9.65 3.04
N LEU A 29 -7.72 9.22 1.93
CA LEU A 29 -8.09 10.14 0.86
C LEU A 29 -9.48 10.70 1.11
N VAL A 30 -9.57 11.67 2.00
CA VAL A 30 -10.85 12.26 2.36
C VAL A 30 -11.25 13.31 1.34
N GLY A 31 -11.98 12.87 0.33
CA GLY A 31 -12.46 13.77 -0.69
C GLY A 31 -13.80 13.33 -1.24
N ASP A 32 -14.84 13.54 -0.45
CA ASP A 32 -16.23 13.19 -0.82
C ASP A 32 -16.43 11.68 -0.82
N ASN A 33 -15.44 10.95 -0.34
CA ASN A 33 -15.51 9.49 -0.27
C ASN A 33 -14.51 8.97 0.75
N ASN A 34 -14.70 7.72 1.16
CA ASN A 34 -13.77 7.07 2.08
C ASN A 34 -12.87 6.10 1.34
N HIS A 35 -11.79 6.61 0.78
CA HIS A 35 -10.80 5.75 0.12
C HIS A 35 -9.51 5.77 0.92
N TYR A 36 -9.00 4.60 1.23
CA TYR A 36 -7.76 4.49 1.98
C TYR A 36 -6.69 3.80 1.13
N SER A 37 -5.55 4.45 1.01
CA SER A 37 -4.44 3.89 0.24
C SER A 37 -3.23 3.70 1.14
N ILE A 38 -2.61 2.54 1.06
CA ILE A 38 -1.48 2.22 1.92
C ILE A 38 -0.16 2.42 1.19
N LYS A 39 0.66 3.31 1.71
CA LYS A 39 2.00 3.49 1.20
C LYS A 39 2.97 2.59 1.94
N VAL A 40 3.63 1.73 1.20
CA VAL A 40 4.60 0.81 1.76
C VAL A 40 5.98 1.46 1.76
N ILE A 41 6.46 1.79 2.94
CA ILE A 41 7.72 2.49 3.09
C ILE A 41 8.82 1.53 3.52
N SER A 42 9.83 1.41 2.67
CA SER A 42 10.98 0.56 2.96
C SER A 42 12.14 0.96 2.06
N SER A 43 13.35 0.88 2.59
CA SER A 43 14.54 1.22 1.83
C SER A 43 14.77 0.24 0.67
N GLN A 44 14.02 -0.86 0.68
CA GLN A 44 14.10 -1.84 -0.38
C GLN A 44 13.31 -1.39 -1.61
N PHE A 45 12.49 -0.36 -1.42
CA PHE A 45 11.78 0.25 -2.55
C PHE A 45 12.55 1.46 -3.05
N GLN A 46 13.56 1.87 -2.28
CA GLN A 46 14.41 2.99 -2.66
C GLN A 46 15.38 2.54 -3.75
N GLY A 47 15.47 3.31 -4.81
CA GLY A 47 16.35 2.97 -5.91
C GLY A 47 15.60 2.29 -7.03
N LYS A 48 14.47 1.68 -6.70
CA LYS A 48 13.59 1.11 -7.69
C LYS A 48 13.04 2.19 -8.62
N SER A 49 12.85 1.83 -9.87
CA SER A 49 12.16 2.71 -10.81
C SER A 49 10.66 2.59 -10.60
N LYS A 50 9.92 3.62 -10.99
CA LYS A 50 8.46 3.61 -10.86
C LYS A 50 7.87 2.40 -11.56
N LEU A 51 8.40 2.10 -12.74
CA LEU A 51 7.92 0.99 -13.54
C LEU A 51 8.14 -0.33 -12.79
N GLU A 52 9.33 -0.47 -12.17
CA GLU A 52 9.64 -1.66 -11.37
C GLU A 52 8.60 -1.87 -10.29
N GLN A 53 8.35 -0.82 -9.51
CA GLN A 53 7.41 -0.89 -8.40
C GLN A 53 6.01 -1.26 -8.91
N HIS A 54 5.63 -0.66 -10.04
CA HIS A 54 4.31 -0.92 -10.60
C HIS A 54 4.19 -2.38 -11.04
N ARG A 55 5.24 -2.93 -11.63
CA ARG A 55 5.23 -4.32 -12.06
C ARG A 55 5.17 -5.27 -10.86
N MET A 56 6.04 -5.05 -9.89
CA MET A 56 6.09 -5.94 -8.73
C MET A 56 4.77 -5.92 -7.96
N ILE A 57 4.18 -4.74 -7.84
CA ILE A 57 2.88 -4.62 -7.17
C ILE A 57 1.78 -5.27 -8.01
N TYR A 58 1.82 -5.02 -9.32
CA TYR A 58 0.85 -5.57 -10.26
C TYR A 58 0.85 -7.10 -10.19
N LYS A 59 2.04 -7.67 -10.01
CA LYS A 59 2.18 -9.11 -9.98
C LYS A 59 1.78 -9.69 -8.62
N VAL A 60 2.33 -9.12 -7.56
CA VAL A 60 2.09 -9.64 -6.21
C VAL A 60 0.65 -9.49 -5.77
N LEU A 61 0.03 -8.38 -6.14
CA LEU A 61 -1.36 -8.12 -5.76
C LEU A 61 -2.34 -8.90 -6.63
N ASP A 62 -1.78 -9.63 -7.61
CA ASP A 62 -2.56 -10.57 -8.43
C ASP A 62 -3.70 -9.87 -9.15
N GLY A 63 -3.51 -8.59 -9.46
CA GLY A 63 -4.53 -7.82 -10.12
C GLY A 63 -4.23 -7.68 -11.60
N LEU A 64 -5.07 -8.31 -12.42
CA LEU A 64 -4.88 -8.25 -13.86
C LEU A 64 -5.84 -7.24 -14.46
N ASN A 65 -5.28 -6.16 -15.01
CA ASN A 65 -6.05 -5.08 -15.63
C ASN A 65 -7.08 -4.51 -14.66
N ILE A 66 -6.60 -3.67 -13.76
CA ILE A 66 -7.44 -3.03 -12.76
C ILE A 66 -6.72 -1.84 -12.14
N HIS A 67 -7.46 -0.74 -11.93
CA HIS A 67 -6.90 0.42 -11.28
C HIS A 67 -6.99 0.29 -9.77
N ALA A 68 -6.13 -0.56 -9.22
CA ALA A 68 -6.13 -0.81 -7.79
C ALA A 68 -5.16 0.15 -7.09
N ILE A 69 -5.59 1.38 -6.91
CA ILE A 69 -4.79 2.40 -6.24
C ILE A 69 -4.88 2.25 -4.71
N GLN A 70 -4.90 1.00 -4.27
CA GLN A 70 -5.06 0.69 -2.85
C GLN A 70 -3.70 0.63 -2.18
N ILE A 71 -2.68 0.27 -2.95
CA ILE A 71 -1.32 0.18 -2.43
C ILE A 71 -0.38 1.07 -3.24
N GLN A 72 0.37 1.90 -2.52
CA GLN A 72 1.36 2.76 -3.12
C GLN A 72 2.71 2.51 -2.47
N THR A 73 3.77 2.66 -3.23
CA THR A 73 5.10 2.41 -2.71
C THR A 73 5.88 3.71 -2.53
N GLY A 74 7.15 3.59 -2.18
CA GLY A 74 7.99 4.76 -2.04
C GLY A 74 8.77 5.03 -3.31
N CYS A 75 8.25 5.92 -4.14
CA CYS A 75 8.93 6.30 -5.37
C CYS A 75 10.02 7.32 -5.08
N LYS A 76 11.03 7.36 -5.94
CA LYS A 76 12.14 8.29 -5.77
C LYS A 76 11.68 9.74 -5.91
N PRO A 1 3.33 8.78 14.04
CA PRO A 1 3.26 7.95 15.26
C PRO A 1 1.95 8.21 16.00
N GLY A 2 1.01 7.28 15.87
CA GLY A 2 -0.29 7.46 16.51
C GLY A 2 -1.20 8.36 15.70
N SER A 3 -1.81 7.80 14.66
CA SER A 3 -2.71 8.55 13.81
C SER A 3 -4.16 8.21 14.14
N MET A 4 -5.04 9.18 13.94
CA MET A 4 -6.47 8.96 14.13
C MET A 4 -7.06 8.16 12.96
N THR A 5 -6.35 8.19 11.84
CA THR A 5 -6.78 7.47 10.65
C THR A 5 -6.52 5.97 10.78
N VAL A 6 -7.58 5.20 10.91
CA VAL A 6 -7.47 3.77 11.10
C VAL A 6 -7.83 3.03 9.80
N THR A 7 -7.03 2.02 9.49
CA THR A 7 -7.28 1.18 8.34
C THR A 7 -7.63 -0.25 8.81
N GLN A 8 -7.90 -1.14 7.87
CA GLN A 8 -8.18 -2.53 8.20
C GLN A 8 -6.95 -3.17 8.85
N SER A 9 -7.07 -3.49 10.13
CA SER A 9 -5.98 -4.07 10.91
C SER A 9 -5.48 -5.36 10.27
N GLN A 10 -6.39 -6.12 9.67
CA GLN A 10 -6.04 -7.37 9.01
C GLN A 10 -5.17 -7.09 7.78
N LEU A 11 -5.46 -6.01 7.08
CA LEU A 11 -4.73 -5.64 5.87
C LEU A 11 -3.34 -5.16 6.26
N GLU A 12 -3.26 -4.38 7.33
CA GLU A 12 -2.00 -3.91 7.88
C GLU A 12 -1.13 -5.11 8.26
N LEU A 13 -1.73 -6.05 8.97
CA LEU A 13 -1.07 -7.28 9.38
C LEU A 13 -0.61 -8.07 8.16
N LEU A 14 -1.44 -8.07 7.11
CA LEU A 14 -1.15 -8.80 5.89
C LEU A 14 0.14 -8.25 5.26
N ILE A 15 0.23 -6.93 5.14
CA ILE A 15 1.41 -6.29 4.58
C ILE A 15 2.63 -6.56 5.47
N ARG A 16 2.43 -6.52 6.78
CA ARG A 16 3.52 -6.80 7.72
C ARG A 16 4.03 -8.23 7.55
N ASN A 17 3.13 -9.15 7.24
CA ASN A 17 3.50 -10.55 7.03
C ASN A 17 4.18 -10.73 5.68
N ALA A 18 3.74 -9.96 4.69
CA ALA A 18 4.34 -10.00 3.37
C ALA A 18 5.73 -9.38 3.41
N PHE A 19 5.83 -8.20 4.01
CA PHE A 19 7.09 -7.50 4.17
C PHE A 19 7.20 -6.96 5.60
N PRO A 20 7.89 -7.69 6.48
CA PRO A 20 7.98 -7.33 7.91
C PRO A 20 8.74 -6.05 8.15
N GLU A 21 9.57 -5.66 7.19
CA GLU A 21 10.35 -4.44 7.30
C GLU A 21 9.75 -3.34 6.42
N ALA A 22 8.53 -3.55 5.98
CA ALA A 22 7.82 -2.53 5.23
C ALA A 22 6.95 -1.71 6.15
N GLU A 23 7.07 -0.39 6.06
CA GLU A 23 6.31 0.51 6.90
C GLU A 23 4.99 0.85 6.21
N ILE A 24 3.90 0.64 6.94
CA ILE A 24 2.56 0.86 6.41
C ILE A 24 2.14 2.32 6.62
N THR A 25 2.03 3.07 5.55
CA THR A 25 1.52 4.43 5.65
C THR A 25 0.18 4.55 4.93
N VAL A 26 -0.90 4.63 5.69
CA VAL A 26 -2.22 4.76 5.10
C VAL A 26 -2.64 6.23 5.12
N THR A 27 -2.62 6.85 3.96
CA THR A 27 -2.92 8.26 3.86
C THR A 27 -4.26 8.48 3.15
N SER A 28 -4.95 9.53 3.56
CA SER A 28 -6.21 9.89 2.93
C SER A 28 -5.97 10.96 1.86
N LEU A 29 -6.63 10.80 0.72
CA LEU A 29 -6.49 11.76 -0.36
C LEU A 29 -7.11 13.10 0.05
N VAL A 30 -6.43 14.19 -0.30
CA VAL A 30 -6.92 15.52 0.03
C VAL A 30 -8.24 15.82 -0.67
N GLY A 31 -9.34 15.51 0.02
CA GLY A 31 -10.66 15.72 -0.55
C GLY A 31 -11.45 14.44 -0.65
N ASP A 32 -10.77 13.32 -0.46
CA ASP A 32 -11.40 12.01 -0.53
C ASP A 32 -11.24 11.26 0.79
N ASN A 33 -12.31 11.22 1.57
CA ASN A 33 -12.28 10.51 2.86
C ASN A 33 -12.61 9.04 2.65
N ASN A 34 -13.13 8.71 1.48
CA ASN A 34 -13.53 7.34 1.17
C ASN A 34 -12.35 6.58 0.58
N HIS A 35 -11.65 7.20 -0.36
CA HIS A 35 -10.52 6.57 -1.02
C HIS A 35 -9.25 6.77 -0.20
N TYR A 36 -8.58 5.67 0.12
CA TYR A 36 -7.32 5.72 0.85
C TYR A 36 -6.21 5.15 -0.01
N SER A 37 -4.99 5.61 0.24
CA SER A 37 -3.83 5.06 -0.43
C SER A 37 -2.87 4.49 0.60
N ILE A 38 -2.44 3.25 0.37
CA ILE A 38 -1.52 2.61 1.29
C ILE A 38 -0.11 2.69 0.74
N LYS A 39 0.65 3.61 1.31
CA LYS A 39 2.02 3.83 0.90
C LYS A 39 2.96 2.94 1.70
N VAL A 40 3.53 1.96 1.03
CA VAL A 40 4.40 0.99 1.66
C VAL A 40 5.87 1.39 1.48
N ILE A 41 6.60 1.49 2.57
CA ILE A 41 8.00 1.83 2.50
C ILE A 41 8.87 0.65 2.92
N SER A 42 9.87 0.36 2.10
CA SER A 42 10.76 -0.77 2.35
C SER A 42 12.03 -0.60 1.52
N SER A 43 13.13 -1.09 2.04
CA SER A 43 14.43 -0.99 1.38
C SER A 43 14.38 -1.61 -0.02
N GLN A 44 13.58 -2.65 -0.18
CA GLN A 44 13.46 -3.35 -1.46
C GLN A 44 12.79 -2.46 -2.52
N PHE A 45 12.17 -1.38 -2.07
CA PHE A 45 11.51 -0.45 -2.97
C PHE A 45 12.43 0.74 -3.28
N GLN A 46 13.57 0.80 -2.59
CA GLN A 46 14.52 1.90 -2.80
C GLN A 46 15.47 1.56 -3.92
N GLY A 47 15.65 2.50 -4.84
CA GLY A 47 16.50 2.29 -5.99
C GLY A 47 15.71 1.89 -7.22
N LYS A 48 14.52 1.36 -7.00
CA LYS A 48 13.64 0.95 -8.07
C LYS A 48 12.93 2.16 -8.66
N SER A 49 12.63 2.10 -9.95
CA SER A 49 11.81 3.11 -10.58
C SER A 49 10.34 2.74 -10.43
N LYS A 50 9.45 3.72 -10.55
CA LYS A 50 8.01 3.48 -10.36
C LYS A 50 7.49 2.33 -11.20
N LEU A 51 8.00 2.20 -12.42
CA LEU A 51 7.56 1.12 -13.30
C LEU A 51 7.82 -0.24 -12.64
N GLU A 52 9.05 -0.41 -12.15
CA GLU A 52 9.44 -1.62 -11.43
C GLU A 52 8.52 -1.84 -10.24
N GLN A 53 8.29 -0.76 -9.49
CA GLN A 53 7.40 -0.78 -8.34
C GLN A 53 6.02 -1.30 -8.74
N HIS A 54 5.49 -0.76 -9.84
CA HIS A 54 4.17 -1.16 -10.31
C HIS A 54 4.15 -2.63 -10.71
N ARG A 55 5.25 -3.10 -11.29
CA ARG A 55 5.35 -4.51 -11.67
C ARG A 55 5.26 -5.42 -10.45
N MET A 56 6.12 -5.19 -9.47
CA MET A 56 6.18 -6.07 -8.31
C MET A 56 4.91 -5.94 -7.46
N ILE A 57 4.36 -4.73 -7.41
CA ILE A 57 3.12 -4.50 -6.72
C ILE A 57 1.96 -5.23 -7.43
N TYR A 58 1.97 -5.17 -8.76
CA TYR A 58 0.94 -5.86 -9.52
C TYR A 58 1.08 -7.37 -9.38
N LYS A 59 2.30 -7.86 -9.22
CA LYS A 59 2.52 -9.29 -9.08
C LYS A 59 2.20 -9.78 -7.67
N VAL A 60 2.35 -8.91 -6.67
CA VAL A 60 1.93 -9.26 -5.32
C VAL A 60 0.41 -9.08 -5.16
N LEU A 61 -0.16 -8.24 -6.00
CA LEU A 61 -1.59 -8.05 -6.07
C LEU A 61 -2.13 -8.68 -7.36
N ASP A 62 -1.48 -9.76 -7.76
CA ASP A 62 -1.73 -10.40 -9.06
C ASP A 62 -3.11 -11.03 -9.12
N GLY A 63 -3.84 -10.72 -10.19
CA GLY A 63 -5.16 -11.27 -10.39
C GLY A 63 -6.20 -10.21 -10.65
N LEU A 64 -5.95 -9.01 -10.16
CA LEU A 64 -6.88 -7.91 -10.33
C LEU A 64 -6.43 -6.98 -11.45
N ASN A 65 -7.00 -5.77 -11.48
CA ASN A 65 -6.61 -4.78 -12.48
C ASN A 65 -5.21 -4.25 -12.21
N ILE A 66 -4.55 -3.77 -13.25
CA ILE A 66 -3.15 -3.35 -13.16
C ILE A 66 -3.04 -1.94 -12.56
N HIS A 67 -4.16 -1.30 -12.31
CA HIS A 67 -4.14 0.07 -11.80
C HIS A 67 -3.90 0.10 -10.30
N ALA A 68 -2.62 0.05 -9.92
CA ALA A 68 -2.22 0.09 -8.53
C ALA A 68 -2.34 1.50 -7.96
N ILE A 69 -3.48 1.78 -7.36
CA ILE A 69 -3.69 3.07 -6.68
C ILE A 69 -4.03 2.84 -5.21
N GLN A 70 -4.49 1.64 -4.89
CA GLN A 70 -4.83 1.28 -3.52
C GLN A 70 -3.56 1.15 -2.68
N ILE A 71 -2.46 0.88 -3.35
CA ILE A 71 -1.16 0.76 -2.72
C ILE A 71 -0.12 1.50 -3.56
N GLN A 72 0.72 2.29 -2.89
CA GLN A 72 1.66 3.15 -3.59
C GLN A 72 3.01 3.15 -2.85
N THR A 73 4.06 3.60 -3.52
CA THR A 73 5.38 3.62 -2.93
C THR A 73 6.09 4.96 -3.20
N GLY A 74 6.94 5.37 -2.28
CA GLY A 74 7.67 6.61 -2.43
C GLY A 74 6.91 7.80 -1.87
N CYS A 75 7.60 8.67 -1.18
CA CYS A 75 6.97 9.82 -0.53
C CYS A 75 7.36 11.12 -1.22
N LYS A 76 6.38 12.02 -1.33
CA LYS A 76 6.64 13.36 -1.81
C LYS A 76 5.58 14.30 -1.25
N PRO A 1 -11.92 -4.62 27.64
CA PRO A 1 -11.43 -3.23 27.71
C PRO A 1 -12.30 -2.33 26.85
N GLY A 2 -11.93 -1.06 26.75
CA GLY A 2 -12.67 -0.13 25.92
C GLY A 2 -12.47 -0.41 24.45
N SER A 3 -13.43 -1.14 23.87
CA SER A 3 -13.42 -1.56 22.47
C SER A 3 -12.10 -2.19 22.05
N MET A 4 -11.17 -1.36 21.55
CA MET A 4 -9.86 -1.80 21.07
C MET A 4 -9.96 -2.59 19.76
N THR A 5 -11.16 -2.99 19.41
CA THR A 5 -11.42 -3.61 18.13
C THR A 5 -11.25 -2.59 17.01
N VAL A 6 -10.20 -2.75 16.22
CA VAL A 6 -9.84 -1.75 15.22
C VAL A 6 -10.01 -2.29 13.81
N THR A 7 -10.51 -1.44 12.93
CA THR A 7 -10.67 -1.78 11.52
C THR A 7 -9.33 -1.64 10.80
N GLN A 8 -9.19 -2.31 9.64
CA GLN A 8 -7.99 -2.21 8.81
C GLN A 8 -6.85 -3.04 9.41
N SER A 9 -7.11 -3.71 10.52
CA SER A 9 -6.09 -4.50 11.20
C SER A 9 -5.64 -5.66 10.32
N GLN A 10 -6.59 -6.29 9.63
CA GLN A 10 -6.28 -7.40 8.72
C GLN A 10 -5.46 -6.89 7.54
N LEU A 11 -5.80 -5.69 7.05
CA LEU A 11 -5.06 -5.06 5.97
C LEU A 11 -3.61 -4.83 6.41
N GLU A 12 -3.44 -4.23 7.59
CA GLU A 12 -2.11 -3.98 8.14
C GLU A 12 -1.36 -5.29 8.30
N LEU A 13 -2.03 -6.30 8.85
CA LEU A 13 -1.45 -7.62 8.99
C LEU A 13 -0.98 -8.15 7.64
N LEU A 14 -1.86 -8.04 6.65
CA LEU A 14 -1.57 -8.56 5.31
C LEU A 14 -0.32 -7.90 4.72
N ILE A 15 -0.29 -6.57 4.76
CA ILE A 15 0.83 -5.82 4.19
C ILE A 15 2.12 -6.12 4.95
N ARG A 16 2.05 -6.18 6.27
CA ARG A 16 3.24 -6.40 7.09
C ARG A 16 3.71 -7.85 6.97
N ASN A 17 2.78 -8.76 6.72
CA ASN A 17 3.14 -10.17 6.57
C ASN A 17 3.71 -10.41 5.17
N ALA A 18 3.28 -9.60 4.21
CA ALA A 18 3.83 -9.66 2.86
C ALA A 18 5.19 -8.98 2.80
N PHE A 19 5.29 -7.80 3.38
CA PHE A 19 6.54 -7.05 3.41
C PHE A 19 7.05 -6.92 4.85
N PRO A 20 8.00 -7.78 5.24
CA PRO A 20 8.54 -7.79 6.61
C PRO A 20 9.52 -6.66 6.88
N GLU A 21 9.94 -5.95 5.82
CA GLU A 21 10.81 -4.80 6.00
C GLU A 21 10.08 -3.51 5.61
N ALA A 22 8.77 -3.50 5.81
CA ALA A 22 7.95 -2.38 5.42
C ALA A 22 7.35 -1.66 6.61
N GLU A 23 7.34 -0.34 6.54
CA GLU A 23 6.57 0.47 7.47
C GLU A 23 5.28 0.90 6.77
N ILE A 24 4.16 0.52 7.33
CA ILE A 24 2.87 0.76 6.72
C ILE A 24 2.32 2.12 7.15
N THR A 25 2.27 3.06 6.23
CA THR A 25 1.70 4.36 6.48
C THR A 25 0.39 4.51 5.72
N VAL A 26 -0.72 4.43 6.43
CA VAL A 26 -2.03 4.54 5.80
C VAL A 26 -2.44 6.00 5.69
N THR A 27 -2.81 6.41 4.49
CA THR A 27 -3.23 7.77 4.25
C THR A 27 -4.73 7.81 3.93
N SER A 28 -5.45 8.53 4.78
CA SER A 28 -6.89 8.65 4.64
C SER A 28 -7.24 9.91 3.85
N LEU A 29 -8.04 9.75 2.80
CA LEU A 29 -8.47 10.87 2.00
C LEU A 29 -9.75 11.47 2.57
N VAL A 30 -9.94 12.76 2.33
CA VAL A 30 -11.11 13.47 2.85
C VAL A 30 -12.41 12.79 2.42
N GLY A 31 -13.30 12.61 3.38
CA GLY A 31 -14.56 11.97 3.10
C GLY A 31 -14.76 10.71 3.93
N ASP A 32 -13.76 9.84 3.92
CA ASP A 32 -13.80 8.55 4.66
C ASP A 32 -14.79 7.56 4.05
N ASN A 33 -15.72 8.05 3.25
CA ASN A 33 -16.70 7.18 2.59
C ASN A 33 -16.00 6.32 1.55
N ASN A 34 -14.95 6.86 0.97
CA ASN A 34 -14.13 6.13 0.01
C ASN A 34 -13.15 5.24 0.75
N HIS A 35 -12.30 4.53 0.02
CA HIS A 35 -11.31 3.68 0.63
C HIS A 35 -10.04 4.46 0.94
N TYR A 36 -9.11 3.83 1.65
CA TYR A 36 -7.89 4.49 2.08
C TYR A 36 -6.73 4.05 1.21
N SER A 37 -5.63 4.80 1.24
CA SER A 37 -4.47 4.46 0.46
C SER A 37 -3.35 3.96 1.37
N ILE A 38 -2.57 3.00 0.88
CA ILE A 38 -1.50 2.42 1.66
C ILE A 38 -0.14 2.88 1.16
N LYS A 39 0.55 3.63 2.00
CA LYS A 39 1.90 4.06 1.68
C LYS A 39 2.88 3.13 2.36
N VAL A 40 3.53 2.30 1.56
CA VAL A 40 4.40 1.27 2.09
C VAL A 40 5.87 1.65 1.90
N ILE A 41 6.56 1.83 3.01
CA ILE A 41 7.98 2.16 2.96
C ILE A 41 8.82 0.90 3.07
N SER A 42 9.44 0.51 1.97
CA SER A 42 10.30 -0.66 1.95
C SER A 42 11.57 -0.35 1.14
N SER A 43 12.69 -0.94 1.58
CA SER A 43 13.97 -0.72 0.92
C SER A 43 13.92 -1.16 -0.55
N GLN A 44 13.02 -2.09 -0.87
CA GLN A 44 12.92 -2.63 -2.21
C GLN A 44 12.22 -1.64 -3.16
N PHE A 45 11.59 -0.61 -2.61
CA PHE A 45 10.86 0.36 -3.42
C PHE A 45 11.65 1.66 -3.57
N GLN A 46 12.76 1.77 -2.86
CA GLN A 46 13.55 3.00 -2.86
C GLN A 46 14.26 3.19 -4.20
N GLY A 47 13.89 4.26 -4.90
CA GLY A 47 14.54 4.57 -6.16
C GLY A 47 13.95 3.79 -7.33
N LYS A 48 12.76 3.24 -7.14
CA LYS A 48 12.11 2.48 -8.20
C LYS A 48 11.13 3.34 -8.98
N SER A 49 11.12 3.14 -10.30
CA SER A 49 10.19 3.84 -11.18
C SER A 49 8.85 3.12 -11.20
N LYS A 50 7.84 3.71 -11.85
CA LYS A 50 6.50 3.13 -11.85
C LYS A 50 6.46 1.79 -12.55
N LEU A 51 7.29 1.62 -13.57
CA LEU A 51 7.34 0.34 -14.27
C LEU A 51 7.75 -0.76 -13.30
N GLU A 52 8.81 -0.47 -12.54
CA GLU A 52 9.30 -1.39 -11.53
C GLU A 52 8.24 -1.60 -10.46
N GLN A 53 7.58 -0.52 -10.06
CA GLN A 53 6.46 -0.58 -9.12
C GLN A 53 5.37 -1.50 -9.66
N HIS A 54 5.03 -1.33 -10.94
CA HIS A 54 4.02 -2.17 -11.58
C HIS A 54 4.38 -3.64 -11.43
N ARG A 55 5.60 -3.99 -11.82
CA ARG A 55 6.08 -5.36 -11.68
C ARG A 55 5.93 -5.85 -10.24
N MET A 56 6.51 -5.09 -9.32
CA MET A 56 6.54 -5.49 -7.92
C MET A 56 5.15 -5.64 -7.34
N ILE A 57 4.33 -4.59 -7.48
CA ILE A 57 3.00 -4.59 -6.90
C ILE A 57 2.13 -5.71 -7.47
N TYR A 58 2.11 -5.82 -8.80
CA TYR A 58 1.26 -6.82 -9.43
C TYR A 58 1.75 -8.25 -9.15
N LYS A 59 3.05 -8.43 -9.00
CA LYS A 59 3.58 -9.75 -8.71
C LYS A 59 3.46 -10.12 -7.22
N VAL A 60 3.54 -9.12 -6.33
CA VAL A 60 3.44 -9.40 -4.91
C VAL A 60 1.97 -9.53 -4.48
N LEU A 61 1.09 -8.81 -5.16
CA LEU A 61 -0.34 -8.92 -4.89
C LEU A 61 -0.93 -10.06 -5.70
N ASP A 62 -0.15 -10.55 -6.67
CA ASP A 62 -0.52 -11.70 -7.52
C ASP A 62 -1.59 -11.33 -8.54
N GLY A 63 -2.69 -10.85 -8.04
CA GLY A 63 -3.82 -10.52 -8.86
C GLY A 63 -3.80 -9.10 -9.34
N LEU A 64 -3.62 -8.93 -10.64
CA LEU A 64 -3.62 -7.61 -11.26
C LEU A 64 -5.06 -7.10 -11.43
N ASN A 65 -6.02 -7.87 -10.92
CA ASN A 65 -7.43 -7.51 -10.97
C ASN A 65 -7.74 -6.42 -9.94
N ILE A 66 -6.85 -6.27 -8.96
CA ILE A 66 -7.03 -5.28 -7.90
C ILE A 66 -7.07 -3.86 -8.47
N HIS A 67 -7.84 -2.99 -7.84
CA HIS A 67 -7.96 -1.59 -8.25
C HIS A 67 -6.60 -0.92 -8.37
N ALA A 68 -5.69 -1.27 -7.46
CA ALA A 68 -4.25 -0.91 -7.55
C ALA A 68 -3.96 0.59 -7.33
N ILE A 69 -4.90 1.46 -7.69
CA ILE A 69 -4.65 2.91 -7.65
C ILE A 69 -4.63 3.48 -6.22
N GLN A 70 -4.32 2.62 -5.25
CA GLN A 70 -4.24 3.06 -3.86
C GLN A 70 -2.94 2.61 -3.23
N ILE A 71 -1.97 2.23 -4.07
CA ILE A 71 -0.65 1.85 -3.59
C ILE A 71 0.29 3.05 -3.70
N GLN A 72 0.94 3.39 -2.60
CA GLN A 72 1.97 4.42 -2.61
C GLN A 72 3.26 3.85 -2.05
N THR A 73 4.22 3.64 -2.94
CA THR A 73 5.47 3.03 -2.57
C THR A 73 6.64 3.77 -3.20
N GLY A 74 7.72 3.92 -2.45
CA GLY A 74 8.90 4.58 -3.00
C GLY A 74 9.58 5.48 -2.00
N CYS A 75 9.93 6.68 -2.45
CA CYS A 75 10.76 7.59 -1.66
C CYS A 75 9.91 8.71 -1.04
N LYS A 76 10.34 9.17 0.13
CA LYS A 76 9.69 10.28 0.81
C LYS A 76 10.66 10.90 1.82
N PRO A 1 -20.06 4.99 8.62
CA PRO A 1 -19.59 5.62 9.88
C PRO A 1 -18.12 5.29 10.12
N GLY A 2 -17.52 5.96 11.09
CA GLY A 2 -16.14 5.68 11.44
C GLY A 2 -15.30 6.93 11.52
N SER A 3 -15.25 7.53 12.70
CA SER A 3 -14.39 8.69 12.93
C SER A 3 -12.93 8.27 12.75
N MET A 4 -12.51 7.28 13.51
CA MET A 4 -11.21 6.66 13.29
C MET A 4 -11.35 5.52 12.31
N THR A 5 -10.64 5.61 11.20
CA THR A 5 -10.72 4.60 10.17
C THR A 5 -10.06 3.30 10.62
N VAL A 6 -10.71 2.19 10.32
CA VAL A 6 -10.21 0.88 10.71
C VAL A 6 -9.25 0.37 9.64
N THR A 7 -8.18 -0.29 10.06
CA THR A 7 -7.20 -0.81 9.14
C THR A 7 -7.65 -2.17 8.59
N GLN A 8 -7.10 -2.56 7.45
CA GLN A 8 -7.47 -3.81 6.82
C GLN A 8 -6.48 -4.90 7.21
N SER A 9 -6.96 -5.85 8.01
CA SER A 9 -6.13 -6.88 8.60
C SER A 9 -5.27 -7.59 7.55
N GLN A 10 -5.91 -8.09 6.49
CA GLN A 10 -5.23 -8.88 5.48
C GLN A 10 -4.08 -8.11 4.83
N LEU A 11 -4.37 -6.89 4.38
CA LEU A 11 -3.39 -6.07 3.69
C LEU A 11 -2.23 -5.71 4.62
N GLU A 12 -2.55 -5.28 5.83
CA GLU A 12 -1.51 -4.89 6.78
C GLU A 12 -0.70 -6.12 7.20
N LEU A 13 -1.40 -7.22 7.46
CA LEU A 13 -0.75 -8.48 7.82
C LEU A 13 0.22 -8.90 6.73
N LEU A 14 -0.17 -8.68 5.49
CA LEU A 14 0.69 -9.01 4.35
C LEU A 14 2.00 -8.23 4.45
N ILE A 15 1.89 -6.93 4.65
CA ILE A 15 3.06 -6.06 4.75
C ILE A 15 3.87 -6.39 6.01
N ARG A 16 3.18 -6.70 7.11
CA ARG A 16 3.84 -7.05 8.37
C ARG A 16 4.67 -8.32 8.24
N ASN A 17 4.17 -9.26 7.45
CA ASN A 17 4.89 -10.51 7.21
C ASN A 17 6.04 -10.29 6.25
N ALA A 18 5.80 -9.50 5.21
CA ALA A 18 6.83 -9.22 4.21
C ALA A 18 7.93 -8.34 4.79
N PHE A 19 7.54 -7.22 5.38
CA PHE A 19 8.49 -6.28 5.96
C PHE A 19 7.95 -5.78 7.30
N PRO A 20 8.35 -6.44 8.40
CA PRO A 20 7.88 -6.06 9.75
C PRO A 20 8.34 -4.66 10.14
N GLU A 21 9.45 -4.23 9.56
CA GLU A 21 10.05 -2.94 9.89
C GLU A 21 9.62 -1.86 8.90
N ALA A 22 8.62 -2.16 8.08
CA ALA A 22 8.13 -1.21 7.10
C ALA A 22 7.11 -0.27 7.73
N GLU A 23 7.14 0.98 7.31
CA GLU A 23 6.18 1.96 7.81
C GLU A 23 4.87 1.82 7.06
N ILE A 24 3.85 1.35 7.75
CA ILE A 24 2.54 1.17 7.15
C ILE A 24 1.63 2.31 7.55
N THR A 25 1.29 3.15 6.60
CA THR A 25 0.42 4.28 6.86
C THR A 25 -0.79 4.25 5.96
N VAL A 26 -1.95 4.03 6.55
CA VAL A 26 -3.20 4.02 5.79
C VAL A 26 -3.71 5.43 5.59
N THR A 27 -3.73 5.87 4.35
CA THR A 27 -4.13 7.23 4.03
C THR A 27 -5.62 7.26 3.69
N SER A 28 -6.40 7.76 4.61
CA SER A 28 -7.84 7.84 4.45
C SER A 28 -8.24 9.17 3.84
N LEU A 29 -8.51 9.15 2.54
CA LEU A 29 -8.96 10.33 1.82
C LEU A 29 -10.08 9.93 0.88
N VAL A 30 -11.08 10.79 0.75
CA VAL A 30 -12.21 10.49 -0.11
C VAL A 30 -13.07 11.73 -0.35
N GLY A 31 -13.09 12.17 -1.60
CA GLY A 31 -14.04 13.18 -2.02
C GLY A 31 -15.02 12.59 -3.00
N ASP A 32 -14.48 11.97 -4.03
CA ASP A 32 -15.26 11.18 -4.96
C ASP A 32 -15.19 9.72 -4.52
N ASN A 33 -16.23 8.94 -4.77
CA ASN A 33 -16.29 7.56 -4.28
C ASN A 33 -15.21 6.69 -4.90
N ASN A 34 -14.16 6.46 -4.13
CA ASN A 34 -13.04 5.64 -4.58
C ASN A 34 -12.49 4.86 -3.38
N HIS A 35 -11.33 4.23 -3.56
CA HIS A 35 -10.70 3.49 -2.48
C HIS A 35 -9.76 4.40 -1.70
N TYR A 36 -9.06 3.83 -0.73
CA TYR A 36 -8.15 4.61 0.10
C TYR A 36 -6.70 4.37 -0.33
N SER A 37 -5.79 5.19 0.17
CA SER A 37 -4.41 5.12 -0.27
C SER A 37 -3.55 4.37 0.73
N ILE A 38 -2.78 3.42 0.25
CA ILE A 38 -1.87 2.66 1.09
C ILE A 38 -0.45 3.20 0.96
N LYS A 39 0.00 3.93 1.98
CA LYS A 39 1.35 4.48 1.95
C LYS A 39 2.30 3.53 2.67
N VAL A 40 3.21 2.94 1.91
CA VAL A 40 4.17 1.99 2.46
C VAL A 40 5.59 2.49 2.27
N ILE A 41 6.25 2.80 3.38
CA ILE A 41 7.63 3.25 3.34
C ILE A 41 8.56 2.10 3.69
N SER A 42 9.31 1.65 2.69
CA SER A 42 10.27 0.59 2.89
C SER A 42 11.50 0.85 2.03
N SER A 43 12.67 0.85 2.66
CA SER A 43 13.92 1.11 1.97
C SER A 43 14.24 0.03 0.93
N GLN A 44 13.46 -1.05 0.97
CA GLN A 44 13.64 -2.15 0.03
C GLN A 44 12.84 -1.93 -1.26
N PHE A 45 12.09 -0.83 -1.33
CA PHE A 45 11.36 -0.49 -2.55
C PHE A 45 12.29 0.17 -3.56
N GLN A 46 13.48 0.52 -3.08
CA GLN A 46 14.51 1.10 -3.92
C GLN A 46 15.50 0.02 -4.33
N GLY A 47 16.00 0.10 -5.55
CA GLY A 47 16.91 -0.91 -6.05
C GLY A 47 16.21 -1.92 -6.92
N LYS A 48 14.88 -1.82 -6.99
CA LYS A 48 14.12 -2.64 -7.90
C LYS A 48 13.73 -1.83 -9.12
N SER A 49 13.75 -2.47 -10.27
CA SER A 49 13.44 -1.82 -11.53
C SER A 49 12.01 -1.28 -11.54
N LYS A 50 11.76 -0.29 -12.40
CA LYS A 50 10.46 0.33 -12.52
C LYS A 50 9.38 -0.72 -12.77
N LEU A 51 9.68 -1.65 -13.68
CA LEU A 51 8.76 -2.72 -14.01
C LEU A 51 8.46 -3.59 -12.79
N GLU A 52 9.49 -3.90 -12.02
CA GLU A 52 9.36 -4.76 -10.84
C GLU A 52 8.50 -4.08 -9.78
N GLN A 53 8.68 -2.77 -9.64
CA GLN A 53 7.85 -1.98 -8.73
C GLN A 53 6.38 -2.06 -9.18
N HIS A 54 6.14 -1.87 -10.47
CA HIS A 54 4.80 -1.99 -11.02
C HIS A 54 4.28 -3.40 -10.86
N ARG A 55 5.20 -4.36 -10.97
CA ARG A 55 4.85 -5.77 -10.87
C ARG A 55 4.30 -6.11 -9.49
N MET A 56 5.02 -5.69 -8.44
CA MET A 56 4.58 -5.97 -7.08
C MET A 56 3.35 -5.15 -6.72
N ILE A 57 3.24 -3.94 -7.27
CA ILE A 57 2.03 -3.15 -7.09
C ILE A 57 0.85 -3.86 -7.75
N TYR A 58 1.08 -4.39 -8.94
CA TYR A 58 0.09 -5.17 -9.66
C TYR A 58 -0.31 -6.41 -8.86
N LYS A 59 0.64 -7.02 -8.17
CA LYS A 59 0.33 -8.20 -7.37
C LYS A 59 -0.52 -7.84 -6.15
N VAL A 60 -0.14 -6.80 -5.42
CA VAL A 60 -0.81 -6.47 -4.17
C VAL A 60 -2.20 -5.86 -4.38
N LEU A 61 -2.35 -5.05 -5.43
CA LEU A 61 -3.62 -4.36 -5.65
C LEU A 61 -4.41 -4.96 -6.82
N ASP A 62 -3.72 -5.69 -7.69
CA ASP A 62 -4.30 -6.17 -8.95
C ASP A 62 -4.83 -4.98 -9.73
N GLY A 63 -3.91 -4.22 -10.32
CA GLY A 63 -4.29 -3.00 -10.97
C GLY A 63 -3.74 -2.87 -12.37
N LEU A 64 -4.53 -3.30 -13.34
CA LEU A 64 -4.21 -3.04 -14.74
C LEU A 64 -4.71 -1.64 -15.11
N ASN A 65 -5.34 -1.00 -14.14
CA ASN A 65 -5.77 0.38 -14.26
C ASN A 65 -4.65 1.29 -13.74
N ILE A 66 -3.98 1.95 -14.67
CA ILE A 66 -2.81 2.76 -14.33
C ILE A 66 -3.20 4.06 -13.60
N HIS A 67 -3.33 3.95 -12.28
CA HIS A 67 -3.61 5.10 -11.43
C HIS A 67 -2.96 4.91 -10.06
N ALA A 68 -1.79 5.52 -9.89
CA ALA A 68 -1.07 5.42 -8.62
C ALA A 68 -1.66 6.36 -7.59
N ILE A 69 -2.83 6.01 -7.09
CA ILE A 69 -3.48 6.81 -6.06
C ILE A 69 -3.86 5.92 -4.86
N GLN A 70 -4.19 4.66 -5.15
CA GLN A 70 -4.54 3.70 -4.11
C GLN A 70 -3.28 3.17 -3.44
N ILE A 71 -2.14 3.39 -4.08
CA ILE A 71 -0.86 2.97 -3.56
C ILE A 71 0.11 4.14 -3.52
N GLN A 72 0.81 4.30 -2.41
CA GLN A 72 1.79 5.36 -2.27
C GLN A 72 3.13 4.80 -1.82
N THR A 73 4.08 4.80 -2.73
CA THR A 73 5.42 4.30 -2.45
C THR A 73 6.45 5.17 -3.15
N GLY A 74 7.34 5.78 -2.39
CA GLY A 74 8.37 6.61 -2.97
C GLY A 74 9.20 7.29 -1.91
N CYS A 75 10.13 8.14 -2.34
CA CYS A 75 11.00 8.84 -1.41
C CYS A 75 10.96 10.35 -1.68
N LYS A 76 10.60 11.12 -0.66
CA LYS A 76 10.51 12.56 -0.78
C LYS A 76 10.87 13.22 0.54
#